data_8YM6
#
_entry.id   8YM6
#
_cell.length_a   150.311
_cell.length_b   158.640
_cell.length_c   353.286
_cell.angle_alpha   90.000
_cell.angle_beta   90.000
_cell.angle_gamma   90.000
#
_symmetry.space_group_name_H-M   'I 2 2 2'
#
loop_
_entity.id
_entity.type
_entity.pdbx_description
1 polymer 'Caspase-8 subunit p10'
2 polymer 'CASP8 and FADD-like apoptosis regulator subunit p43'
#
loop_
_entity_poly.entity_id
_entity_poly.type
_entity_poly.pdbx_seq_one_letter_code
_entity_poly.pdbx_strand_id
1 'polypeptide(L)'
;MDFSRNLYDIGEQLDSEDLASLKFLSLDYIPQRKQEPIKDALMLFQRLQEKRMLEESNLSFLKELLFRINRLDLLITYLN
TRKEEMERELQTPGRAQISAYRVMLYQISEEVSRSELRSFKGGLQEEISKCKLDDDMNLLDIFIEMEKRVILGEGKLDIL
KRVCAQINKSLLKIINDYEEFSKER
;
C,B,A,D
2 'polypeptide(L)'
;GSHMSAEVIHQVEEALDTDEKEMLLFLCRDVAIDVVPPNVRDLLDILRERGKLSVGDLAELLYRVRRFDLLKRILKMDRK
AVETHLLRNPHLVSDYRVLMAEIGEDLDKSDVSSLIFLMKDYMGRGKISKEKSFLDLVVELEKLNLVAPDQLDLLEKCLK
NIHRIDLKTKIQKYKQSVQGAGTS
;
H,G,F,K,I,J,M,O,N
#
# COMPACT_ATOMS: atom_id res chain seq x y z
N ASP A 2 -9.93 10.47 45.20
CA ASP A 2 -10.83 10.94 46.24
C ASP A 2 -12.14 11.44 45.63
N PHE A 3 -12.04 12.52 44.84
CA PHE A 3 -13.23 13.09 44.22
C PHE A 3 -13.91 12.08 43.30
N SER A 4 -13.13 11.37 42.49
CA SER A 4 -13.71 10.38 41.58
C SER A 4 -14.32 9.21 42.34
N ARG A 5 -13.65 8.78 43.42
CA ARG A 5 -14.22 7.71 44.24
C ARG A 5 -15.54 8.15 44.85
N ASN A 6 -15.65 9.42 45.23
CA ASN A 6 -16.91 9.94 45.77
C ASN A 6 -18.03 9.86 44.73
N LEU A 7 -17.72 10.23 43.49
CA LEU A 7 -18.72 10.15 42.43
C LEU A 7 -19.11 8.71 42.14
N TYR A 8 -18.14 7.80 42.16
CA TYR A 8 -18.46 6.38 41.95
C TYR A 8 -19.35 5.85 43.06
N ASP A 9 -19.08 6.23 44.31
CA ASP A 9 -19.89 5.79 45.43
C ASP A 9 -21.31 6.36 45.34
N ILE A 10 -21.44 7.64 44.97
CA ILE A 10 -22.77 8.21 44.78
C ILE A 10 -23.51 7.47 43.67
N GLY A 11 -22.81 7.12 42.60
CA GLY A 11 -23.44 6.40 41.51
C GLY A 11 -23.87 5.00 41.87
N GLU A 12 -23.10 4.32 42.72
CA GLU A 12 -23.46 2.96 43.10
C GLU A 12 -24.73 2.89 43.93
N GLN A 13 -25.24 4.02 44.41
CA GLN A 13 -26.47 4.04 45.19
C GLN A 13 -27.69 4.43 44.36
N LEU A 14 -27.48 4.83 43.10
CA LEU A 14 -28.55 5.23 42.21
C LEU A 14 -28.94 4.06 41.31
N ASP A 15 -30.22 3.73 41.29
CA ASP A 15 -30.72 2.66 40.46
C ASP A 15 -31.15 3.22 39.11
N SER A 16 -31.75 2.38 38.26
CA SER A 16 -32.13 2.83 36.93
C SER A 16 -33.21 3.89 36.98
N GLU A 17 -34.11 3.82 37.96
CA GLU A 17 -35.16 4.83 38.09
C GLU A 17 -34.58 6.18 38.48
N ASP A 18 -33.64 6.19 39.43
CA ASP A 18 -32.97 7.44 39.78
C ASP A 18 -32.22 8.01 38.58
N LEU A 19 -31.63 7.14 37.75
CA LEU A 19 -30.93 7.61 36.57
C LEU A 19 -31.89 8.22 35.56
N ALA A 20 -33.04 7.59 35.35
CA ALA A 20 -34.04 8.16 34.46
C ALA A 20 -34.53 9.52 34.97
N SER A 21 -34.77 9.62 36.28
CA SER A 21 -35.18 10.91 36.85
C SER A 21 -34.11 11.97 36.66
N LEU A 22 -32.85 11.62 36.92
CA LEU A 22 -31.76 12.57 36.75
C LEU A 22 -31.62 13.01 35.31
N LYS A 23 -31.74 12.07 34.36
CA LYS A 23 -31.65 12.42 32.95
C LYS A 23 -32.80 13.32 32.52
N PHE A 24 -33.99 13.10 33.08
CA PHE A 24 -35.11 13.99 32.77
C PHE A 24 -34.86 15.39 33.32
N LEU A 25 -34.35 15.47 34.55
CA LEU A 25 -34.03 16.78 35.13
C LEU A 25 -32.91 17.48 34.38
N SER A 26 -32.09 16.74 33.62
CA SER A 26 -30.98 17.31 32.88
C SER A 26 -31.26 17.43 31.39
N LEU A 27 -32.52 17.29 30.97
CA LEU A 27 -32.85 17.38 29.55
C LEU A 27 -32.53 18.76 28.98
N ASP A 28 -32.57 19.80 29.82
CA ASP A 28 -32.32 21.16 29.37
C ASP A 28 -30.84 21.45 29.16
N TYR A 29 -29.95 20.51 29.48
CA TYR A 29 -28.52 20.74 29.31
C TYR A 29 -27.84 19.65 28.49
N ILE A 30 -28.40 18.45 28.48
CA ILE A 30 -27.86 17.34 27.70
C ILE A 30 -28.91 16.91 26.68
N PRO A 31 -28.66 17.10 25.39
CA PRO A 31 -29.70 16.85 24.38
C PRO A 31 -30.02 15.36 24.26
N GLN A 32 -31.07 15.10 23.47
CA GLN A 32 -31.61 13.75 23.36
C GLN A 32 -30.57 12.74 22.89
N ARG A 33 -29.86 13.07 21.81
CA ARG A 33 -28.90 12.12 21.24
C ARG A 33 -27.81 11.75 22.24
N LYS A 34 -27.30 12.73 22.98
CA LYS A 34 -26.29 12.45 23.99
C LYS A 34 -26.86 11.76 25.22
N GLN A 35 -28.16 11.95 25.48
CA GLN A 35 -28.78 11.29 26.63
C GLN A 35 -29.09 9.83 26.35
N GLU A 36 -29.29 9.48 25.08
CA GLU A 36 -29.68 8.13 24.71
C GLU A 36 -28.73 7.05 25.23
N PRO A 37 -27.40 7.14 25.05
CA PRO A 37 -26.53 6.05 25.52
C PRO A 37 -26.19 6.08 27.00
N ILE A 38 -26.76 7.00 27.77
CA ILE A 38 -26.47 7.08 29.21
C ILE A 38 -27.26 5.98 29.90
N LYS A 39 -26.55 4.93 30.33
CA LYS A 39 -27.17 3.78 30.97
C LYS A 39 -26.76 3.60 32.42
N ASP A 40 -25.86 4.44 32.94
CA ASP A 40 -25.51 4.40 34.35
C ASP A 40 -25.20 5.82 34.81
N ALA A 41 -25.06 5.98 36.13
CA ALA A 41 -24.86 7.31 36.71
C ALA A 41 -23.49 7.88 36.34
N LEU A 42 -22.47 7.02 36.20
CA LEU A 42 -21.13 7.51 35.90
C LEU A 42 -21.08 8.18 34.53
N MET A 43 -21.86 7.70 33.57
CA MET A 43 -21.89 8.32 32.25
C MET A 43 -22.52 9.71 32.31
N LEU A 44 -23.60 9.86 33.08
CA LEU A 44 -24.17 11.18 33.28
C LEU A 44 -23.18 12.11 33.98
N PHE A 45 -22.46 11.59 34.97
CA PHE A 45 -21.43 12.39 35.64
C PHE A 45 -20.35 12.82 34.65
N GLN A 46 -19.97 11.93 33.74
CA GLN A 46 -18.94 12.26 32.76
C GLN A 46 -19.42 13.34 31.80
N ARG A 47 -20.62 13.15 31.23
CA ARG A 47 -21.15 14.16 30.31
C ARG A 47 -21.41 15.48 31.01
N LEU A 48 -21.64 15.45 32.32
CA LEU A 48 -21.78 16.69 33.08
C LEU A 48 -20.42 17.34 33.31
N GLN A 49 -19.39 16.54 33.60
CA GLN A 49 -18.04 17.08 33.74
C GLN A 49 -17.57 17.74 32.45
N GLU A 50 -17.93 17.17 31.30
CA GLU A 50 -17.54 17.77 30.04
C GLU A 50 -18.15 19.14 29.84
N LYS A 51 -19.33 19.38 30.42
CA LYS A 51 -19.98 20.68 30.36
C LYS A 51 -19.58 21.61 31.49
N ARG A 52 -18.61 21.21 32.33
CA ARG A 52 -18.09 21.98 33.45
C ARG A 52 -19.11 22.19 34.56
N MET A 53 -20.24 21.49 34.52
CA MET A 53 -21.24 21.59 35.58
C MET A 53 -20.98 20.65 36.74
N LEU A 54 -19.88 19.90 36.73
CA LEU A 54 -19.56 18.99 37.83
C LEU A 54 -18.04 18.89 37.90
N GLU A 55 -17.44 19.56 38.88
CA GLU A 55 -16.02 19.49 39.15
C GLU A 55 -15.80 19.52 40.65
N GLU A 56 -14.54 19.34 41.05
CA GLU A 56 -14.20 19.35 42.47
C GLU A 56 -14.54 20.67 43.15
N SER A 57 -14.68 21.76 42.39
CA SER A 57 -15.02 23.06 42.94
C SER A 57 -16.38 23.57 42.45
N ASN A 58 -17.24 22.68 41.98
CA ASN A 58 -18.58 23.05 41.53
C ASN A 58 -19.51 21.86 41.77
N LEU A 59 -19.87 21.64 43.03
CA LEU A 59 -20.82 20.60 43.39
C LEU A 59 -22.26 21.09 43.35
N SER A 60 -22.48 22.29 42.81
CA SER A 60 -23.80 22.91 42.87
C SER A 60 -24.84 22.09 42.12
N PHE A 61 -24.55 21.76 40.86
CA PHE A 61 -25.53 21.08 40.03
C PHE A 61 -25.77 19.65 40.51
N LEU A 62 -24.74 18.98 41.01
CA LEU A 62 -24.92 17.63 41.55
C LEU A 62 -25.80 17.65 42.79
N LYS A 63 -25.56 18.60 43.70
CA LYS A 63 -26.39 18.71 44.89
C LYS A 63 -27.82 19.05 44.53
N GLU A 64 -28.02 19.93 43.55
CA GLU A 64 -29.37 20.28 43.10
C GLU A 64 -30.08 19.07 42.51
N LEU A 65 -29.38 18.33 41.63
CA LEU A 65 -29.96 17.14 41.02
C LEU A 65 -30.36 16.12 42.08
N LEU A 66 -29.48 15.87 43.05
CA LEU A 66 -29.75 14.88 44.08
C LEU A 66 -30.88 15.33 45.00
N PHE A 67 -30.97 16.63 45.27
CA PHE A 67 -32.04 17.14 46.12
C PHE A 67 -33.39 17.04 45.42
N ARG A 68 -33.42 17.27 44.11
CA ARG A 68 -34.69 17.29 43.39
C ARG A 68 -35.30 15.90 43.24
N ILE A 69 -34.48 14.85 43.27
CA ILE A 69 -34.97 13.48 43.16
C ILE A 69 -35.14 12.88 44.55
N ASN A 70 -35.08 13.73 45.58
CA ASN A 70 -35.39 13.34 46.96
C ASN A 70 -34.44 12.27 47.49
N ARG A 71 -33.18 12.33 47.09
CA ARG A 71 -32.14 11.47 47.67
C ARG A 71 -31.36 12.22 48.75
N LEU A 72 -32.08 12.55 49.82
CA LEU A 72 -31.47 13.29 50.94
C LEU A 72 -30.39 12.47 51.62
N ASP A 73 -30.50 11.14 51.56
CA ASP A 73 -29.46 10.28 52.15
C ASP A 73 -28.12 10.51 51.47
N LEU A 74 -28.11 10.56 50.14
CA LEU A 74 -26.86 10.81 49.42
C LEU A 74 -26.30 12.20 49.71
N LEU A 75 -27.18 13.20 49.79
CA LEU A 75 -26.74 14.56 50.10
C LEU A 75 -26.08 14.63 51.46
N ILE A 76 -26.69 14.00 52.47
CA ILE A 76 -26.14 14.09 53.82
C ILE A 76 -24.89 13.22 53.95
N THR A 77 -24.82 12.11 53.23
CA THR A 77 -23.72 11.16 53.41
C THR A 77 -22.49 11.53 52.61
N TYR A 78 -22.64 11.71 51.29
CA TYR A 78 -21.49 11.81 50.40
C TYR A 78 -21.09 13.24 50.05
N LEU A 79 -22.02 14.19 50.10
CA LEU A 79 -21.71 15.57 49.80
C LEU A 79 -21.76 16.47 51.04
N ASN A 80 -22.10 15.90 52.20
CA ASN A 80 -22.10 16.61 53.48
C ASN A 80 -22.94 17.89 53.40
N THR A 81 -24.20 17.71 53.04
CA THR A 81 -25.11 18.82 52.84
C THR A 81 -26.46 18.45 53.41
N ARG A 82 -27.00 19.34 54.25
CA ARG A 82 -28.28 19.10 54.90
C ARG A 82 -29.43 19.66 54.07
N LYS A 83 -30.65 19.23 54.42
CA LYS A 83 -31.83 19.63 53.67
C LYS A 83 -32.09 21.13 53.76
N GLU A 84 -31.92 21.71 54.94
CA GLU A 84 -32.16 23.15 55.10
C GLU A 84 -31.16 23.95 54.26
N GLU A 85 -29.91 23.50 54.23
CA GLU A 85 -28.90 24.16 53.39
C GLU A 85 -29.32 24.14 51.93
N MET A 86 -29.82 23.01 51.44
CA MET A 86 -30.24 22.92 50.04
C MET A 86 -31.46 23.79 49.77
N GLU A 87 -32.38 23.86 50.72
CA GLU A 87 -33.54 24.75 50.55
C GLU A 87 -33.10 26.20 50.44
N ARG A 88 -32.22 26.64 51.36
CA ARG A 88 -31.74 28.02 51.31
C ARG A 88 -30.93 28.29 50.05
N GLU A 89 -30.19 27.29 49.56
CA GLU A 89 -29.38 27.48 48.35
C GLU A 89 -30.26 27.60 47.12
N LEU A 90 -31.19 26.65 46.93
CA LEU A 90 -32.01 26.63 45.74
C LEU A 90 -33.08 27.72 45.76
N GLN A 91 -33.37 28.27 46.93
CA GLN A 91 -34.36 29.34 47.04
C GLN A 91 -33.74 30.72 46.95
N THR A 92 -32.43 30.80 46.72
CA THR A 92 -31.75 32.05 46.42
C THR A 92 -31.88 32.36 44.92
N PRO A 93 -32.21 33.59 44.54
CA PRO A 93 -32.45 33.89 43.11
C PRO A 93 -31.19 33.71 42.29
N GLY A 94 -31.27 32.79 41.32
CA GLY A 94 -30.22 32.58 40.35
C GLY A 94 -29.44 31.29 40.54
N ARG A 95 -29.38 30.78 41.77
CA ARG A 95 -28.59 29.59 42.06
C ARG A 95 -29.28 28.30 41.64
N ALA A 96 -30.58 28.33 41.37
CA ALA A 96 -31.29 27.14 40.89
C ALA A 96 -30.97 26.95 39.42
N GLN A 97 -30.25 25.86 39.11
CA GLN A 97 -29.83 25.59 37.75
C GLN A 97 -30.87 24.83 36.94
N ILE A 98 -31.76 24.08 37.58
CA ILE A 98 -32.87 23.44 36.90
C ILE A 98 -34.02 24.42 36.85
N SER A 99 -34.77 24.41 35.75
CA SER A 99 -35.88 25.32 35.56
C SER A 99 -37.09 24.89 36.40
N ALA A 100 -37.89 25.88 36.79
CA ALA A 100 -39.09 25.57 37.58
C ALA A 100 -40.06 24.69 36.81
N TYR A 101 -40.08 24.81 35.49
CA TYR A 101 -40.93 23.95 34.67
C TYR A 101 -40.50 22.49 34.81
N ARG A 102 -39.20 22.23 34.77
CA ARG A 102 -38.73 20.86 34.92
C ARG A 102 -39.05 20.31 36.30
N VAL A 103 -38.87 21.12 37.36
CA VAL A 103 -39.14 20.64 38.70
C VAL A 103 -40.63 20.39 38.90
N MET A 104 -41.49 21.23 38.32
CA MET A 104 -42.92 20.98 38.44
C MET A 104 -43.33 19.72 37.70
N LEU A 105 -42.71 19.46 36.54
CA LEU A 105 -43.01 18.22 35.83
C LEU A 105 -42.57 17.01 36.64
N TYR A 106 -41.38 17.07 37.26
CA TYR A 106 -40.95 15.93 38.06
C TYR A 106 -41.85 15.73 39.28
N GLN A 107 -42.22 16.82 39.95
CA GLN A 107 -43.09 16.69 41.13
C GLN A 107 -44.46 16.18 40.77
N ILE A 108 -45.01 16.62 39.63
CA ILE A 108 -46.31 16.12 39.19
C ILE A 108 -46.19 14.66 38.78
N SER A 109 -45.02 14.23 38.29
CA SER A 109 -44.81 12.82 38.01
C SER A 109 -44.75 12.01 39.30
N GLU A 110 -44.23 12.62 40.38
CA GLU A 110 -44.14 11.95 41.66
C GLU A 110 -45.50 11.76 42.32
N GLU A 111 -46.53 12.47 41.86
CA GLU A 111 -47.85 12.43 42.50
C GLU A 111 -48.87 11.64 41.69
N VAL A 112 -48.44 10.91 40.66
CA VAL A 112 -49.34 10.16 39.80
C VAL A 112 -49.06 8.68 39.99
N SER A 113 -50.05 7.92 40.44
CA SER A 113 -49.90 6.49 40.67
C SER A 113 -50.06 5.73 39.36
N ARG A 114 -50.11 4.40 39.44
CA ARG A 114 -50.23 3.56 38.25
C ARG A 114 -51.57 3.76 37.57
N SER A 115 -52.66 3.64 38.33
CA SER A 115 -53.98 3.82 37.74
C SER A 115 -54.17 5.23 37.21
N GLU A 116 -53.65 6.23 37.96
CA GLU A 116 -53.69 7.60 37.46
C GLU A 116 -52.87 7.78 36.21
N LEU A 117 -51.75 7.05 36.08
CA LEU A 117 -50.96 7.11 34.85
C LEU A 117 -51.71 6.49 33.68
N ARG A 118 -52.42 5.39 33.91
CA ARG A 118 -53.20 4.76 32.86
C ARG A 118 -54.33 5.68 32.41
N SER A 119 -55.01 6.33 33.37
CA SER A 119 -56.03 7.31 33.02
C SER A 119 -55.43 8.50 32.28
N PHE A 120 -54.21 8.91 32.66
CA PHE A 120 -53.52 9.98 31.96
C PHE A 120 -53.25 9.61 30.51
N LYS A 121 -52.78 8.38 30.28
CA LYS A 121 -52.58 7.91 28.91
C LYS A 121 -53.90 7.89 28.15
N GLY A 122 -54.97 7.50 28.82
CA GLY A 122 -56.28 7.55 28.18
C GLY A 122 -56.69 8.96 27.80
N GLY A 123 -56.32 9.94 28.62
CA GLY A 123 -56.71 11.32 28.34
C GLY A 123 -56.04 11.90 27.11
N LEU A 124 -54.81 11.48 26.82
CA LEU A 124 -54.06 11.98 25.67
C LEU A 124 -54.17 11.07 24.46
N GLN A 125 -55.25 10.29 24.38
CA GLN A 125 -55.40 9.32 23.30
C GLN A 125 -55.53 9.99 21.93
N GLU A 126 -56.00 11.24 21.90
CA GLU A 126 -56.29 11.93 20.65
C GLU A 126 -55.18 12.87 20.19
N GLU A 127 -54.23 13.23 21.05
CA GLU A 127 -53.18 14.18 20.69
C GLU A 127 -51.79 13.57 20.66
N ILE A 128 -51.65 12.28 20.92
CA ILE A 128 -50.36 11.58 20.86
C ILE A 128 -50.57 10.25 20.16
N SER A 129 -49.61 9.88 19.32
CA SER A 129 -49.72 8.64 18.55
C SER A 129 -49.86 7.43 19.48
N LYS A 130 -50.50 6.38 18.94
CA LYS A 130 -50.86 5.23 19.76
C LYS A 130 -49.63 4.45 20.21
N CYS A 131 -48.65 4.27 19.31
CA CYS A 131 -47.48 3.47 19.66
C CYS A 131 -46.65 4.14 20.76
N LYS A 132 -46.67 5.46 20.83
CA LYS A 132 -45.99 6.19 21.90
C LYS A 132 -46.84 6.30 23.15
N LEU A 133 -47.94 5.56 23.22
CA LEU A 133 -48.80 5.48 24.40
C LEU A 133 -48.91 4.03 24.86
N ASP A 134 -47.78 3.32 24.86
CA ASP A 134 -47.75 1.91 25.23
C ASP A 134 -47.62 1.78 26.75
N ASP A 135 -47.92 0.58 27.24
CA ASP A 135 -47.93 0.34 28.68
C ASP A 135 -46.53 0.52 29.30
N ASP A 136 -45.48 0.34 28.51
CA ASP A 136 -44.12 0.38 29.01
C ASP A 136 -43.59 1.79 29.27
N MET A 137 -44.40 2.83 29.10
CA MET A 137 -43.93 4.20 29.26
C MET A 137 -44.46 4.84 30.53
N ASN A 138 -43.60 5.60 31.20
CA ASN A 138 -43.97 6.38 32.37
C ASN A 138 -44.36 7.81 31.96
N LEU A 139 -44.72 8.62 32.96
CA LEU A 139 -45.25 9.96 32.69
C LEU A 139 -44.19 10.91 32.16
N LEU A 140 -42.92 10.73 32.53
CA LEU A 140 -41.89 11.64 32.05
C LEU A 140 -41.69 11.49 30.54
N ASP A 141 -41.76 10.27 30.03
CA ASP A 141 -41.71 10.07 28.59
C ASP A 141 -42.91 10.70 27.90
N ILE A 142 -44.07 10.67 28.57
CA ILE A 142 -45.25 11.33 28.02
C ILE A 142 -45.05 12.84 27.96
N PHE A 143 -44.41 13.41 28.99
CA PHE A 143 -44.09 14.83 28.96
C PHE A 143 -43.13 15.15 27.82
N ILE A 144 -42.13 14.30 27.60
CA ILE A 144 -41.20 14.51 26.48
C ILE A 144 -41.96 14.51 25.16
N GLU A 145 -42.82 13.51 24.96
CA GLU A 145 -43.58 13.41 23.73
C GLU A 145 -44.55 14.58 23.56
N MET A 146 -45.06 15.10 24.68
CA MET A 146 -45.91 16.29 24.62
C MET A 146 -45.11 17.52 24.19
N GLU A 147 -43.90 17.68 24.73
CA GLU A 147 -43.05 18.78 24.31
C GLU A 147 -42.70 18.67 22.84
N LYS A 148 -42.56 17.44 22.32
CA LYS A 148 -42.23 17.27 20.92
C LYS A 148 -43.33 17.83 20.00
N ARG A 149 -44.58 17.85 20.46
CA ARG A 149 -45.69 18.36 19.67
C ARG A 149 -46.13 19.75 20.11
N VAL A 150 -45.28 20.46 20.87
CA VAL A 150 -45.49 21.82 21.36
C VAL A 150 -46.91 22.00 21.91
N ILE A 151 -47.43 20.94 22.55
CA ILE A 151 -48.66 21.04 23.33
C ILE A 151 -48.38 21.16 24.82
N LEU A 152 -47.12 21.06 25.23
CA LEU A 152 -46.71 21.22 26.61
C LEU A 152 -45.47 22.08 26.65
N GLY A 153 -45.44 23.04 27.57
CA GLY A 153 -44.32 23.96 27.64
C GLY A 153 -44.57 25.02 28.68
N GLU A 154 -43.58 25.89 28.82
CA GLU A 154 -43.65 26.96 29.83
C GLU A 154 -44.85 27.88 29.60
N GLY A 155 -45.27 28.04 28.36
CA GLY A 155 -46.40 28.90 28.06
C GLY A 155 -47.68 28.18 27.71
N LYS A 156 -47.59 26.87 27.48
CA LYS A 156 -48.74 26.05 27.06
C LYS A 156 -48.94 24.95 28.09
N LEU A 157 -49.59 25.30 29.20
CA LEU A 157 -49.92 24.36 30.25
C LEU A 157 -51.39 23.95 30.22
N ASP A 158 -52.15 24.40 29.21
CA ASP A 158 -53.60 24.21 29.23
C ASP A 158 -53.99 22.76 29.04
N ILE A 159 -53.32 22.04 28.14
CA ILE A 159 -53.65 20.64 27.93
C ILE A 159 -53.25 19.82 29.14
N LEU A 160 -52.07 20.12 29.71
CA LEU A 160 -51.68 19.49 30.96
C LEU A 160 -52.70 19.76 32.06
N LYS A 161 -53.17 21.00 32.17
CA LYS A 161 -54.16 21.32 33.20
C LYS A 161 -55.45 20.55 32.98
N ARG A 162 -55.89 20.43 31.73
CA ARG A 162 -57.10 19.66 31.44
C ARG A 162 -56.94 18.21 31.86
N VAL A 163 -55.84 17.57 31.45
CA VAL A 163 -55.65 16.16 31.78
C VAL A 163 -55.53 15.98 33.29
N CYS A 164 -54.82 16.89 33.96
CA CYS A 164 -54.66 16.77 35.41
C CYS A 164 -55.98 16.94 36.13
N ALA A 165 -56.81 17.89 35.70
CA ALA A 165 -58.14 18.03 36.29
C ALA A 165 -58.97 16.79 36.03
N GLN A 166 -58.75 16.11 34.90
CA GLN A 166 -59.35 14.79 34.71
C GLN A 166 -58.82 13.79 35.75
N ILE A 167 -57.56 13.94 36.16
CA ILE A 167 -56.94 12.95 37.04
C ILE A 167 -57.21 13.28 38.51
N ASN A 168 -56.62 14.37 39.01
CA ASN A 168 -56.63 14.66 40.43
C ASN A 168 -56.52 16.17 40.62
N LYS A 169 -56.90 16.63 41.82
CA LYS A 169 -56.92 18.06 42.11
C LYS A 169 -55.58 18.58 42.59
N SER A 170 -54.82 17.76 43.34
CA SER A 170 -53.51 18.19 43.82
C SER A 170 -52.56 18.48 42.67
N LEU A 171 -52.73 17.80 41.53
CA LEU A 171 -51.91 18.09 40.36
C LEU A 171 -52.19 19.50 39.86
N LEU A 172 -53.47 19.88 39.77
CA LEU A 172 -53.83 21.25 39.42
C LEU A 172 -53.25 22.23 40.42
N LYS A 173 -53.27 21.86 41.70
CA LYS A 173 -52.68 22.73 42.72
C LYS A 173 -51.18 22.93 42.48
N ILE A 174 -50.47 21.85 42.15
CA ILE A 174 -49.03 21.95 41.87
C ILE A 174 -48.79 22.86 40.66
N ILE A 175 -49.58 22.68 39.60
CA ILE A 175 -49.42 23.52 38.42
C ILE A 175 -49.62 24.99 38.76
N ASN A 176 -50.71 25.29 39.48
CA ASN A 176 -51.00 26.68 39.82
C ASN A 176 -49.97 27.26 40.79
N ASP A 177 -49.42 26.42 41.69
CA ASP A 177 -48.36 26.88 42.59
C ASP A 177 -47.10 27.20 41.80
N TYR A 178 -46.81 26.43 40.75
CA TYR A 178 -45.73 26.80 39.84
C TYR A 178 -46.03 28.13 39.17
N GLU A 179 -47.30 28.38 38.81
CA GLU A 179 -47.65 29.55 38.04
C GLU A 179 -47.12 30.83 38.68
N GLU A 180 -47.25 30.95 40.00
CA GLU A 180 -46.74 32.09 40.75
C GLU A 180 -47.23 33.44 40.19
N ASP B 2 -25.01 30.17 12.27
CA ASP B 2 -24.45 29.44 11.14
C ASP B 2 -25.36 28.27 10.75
N PHE B 3 -25.48 28.03 9.44
CA PHE B 3 -26.34 26.96 8.96
C PHE B 3 -25.86 25.59 9.43
N SER B 4 -24.54 25.35 9.36
CA SER B 4 -24.00 24.06 9.79
C SER B 4 -24.16 23.86 11.30
N ARG B 5 -23.92 24.91 12.09
CA ARG B 5 -24.14 24.79 13.52
C ARG B 5 -25.60 24.50 13.83
N ASN B 6 -26.52 25.13 13.09
CA ASN B 6 -27.94 24.86 13.28
C ASN B 6 -28.29 23.42 12.94
N LEU B 7 -27.73 22.90 11.85
CA LEU B 7 -27.97 21.50 11.49
C LEU B 7 -27.41 20.57 12.54
N TYR B 8 -26.22 20.88 13.08
CA TYR B 8 -25.65 20.06 14.14
C TYR B 8 -26.52 20.07 15.38
N ASP B 9 -27.06 21.24 15.75
CA ASP B 9 -27.92 21.32 16.91
C ASP B 9 -29.21 20.54 16.70
N ILE B 10 -29.80 20.63 15.52
CA ILE B 10 -30.98 19.84 15.21
C ILE B 10 -30.66 18.35 15.29
N GLY B 11 -29.48 17.96 14.82
CA GLY B 11 -29.09 16.56 14.90
C GLY B 11 -28.88 16.08 16.32
N GLU B 12 -28.38 16.95 17.20
CA GLU B 12 -28.17 16.57 18.59
C GLU B 12 -29.46 16.32 19.33
N GLN B 13 -30.61 16.71 18.76
CA GLN B 13 -31.91 16.51 19.38
C GLN B 13 -32.62 15.28 18.85
N LEU B 14 -32.09 14.64 17.81
CA LEU B 14 -32.71 13.47 17.19
C LEU B 14 -32.02 12.21 17.70
N ASP B 15 -32.82 11.27 18.21
CA ASP B 15 -32.29 10.01 18.70
C ASP B 15 -32.28 8.99 17.56
N SER B 16 -31.93 7.74 17.88
CA SER B 16 -31.80 6.72 16.85
C SER B 16 -33.14 6.40 16.19
N GLU B 17 -34.23 6.44 16.96
CA GLU B 17 -35.55 6.16 16.40
C GLU B 17 -35.98 7.27 15.45
N ASP B 18 -35.76 8.53 15.85
CA ASP B 18 -36.05 9.64 14.95
C ASP B 18 -35.22 9.55 13.68
N LEU B 19 -33.98 9.09 13.80
CA LEU B 19 -33.13 8.92 12.62
C LEU B 19 -33.65 7.82 11.71
N ALA B 20 -34.09 6.70 12.29
CA ALA B 20 -34.69 5.64 11.47
C ALA B 20 -35.92 6.14 10.74
N SER B 21 -36.76 6.92 11.42
CA SER B 21 -37.93 7.50 10.77
C SER B 21 -37.51 8.43 9.63
N LEU B 22 -36.52 9.29 9.88
CA LEU B 22 -36.04 10.21 8.86
C LEU B 22 -35.51 9.47 7.64
N LYS B 23 -34.74 8.41 7.86
CA LYS B 23 -34.20 7.63 6.76
C LYS B 23 -35.30 6.91 5.99
N PHE B 24 -36.33 6.44 6.69
CA PHE B 24 -37.45 5.82 5.99
C PHE B 24 -38.19 6.83 5.12
N LEU B 25 -38.43 8.02 5.64
CA LEU B 25 -39.11 9.05 4.86
C LEU B 25 -38.30 9.51 3.66
N SER B 26 -36.98 9.28 3.66
CA SER B 26 -36.12 9.69 2.57
C SER B 26 -35.73 8.53 1.66
N LEU B 27 -36.43 7.40 1.75
CA LEU B 27 -36.08 6.24 0.92
C LEU B 27 -36.20 6.53 -0.57
N ASP B 28 -37.11 7.44 -0.94
CA ASP B 28 -37.32 7.78 -2.34
C ASP B 28 -36.24 8.71 -2.89
N TYR B 29 -35.30 9.16 -2.06
CA TYR B 29 -34.25 10.06 -2.52
C TYR B 29 -32.87 9.53 -2.18
N ILE B 30 -32.76 8.71 -1.13
CA ILE B 30 -31.49 8.13 -0.74
C ILE B 30 -31.60 6.61 -0.85
N PRO B 31 -30.90 5.98 -1.79
CA PRO B 31 -31.06 4.53 -2.00
C PRO B 31 -30.48 3.71 -0.86
N GLN B 32 -30.75 2.40 -0.92
CA GLN B 32 -30.38 1.50 0.16
C GLN B 32 -28.88 1.52 0.44
N ARG B 33 -28.07 1.38 -0.62
CA ARG B 33 -26.62 1.32 -0.45
C ARG B 33 -26.08 2.56 0.24
N LYS B 34 -26.59 3.74 -0.15
CA LYS B 34 -26.15 4.98 0.50
C LYS B 34 -26.77 5.14 1.88
N GLN B 35 -27.93 4.53 2.13
CA GLN B 35 -28.59 4.69 3.43
C GLN B 35 -27.99 3.81 4.51
N GLU B 36 -27.40 2.67 4.15
CA GLU B 36 -26.90 1.73 5.16
C GLU B 36 -25.92 2.36 6.14
N PRO B 37 -24.89 3.10 5.74
CA PRO B 37 -23.95 3.65 6.73
C PRO B 37 -24.42 4.90 7.44
N ILE B 38 -25.65 5.36 7.22
CA ILE B 38 -26.15 6.56 7.88
C ILE B 38 -26.53 6.19 9.31
N LYS B 39 -25.69 6.62 10.27
CA LYS B 39 -25.93 6.32 11.68
C LYS B 39 -26.17 7.56 12.53
N ASP B 40 -26.10 8.76 11.97
CA ASP B 40 -26.46 9.98 12.69
C ASP B 40 -27.07 10.96 11.71
N ALA B 41 -27.62 12.04 12.25
CA ALA B 41 -28.36 13.01 11.43
C ALA B 41 -27.46 13.77 10.48
N LEU B 42 -26.19 14.01 10.86
CA LEU B 42 -25.31 14.79 9.99
C LEU B 42 -25.03 14.07 8.68
N MET B 43 -24.99 12.73 8.70
CA MET B 43 -24.76 11.98 7.46
C MET B 43 -25.94 12.11 6.52
N LEU B 44 -27.16 12.03 7.05
CA LEU B 44 -28.35 12.25 6.24
C LEU B 44 -28.41 13.67 5.71
N PHE B 45 -28.04 14.64 6.54
CA PHE B 45 -28.01 16.04 6.09
C PHE B 45 -27.01 16.24 4.96
N GLN B 46 -25.85 15.60 5.05
CA GLN B 46 -24.88 15.74 3.96
C GLN B 46 -25.37 15.04 2.69
N ARG B 47 -25.99 13.87 2.84
CA ARG B 47 -26.57 13.21 1.67
C ARG B 47 -27.60 14.11 1.00
N LEU B 48 -28.38 14.84 1.80
CA LEU B 48 -29.36 15.76 1.23
C LEU B 48 -28.69 16.96 0.58
N GLN B 49 -27.64 17.49 1.22
CA GLN B 49 -26.90 18.60 0.62
C GLN B 49 -26.29 18.21 -0.71
N GLU B 50 -25.82 16.97 -0.84
CA GLU B 50 -25.25 16.49 -2.10
C GLU B 50 -26.30 16.44 -3.19
N LYS B 51 -27.56 16.18 -2.82
CA LYS B 51 -28.66 16.22 -3.78
C LYS B 51 -29.29 17.61 -3.89
N ARG B 52 -28.72 18.59 -3.20
CA ARG B 52 -29.18 19.98 -3.19
C ARG B 52 -30.57 20.12 -2.57
N MET B 53 -31.07 19.09 -1.90
CA MET B 53 -32.35 19.13 -1.20
C MET B 53 -32.24 19.76 0.18
N LEU B 54 -31.08 20.25 0.55
CA LEU B 54 -30.87 20.90 1.85
C LEU B 54 -29.79 21.95 1.68
N GLU B 55 -30.19 23.22 1.69
CA GLU B 55 -29.26 24.34 1.57
C GLU B 55 -29.66 25.43 2.54
N GLU B 56 -28.78 26.43 2.66
CA GLU B 56 -29.08 27.58 3.52
C GLU B 56 -30.31 28.34 3.03
N SER B 57 -30.65 28.22 1.76
CA SER B 57 -31.82 28.86 1.17
C SER B 57 -32.83 27.86 0.65
N ASN B 58 -32.78 26.62 1.16
CA ASN B 58 -33.71 25.56 0.76
C ASN B 58 -33.90 24.63 1.97
N LEU B 59 -34.66 25.13 2.94
CA LEU B 59 -35.01 24.37 4.15
C LEU B 59 -36.28 23.56 3.97
N SER B 60 -36.81 23.47 2.76
CA SER B 60 -38.13 22.88 2.56
C SER B 60 -38.16 21.41 2.98
N PHE B 61 -37.22 20.61 2.47
CA PHE B 61 -37.26 19.18 2.75
C PHE B 61 -36.96 18.89 4.21
N LEU B 62 -36.07 19.66 4.84
CA LEU B 62 -35.79 19.45 6.25
C LEU B 62 -37.01 19.76 7.11
N LYS B 63 -37.69 20.87 6.82
CA LYS B 63 -38.91 21.20 7.55
C LYS B 63 -39.99 20.15 7.34
N GLU B 64 -40.11 19.64 6.11
CA GLU B 64 -41.09 18.58 5.83
C GLU B 64 -40.77 17.33 6.63
N LEU B 65 -39.50 16.92 6.65
CA LEU B 65 -39.09 15.76 7.43
C LEU B 65 -39.40 15.94 8.91
N LEU B 66 -39.08 17.12 9.46
CA LEU B 66 -39.33 17.36 10.88
C LEU B 66 -40.82 17.42 11.19
N PHE B 67 -41.63 17.93 10.27
CA PHE B 67 -43.07 17.95 10.48
C PHE B 67 -43.66 16.55 10.43
N ARG B 68 -43.14 15.70 9.53
CA ARG B 68 -43.75 14.39 9.35
C ARG B 68 -43.45 13.45 10.51
N ILE B 69 -42.35 13.68 11.22
CA ILE B 69 -42.02 12.89 12.40
C ILE B 69 -42.50 13.57 13.68
N ASN B 70 -43.32 14.62 13.55
CA ASN B 70 -43.98 15.28 14.67
C ASN B 70 -42.98 15.92 15.64
N ARG B 71 -41.88 16.44 15.10
CA ARG B 71 -40.93 17.22 15.90
C ARG B 71 -41.16 18.71 15.70
N LEU B 72 -42.36 19.14 16.10
CA LEU B 72 -42.73 20.55 15.99
C LEU B 72 -41.84 21.43 16.88
N ASP B 73 -41.31 20.87 17.96
CA ASP B 73 -40.42 21.62 18.83
C ASP B 73 -39.19 22.12 18.08
N LEU B 74 -38.57 21.24 17.30
CA LEU B 74 -37.40 21.63 16.51
C LEU B 74 -37.76 22.66 15.46
N LEU B 75 -38.91 22.50 14.81
CA LEU B 75 -39.35 23.45 13.80
C LEU B 75 -39.53 24.84 14.40
N ILE B 76 -40.17 24.93 15.56
CA ILE B 76 -40.44 26.23 16.16
C ILE B 76 -39.18 26.83 16.78
N THR B 77 -38.28 25.99 17.31
CA THR B 77 -37.12 26.52 18.03
C THR B 77 -35.98 26.88 17.08
N TYR B 78 -35.54 25.92 16.27
CA TYR B 78 -34.33 26.10 15.49
C TYR B 78 -34.58 26.56 14.06
N LEU B 79 -35.75 26.27 13.50
CA LEU B 79 -36.06 26.68 12.13
C LEU B 79 -37.11 27.79 12.06
N ASN B 80 -37.64 28.23 13.20
CA ASN B 80 -38.59 29.33 13.26
C ASN B 80 -39.79 29.10 12.35
N THR B 81 -40.49 27.99 12.60
CA THR B 81 -41.60 27.58 11.77
C THR B 81 -42.73 27.05 12.63
N ARG B 82 -43.94 27.55 12.40
CA ARG B 82 -45.12 27.16 13.16
C ARG B 82 -45.79 25.95 12.53
N LYS B 83 -46.66 25.29 13.31
CA LYS B 83 -47.37 24.12 12.82
C LYS B 83 -48.35 24.49 11.70
N GLU B 84 -49.08 25.60 11.88
CA GLU B 84 -50.04 26.03 10.88
C GLU B 84 -49.35 26.41 9.58
N GLU B 85 -48.19 27.06 9.67
CA GLU B 85 -47.45 27.40 8.46
C GLU B 85 -47.10 26.15 7.66
N MET B 86 -46.63 25.10 8.34
CA MET B 86 -46.25 23.89 7.62
C MET B 86 -47.45 23.15 7.05
N GLU B 87 -48.55 23.06 7.81
CA GLU B 87 -49.73 22.40 7.27
C GLU B 87 -50.33 23.19 6.11
N ARG B 88 -50.15 24.51 6.08
CA ARG B 88 -50.62 25.30 4.95
C ARG B 88 -49.68 25.18 3.75
N GLU B 89 -48.37 25.10 4.00
CA GLU B 89 -47.40 24.94 2.93
C GLU B 89 -47.56 23.59 2.25
N LEU B 90 -47.66 22.52 3.04
CA LEU B 90 -47.75 21.17 2.49
C LEU B 90 -49.08 20.93 1.79
N GLN B 91 -50.07 21.79 2.03
CA GLN B 91 -51.37 21.69 1.38
C GLN B 91 -51.44 22.51 0.11
N THR B 92 -50.35 23.14 -0.29
CA THR B 92 -50.24 23.80 -1.59
C THR B 92 -49.90 22.76 -2.66
N PRO B 93 -50.58 22.74 -3.80
CA PRO B 93 -50.36 21.67 -4.79
C PRO B 93 -48.95 21.73 -5.35
N GLY B 94 -48.20 20.65 -5.13
CA GLY B 94 -46.88 20.47 -5.73
C GLY B 94 -45.72 20.64 -4.78
N ARG B 95 -45.91 21.32 -3.65
CA ARG B 95 -44.81 21.69 -2.78
C ARG B 95 -44.42 20.61 -1.78
N ALA B 96 -45.12 19.46 -1.77
CA ALA B 96 -44.78 18.35 -0.90
C ALA B 96 -43.78 17.46 -1.62
N GLN B 97 -42.55 17.39 -1.09
CA GLN B 97 -41.50 16.60 -1.73
C GLN B 97 -41.52 15.13 -1.31
N ILE B 98 -42.10 14.80 -0.16
CA ILE B 98 -42.29 13.41 0.22
C ILE B 98 -43.59 12.92 -0.40
N SER B 99 -43.59 11.67 -0.85
CA SER B 99 -44.78 11.12 -1.49
C SER B 99 -45.83 10.76 -0.45
N ALA B 100 -47.09 10.84 -0.86
CA ALA B 100 -48.20 10.50 0.04
C ALA B 100 -48.12 9.04 0.48
N TYR B 101 -47.58 8.16 -0.37
CA TYR B 101 -47.42 6.77 -0.01
C TYR B 101 -46.48 6.61 1.18
N ARG B 102 -45.34 7.31 1.15
CA ARG B 102 -44.38 7.24 2.25
C ARG B 102 -44.98 7.80 3.54
N VAL B 103 -45.68 8.94 3.44
CA VAL B 103 -46.25 9.55 4.63
C VAL B 103 -47.35 8.66 5.20
N MET B 104 -48.14 8.01 4.34
CA MET B 104 -49.18 7.13 4.82
C MET B 104 -48.59 5.91 5.50
N LEU B 105 -47.48 5.38 4.96
CA LEU B 105 -46.81 4.26 5.61
C LEU B 105 -46.27 4.66 6.98
N TYR B 106 -45.65 5.83 7.09
CA TYR B 106 -45.12 6.24 8.39
C TYR B 106 -46.25 6.50 9.39
N GLN B 107 -47.33 7.15 8.96
CA GLN B 107 -48.43 7.42 9.88
C GLN B 107 -49.12 6.14 10.32
N ILE B 108 -49.27 5.17 9.41
CA ILE B 108 -49.86 3.90 9.80
C ILE B 108 -48.91 3.13 10.72
N SER B 109 -47.60 3.33 10.57
CA SER B 109 -46.66 2.72 11.52
C SER B 109 -46.75 3.36 12.90
N GLU B 110 -47.07 4.66 12.96
CA GLU B 110 -47.18 5.34 14.25
C GLU B 110 -48.38 4.90 15.07
N GLU B 111 -49.35 4.21 14.47
CA GLU B 111 -50.56 3.81 15.16
C GLU B 111 -50.57 2.33 15.54
N VAL B 112 -49.43 1.65 15.42
CA VAL B 112 -49.31 0.23 15.72
C VAL B 112 -48.39 0.07 16.93
N SER B 113 -48.93 -0.49 18.00
CA SER B 113 -48.16 -0.69 19.22
C SER B 113 -47.31 -1.97 19.12
N ARG B 114 -46.63 -2.30 20.21
CA ARG B 114 -45.74 -3.46 20.22
C ARG B 114 -46.52 -4.75 19.98
N SER B 115 -47.62 -4.94 20.71
CA SER B 115 -48.42 -6.15 20.53
C SER B 115 -49.05 -6.18 19.14
N GLU B 116 -49.53 -5.02 18.67
CA GLU B 116 -50.07 -4.95 17.31
C GLU B 116 -49.00 -5.23 16.27
N LEU B 117 -47.75 -4.81 16.52
CA LEU B 117 -46.67 -5.11 15.60
C LEU B 117 -46.35 -6.60 15.61
N ARG B 118 -46.43 -7.24 16.77
CA ARG B 118 -46.22 -8.67 16.86
C ARG B 118 -47.30 -9.43 16.09
N SER B 119 -48.56 -9.00 16.23
CA SER B 119 -49.62 -9.61 15.43
C SER B 119 -49.42 -9.35 13.94
N PHE B 120 -48.91 -8.17 13.58
CA PHE B 120 -48.62 -7.86 12.19
C PHE B 120 -47.57 -8.81 11.63
N LYS B 121 -46.51 -9.05 12.38
CA LYS B 121 -45.49 -10.02 11.95
C LYS B 121 -46.08 -11.40 11.84
N GLY B 122 -46.99 -11.76 12.76
CA GLY B 122 -47.66 -13.05 12.65
C GLY B 122 -48.50 -13.18 11.40
N GLY B 123 -49.10 -12.09 10.93
CA GLY B 123 -49.95 -12.15 9.76
C GLY B 123 -49.21 -12.43 8.46
N LEU B 124 -47.95 -11.99 8.37
CA LEU B 124 -47.15 -12.10 7.15
C LEU B 124 -46.26 -13.33 7.14
N GLN B 125 -46.67 -14.41 7.82
CA GLN B 125 -45.80 -15.57 7.97
C GLN B 125 -45.51 -16.28 6.66
N GLU B 126 -46.40 -16.20 5.67
CA GLU B 126 -46.23 -17.01 4.46
C GLU B 126 -45.60 -16.27 3.29
N GLU B 127 -45.53 -14.94 3.30
CA GLU B 127 -45.00 -14.20 2.17
C GLU B 127 -43.71 -13.45 2.49
N ILE B 128 -43.15 -13.64 3.68
CA ILE B 128 -41.89 -13.00 4.07
C ILE B 128 -41.01 -14.06 4.72
N SER B 129 -39.73 -14.06 4.37
CA SER B 129 -38.79 -15.04 4.91
C SER B 129 -38.70 -14.90 6.43
N LYS B 130 -38.33 -16.01 7.08
CA LYS B 130 -38.35 -16.06 8.54
C LYS B 130 -37.33 -15.10 9.15
N CYS B 131 -36.16 -14.96 8.52
CA CYS B 131 -35.14 -14.06 9.07
C CYS B 131 -35.60 -12.61 8.99
N LYS B 132 -36.43 -12.27 8.02
CA LYS B 132 -36.98 -10.92 7.90
C LYS B 132 -38.22 -10.70 8.76
N LEU B 133 -38.55 -11.64 9.65
CA LEU B 133 -39.66 -11.50 10.57
C LEU B 133 -39.20 -11.62 12.02
N ASP B 134 -38.04 -11.05 12.33
CA ASP B 134 -37.49 -11.11 13.67
C ASP B 134 -38.01 -9.94 14.52
N ASP B 135 -37.88 -10.09 15.83
CA ASP B 135 -38.34 -9.06 16.76
C ASP B 135 -37.55 -7.76 16.60
N ASP B 136 -36.33 -7.83 16.06
CA ASP B 136 -35.46 -6.67 15.95
C ASP B 136 -35.90 -5.72 14.84
N MET B 137 -37.01 -6.00 14.17
CA MET B 137 -37.50 -5.18 13.07
C MET B 137 -38.75 -4.42 13.50
N ASN B 138 -38.83 -3.16 13.11
CA ASN B 138 -40.01 -2.34 13.34
C ASN B 138 -40.92 -2.42 12.12
N LEU B 139 -42.07 -1.72 12.20
CA LEU B 139 -43.05 -1.82 11.12
C LEU B 139 -42.55 -1.18 9.82
N LEU B 140 -41.69 -0.16 9.92
CA LEU B 140 -41.18 0.48 8.71
C LEU B 140 -40.26 -0.48 7.94
N ASP B 141 -39.45 -1.24 8.68
CA ASP B 141 -38.63 -2.27 8.04
C ASP B 141 -39.49 -3.35 7.40
N ILE B 142 -40.63 -3.68 8.03
CA ILE B 142 -41.55 -4.64 7.43
C ILE B 142 -42.15 -4.07 6.16
N PHE B 143 -42.44 -2.76 6.14
CA PHE B 143 -42.91 -2.13 4.92
C PHE B 143 -41.87 -2.23 3.82
N ILE B 144 -40.60 -2.00 4.16
CA ILE B 144 -39.52 -2.13 3.19
C ILE B 144 -39.46 -3.56 2.64
N GLU B 145 -39.51 -4.54 3.54
CA GLU B 145 -39.43 -5.94 3.12
C GLU B 145 -40.62 -6.35 2.27
N MET B 146 -41.80 -5.79 2.53
CA MET B 146 -42.94 -6.04 1.66
C MET B 146 -42.74 -5.40 0.29
N GLU B 147 -42.20 -4.17 0.27
CA GLU B 147 -41.91 -3.52 -1.00
C GLU B 147 -40.90 -4.31 -1.83
N LYS B 148 -39.97 -4.99 -1.17
CA LYS B 148 -38.99 -5.79 -1.91
C LYS B 148 -39.64 -6.93 -2.68
N ARG B 149 -40.76 -7.45 -2.19
CA ARG B 149 -41.46 -8.56 -2.83
C ARG B 149 -42.71 -8.11 -3.57
N VAL B 150 -42.81 -6.81 -3.88
CA VAL B 150 -43.90 -6.17 -4.61
C VAL B 150 -45.27 -6.66 -4.16
N ILE B 151 -45.42 -6.89 -2.85
CA ILE B 151 -46.74 -7.09 -2.26
C ILE B 151 -47.24 -5.83 -1.58
N LEU B 152 -46.42 -4.78 -1.50
CA LEU B 152 -46.79 -3.49 -0.96
C LEU B 152 -46.24 -2.40 -1.87
N GLY B 153 -47.07 -1.41 -2.18
CA GLY B 153 -46.65 -0.36 -3.08
C GLY B 153 -47.80 0.57 -3.38
N GLU B 154 -47.48 1.60 -4.17
CA GLU B 154 -48.47 2.61 -4.52
C GLU B 154 -49.66 2.00 -5.25
N GLY B 155 -49.45 0.92 -5.99
CA GLY B 155 -50.52 0.29 -6.73
C GLY B 155 -51.00 -1.03 -6.15
N LYS B 156 -50.35 -1.50 -5.09
CA LYS B 156 -50.71 -2.77 -4.46
C LYS B 156 -50.86 -2.52 -2.96
N LEU B 157 -52.07 -2.13 -2.55
CA LEU B 157 -52.39 -1.85 -1.16
C LEU B 157 -53.28 -2.91 -0.53
N ASP B 158 -53.59 -3.99 -1.25
CA ASP B 158 -54.60 -4.95 -0.78
C ASP B 158 -54.10 -5.76 0.40
N ILE B 159 -52.85 -6.21 0.38
CA ILE B 159 -52.34 -7.04 1.47
C ILE B 159 -52.19 -6.21 2.74
N LEU B 160 -51.69 -4.97 2.61
CA LEU B 160 -51.66 -4.07 3.74
C LEU B 160 -53.06 -3.86 4.31
N LYS B 161 -54.04 -3.67 3.43
CA LYS B 161 -55.44 -3.59 3.84
C LYS B 161 -55.84 -4.81 4.65
N ARG B 162 -55.53 -6.00 4.14
CA ARG B 162 -55.94 -7.24 4.81
C ARG B 162 -55.38 -7.30 6.22
N VAL B 163 -54.06 -7.12 6.34
CA VAL B 163 -53.43 -7.25 7.66
C VAL B 163 -53.94 -6.17 8.61
N CYS B 164 -54.04 -4.92 8.13
CA CYS B 164 -54.47 -3.84 9.00
C CYS B 164 -55.92 -3.99 9.43
N ALA B 165 -56.81 -4.36 8.51
CA ALA B 165 -58.20 -4.59 8.86
C ALA B 165 -58.35 -5.77 9.82
N GLN B 166 -57.47 -6.77 9.71
CA GLN B 166 -57.45 -7.81 10.72
C GLN B 166 -56.96 -7.28 12.07
N ILE B 167 -56.12 -6.25 12.05
CA ILE B 167 -55.57 -5.67 13.28
C ILE B 167 -56.47 -4.56 13.82
N ASN B 168 -56.61 -3.47 13.07
CA ASN B 168 -57.21 -2.25 13.61
C ASN B 168 -57.97 -1.50 12.52
N LYS B 169 -59.03 -0.80 12.94
CA LYS B 169 -59.90 -0.10 11.99
C LYS B 169 -59.27 1.20 11.49
N SER B 170 -58.66 1.98 12.39
CA SER B 170 -58.10 3.27 12.00
C SER B 170 -57.03 3.11 10.93
N LEU B 171 -56.31 1.98 10.93
CA LEU B 171 -55.33 1.73 9.89
C LEU B 171 -55.99 1.61 8.53
N LEU B 172 -57.09 0.85 8.45
CA LEU B 172 -57.84 0.75 7.21
C LEU B 172 -58.39 2.11 6.79
N LYS B 173 -58.83 2.92 7.76
CA LYS B 173 -59.31 4.26 7.43
C LYS B 173 -58.20 5.12 6.82
N ILE B 174 -57.00 5.06 7.40
CA ILE B 174 -55.86 5.81 6.86
C ILE B 174 -55.55 5.33 5.44
N ILE B 175 -55.54 4.01 5.24
CA ILE B 175 -55.23 3.46 3.92
C ILE B 175 -56.22 3.97 2.87
N ASN B 176 -57.52 3.88 3.17
CA ASN B 176 -58.52 4.30 2.18
C ASN B 176 -58.51 5.81 1.98
N ASP B 177 -58.26 6.59 3.05
CA ASP B 177 -58.20 8.03 2.91
C ASP B 177 -57.04 8.45 2.02
N TYR B 178 -55.89 7.77 2.14
CA TYR B 178 -54.82 7.99 1.17
C TYR B 178 -55.25 7.56 -0.22
N GLU B 179 -55.91 6.40 -0.32
CA GLU B 179 -56.21 5.81 -1.61
C GLU B 179 -57.09 6.71 -2.47
N GLU B 180 -58.14 7.28 -1.88
CA GLU B 180 -59.01 8.15 -2.66
C GLU B 180 -58.29 9.44 -3.07
N PHE B 181 -57.74 10.16 -2.09
CA PHE B 181 -57.03 11.41 -2.37
C PHE B 181 -55.60 11.07 -2.83
N SER B 182 -55.52 10.57 -4.05
CA SER B 182 -54.24 10.15 -4.63
C SER B 182 -54.19 10.45 -6.12
N ASP C 2 -26.80 4.48 -20.97
CA ASP C 2 -28.11 3.97 -20.58
C ASP C 2 -27.97 2.65 -19.81
N PHE C 3 -27.39 1.65 -20.49
CA PHE C 3 -27.21 0.34 -19.85
C PHE C 3 -26.33 0.44 -18.61
N SER C 4 -25.23 1.18 -18.71
CA SER C 4 -24.34 1.34 -17.56
C SER C 4 -25.02 2.11 -16.45
N ARG C 5 -25.79 3.14 -16.79
CA ARG C 5 -26.55 3.86 -15.78
C ARG C 5 -27.57 2.94 -15.11
N ASN C 6 -28.19 2.05 -15.88
CA ASN C 6 -29.15 1.11 -15.31
C ASN C 6 -28.47 0.16 -14.34
N LEU C 7 -27.31 -0.37 -14.71
CA LEU C 7 -26.58 -1.26 -13.80
C LEU C 7 -26.13 -0.52 -12.55
N TYR C 8 -25.70 0.73 -12.70
CA TYR C 8 -25.31 1.53 -11.54
C TYR C 8 -26.50 1.77 -10.61
N ASP C 9 -27.67 2.07 -11.18
CA ASP C 9 -28.85 2.29 -10.36
C ASP C 9 -29.26 1.02 -9.64
N ILE C 10 -29.21 -0.12 -10.33
CA ILE C 10 -29.50 -1.40 -9.67
C ILE C 10 -28.52 -1.65 -8.53
N GLY C 11 -27.24 -1.31 -8.74
CA GLY C 11 -26.25 -1.49 -7.70
C GLY C 11 -26.48 -0.59 -6.50
N GLU C 12 -26.99 0.62 -6.73
CA GLU C 12 -27.27 1.55 -5.64
C GLU C 12 -28.41 1.08 -4.75
N GLN C 13 -29.17 0.06 -5.16
CA GLN C 13 -30.29 -0.43 -4.36
C GLN C 13 -29.93 -1.64 -3.51
N LEU C 14 -28.74 -2.20 -3.68
CA LEU C 14 -28.30 -3.39 -2.96
C LEU C 14 -27.42 -2.98 -1.79
N ASP C 15 -27.76 -3.46 -0.59
CA ASP C 15 -26.95 -3.18 0.59
C ASP C 15 -25.88 -4.25 0.74
N SER C 16 -25.15 -4.21 1.85
CA SER C 16 -24.06 -5.17 2.05
C SER C 16 -24.58 -6.59 2.19
N GLU C 17 -25.74 -6.76 2.82
CA GLU C 17 -26.31 -8.10 2.98
C GLU C 17 -26.79 -8.66 1.65
N ASP C 18 -27.48 -7.85 0.86
CA ASP C 18 -27.87 -8.28 -0.48
C ASP C 18 -26.64 -8.58 -1.34
N LEU C 19 -25.57 -7.80 -1.16
CA LEU C 19 -24.34 -8.05 -1.91
C LEU C 19 -23.72 -9.38 -1.51
N ALA C 20 -23.70 -9.68 -0.21
CA ALA C 20 -23.22 -10.97 0.25
C ALA C 20 -24.05 -12.10 -0.34
N SER C 21 -25.38 -11.91 -0.40
CA SER C 21 -26.24 -12.91 -1.01
C SER C 21 -25.86 -13.14 -2.47
N LEU C 22 -25.66 -12.07 -3.23
CA LEU C 22 -25.27 -12.21 -4.63
C LEU C 22 -23.94 -12.93 -4.76
N LYS C 23 -22.97 -12.58 -3.91
CA LYS C 23 -21.67 -13.23 -4.00
C LYS C 23 -21.76 -14.72 -3.66
N PHE C 24 -22.64 -15.09 -2.72
CA PHE C 24 -22.83 -16.51 -2.44
C PHE C 24 -23.49 -17.22 -3.63
N LEU C 25 -24.52 -16.59 -4.22
CA LEU C 25 -25.19 -17.19 -5.37
C LEU C 25 -24.27 -17.30 -6.58
N SER C 26 -23.17 -16.56 -6.61
CA SER C 26 -22.25 -16.56 -7.74
C SER C 26 -20.98 -17.39 -7.47
N LEU C 27 -20.99 -18.22 -6.42
CA LEU C 27 -19.81 -19.00 -6.09
C LEU C 27 -19.43 -19.97 -7.20
N ASP C 28 -20.41 -20.46 -7.97
CA ASP C 28 -20.13 -21.41 -9.03
C ASP C 28 -19.57 -20.76 -10.29
N TYR C 29 -19.49 -19.44 -10.34
CA TYR C 29 -18.97 -18.76 -11.53
C TYR C 29 -17.84 -17.78 -11.20
N ILE C 30 -17.83 -17.25 -9.98
CA ILE C 30 -16.78 -16.33 -9.56
C ILE C 30 -16.00 -16.94 -8.40
N PRO C 31 -14.73 -17.28 -8.59
CA PRO C 31 -13.98 -17.98 -7.54
C PRO C 31 -13.68 -17.08 -6.35
N GLN C 32 -13.14 -17.72 -5.30
CA GLN C 32 -12.92 -17.04 -4.02
C GLN C 32 -12.00 -15.83 -4.18
N ARG C 33 -10.86 -16.03 -4.85
CA ARG C 33 -9.88 -14.95 -4.99
C ARG C 33 -10.48 -13.76 -5.71
N LYS C 34 -11.30 -14.00 -6.74
CA LYS C 34 -11.96 -12.90 -7.42
C LYS C 34 -13.10 -12.32 -6.59
N GLN C 35 -13.67 -13.11 -5.68
CA GLN C 35 -14.79 -12.65 -4.87
C GLN C 35 -14.35 -11.79 -3.70
N GLU C 36 -13.14 -11.98 -3.19
CA GLU C 36 -12.71 -11.27 -1.98
C GLU C 36 -12.81 -9.75 -2.08
N PRO C 37 -12.30 -9.08 -3.12
CA PRO C 37 -12.34 -7.62 -3.13
C PRO C 37 -13.67 -7.01 -3.57
N ILE C 38 -14.71 -7.81 -3.77
CA ILE C 38 -16.01 -7.30 -4.20
C ILE C 38 -16.70 -6.64 -3.00
N LYS C 39 -16.75 -5.31 -3.00
CA LYS C 39 -17.37 -4.56 -1.92
C LYS C 39 -18.60 -3.77 -2.36
N ASP C 40 -18.95 -3.81 -3.65
CA ASP C 40 -20.19 -3.22 -4.12
C ASP C 40 -20.70 -4.04 -5.29
N ALA C 41 -21.94 -3.76 -5.70
CA ALA C 41 -22.58 -4.57 -6.73
C ALA C 41 -21.94 -4.38 -8.10
N LEU C 42 -21.39 -3.18 -8.36
CA LEU C 42 -20.80 -2.92 -9.66
C LEU C 42 -19.60 -3.79 -9.94
N MET C 43 -18.84 -4.16 -8.90
CA MET C 43 -17.69 -5.03 -9.10
C MET C 43 -18.12 -6.43 -9.51
N LEU C 44 -19.16 -6.97 -8.87
CA LEU C 44 -19.69 -8.27 -9.28
C LEU C 44 -20.27 -8.18 -10.70
N PHE C 45 -20.95 -7.07 -11.02
CA PHE C 45 -21.47 -6.90 -12.37
C PHE C 45 -20.36 -6.90 -13.40
N GLN C 46 -19.25 -6.21 -13.10
CA GLN C 46 -18.14 -6.17 -14.04
C GLN C 46 -17.44 -7.52 -14.15
N ARG C 47 -17.35 -8.26 -13.04
CA ARG C 47 -16.80 -9.61 -13.10
C ARG C 47 -17.66 -10.51 -13.97
N LEU C 48 -18.98 -10.34 -13.91
CA LEU C 48 -19.86 -11.09 -14.80
C LEU C 48 -19.68 -10.65 -16.25
N GLN C 49 -19.51 -9.34 -16.47
CA GLN C 49 -19.26 -8.83 -17.82
C GLN C 49 -17.99 -9.43 -18.41
N GLU C 50 -16.97 -9.63 -17.57
CA GLU C 50 -15.72 -10.22 -18.06
C GLU C 50 -15.93 -11.65 -18.55
N LYS C 51 -16.86 -12.38 -17.94
CA LYS C 51 -17.22 -13.72 -18.40
C LYS C 51 -18.35 -13.68 -19.41
N ARG C 52 -18.78 -12.49 -19.82
CA ARG C 52 -19.83 -12.28 -20.81
C ARG C 52 -21.19 -12.78 -20.32
N MET C 53 -21.33 -13.04 -19.02
CA MET C 53 -22.61 -13.45 -18.46
C MET C 53 -23.53 -12.27 -18.17
N LEU C 54 -23.10 -11.05 -18.48
CA LEU C 54 -23.95 -9.87 -18.29
C LEU C 54 -23.58 -8.85 -19.35
N GLU C 55 -24.43 -8.71 -20.36
CA GLU C 55 -24.25 -7.71 -21.41
C GLU C 55 -25.60 -7.12 -21.75
N GLU C 56 -25.59 -6.10 -22.60
CA GLU C 56 -26.82 -5.42 -22.99
C GLU C 56 -27.81 -6.35 -23.65
N SER C 57 -27.36 -7.49 -24.19
CA SER C 57 -28.25 -8.46 -24.84
C SER C 57 -28.28 -9.80 -24.13
N ASN C 58 -27.85 -9.86 -22.86
CA ASN C 58 -27.89 -11.11 -22.10
C ASN C 58 -28.08 -10.77 -20.62
N LEU C 59 -29.29 -10.37 -20.26
CA LEU C 59 -29.66 -10.05 -18.89
C LEU C 59 -30.16 -11.26 -18.10
N SER C 60 -30.02 -12.47 -18.65
CA SER C 60 -30.63 -13.65 -18.04
C SER C 60 -30.08 -13.90 -16.64
N PHE C 61 -28.75 -13.94 -16.50
CA PHE C 61 -28.16 -14.29 -15.21
C PHE C 61 -28.40 -13.20 -14.17
N LEU C 62 -28.40 -11.94 -14.59
CA LEU C 62 -28.68 -10.85 -13.66
C LEU C 62 -30.12 -10.94 -13.14
N LYS C 63 -31.07 -11.21 -14.05
CA LYS C 63 -32.46 -11.39 -13.63
C LYS C 63 -32.61 -12.58 -12.70
N GLU C 64 -31.89 -13.67 -12.97
CA GLU C 64 -31.95 -14.83 -12.09
C GLU C 64 -31.41 -14.50 -10.71
N LEU C 65 -30.28 -13.81 -10.64
CA LEU C 65 -29.70 -13.41 -9.36
C LEU C 65 -30.68 -12.53 -8.59
N LEU C 66 -31.28 -11.55 -9.26
CA LEU C 66 -32.20 -10.65 -8.56
C LEU C 66 -33.47 -11.38 -8.12
N PHE C 67 -33.93 -12.36 -8.90
CA PHE C 67 -35.09 -13.13 -8.49
C PHE C 67 -34.79 -14.03 -7.30
N ARG C 68 -33.58 -14.60 -7.23
CA ARG C 68 -33.28 -15.54 -6.17
C ARG C 68 -33.10 -14.88 -4.81
N ILE C 69 -32.74 -13.59 -4.77
CA ILE C 69 -32.63 -12.88 -3.51
C ILE C 69 -33.91 -12.14 -3.16
N ASN C 70 -34.99 -12.42 -3.88
CA ASN C 70 -36.33 -11.89 -3.58
C ASN C 70 -36.38 -10.37 -3.72
N ARG C 71 -35.62 -9.82 -4.65
CA ARG C 71 -35.73 -8.40 -5.01
C ARG C 71 -36.58 -8.23 -6.26
N LEU C 72 -37.85 -8.62 -6.13
CA LEU C 72 -38.79 -8.50 -7.23
C LEU C 72 -39.02 -7.04 -7.61
N ASP C 73 -38.86 -6.14 -6.65
CA ASP C 73 -38.99 -4.71 -6.93
C ASP C 73 -37.98 -4.26 -7.97
N LEU C 74 -36.72 -4.68 -7.81
CA LEU C 74 -35.69 -4.32 -8.78
C LEU C 74 -35.98 -4.92 -10.14
N LEU C 75 -36.44 -6.17 -10.18
CA LEU C 75 -36.77 -6.81 -11.45
C LEU C 75 -37.88 -6.06 -12.17
N ILE C 76 -38.94 -5.69 -11.45
CA ILE C 76 -40.06 -5.03 -12.11
C ILE C 76 -39.73 -3.58 -12.47
N THR C 77 -38.89 -2.90 -11.68
CA THR C 77 -38.64 -1.49 -11.92
C THR C 77 -37.56 -1.30 -12.98
N TYR C 78 -36.39 -1.92 -12.79
CA TYR C 78 -35.23 -1.65 -13.62
C TYR C 78 -35.07 -2.62 -14.78
N LEU C 79 -35.59 -3.85 -14.66
CA LEU C 79 -35.51 -4.82 -15.74
C LEU C 79 -36.87 -5.10 -16.38
N ASN C 80 -37.94 -4.49 -15.88
CA ASN C 80 -39.29 -4.63 -16.44
C ASN C 80 -39.67 -6.12 -16.54
N THR C 81 -39.66 -6.78 -15.39
CA THR C 81 -39.89 -8.22 -15.33
C THR C 81 -40.76 -8.55 -14.12
N ARG C 82 -41.82 -9.30 -14.36
CA ARG C 82 -42.74 -9.69 -13.30
C ARG C 82 -42.31 -11.01 -12.66
N LYS C 83 -42.91 -11.30 -11.51
CA LYS C 83 -42.61 -12.52 -10.77
C LYS C 83 -42.99 -13.76 -11.57
N GLU C 84 -44.14 -13.73 -12.23
CA GLU C 84 -44.59 -14.87 -13.01
C GLU C 84 -43.66 -15.16 -14.17
N GLU C 85 -43.14 -14.12 -14.82
CA GLU C 85 -42.18 -14.31 -15.91
C GLU C 85 -40.95 -15.07 -15.44
N MET C 86 -40.40 -14.68 -14.29
CA MET C 86 -39.20 -15.35 -13.78
C MET C 86 -39.52 -16.77 -13.34
N GLU C 87 -40.68 -16.98 -12.73
CA GLU C 87 -41.07 -18.34 -12.33
C GLU C 87 -41.20 -19.24 -13.55
N ARG C 88 -41.80 -18.73 -14.63
CA ARG C 88 -41.96 -19.53 -15.83
C ARG C 88 -40.63 -19.76 -16.54
N GLU C 89 -39.70 -18.81 -16.44
CA GLU C 89 -38.42 -18.95 -17.13
C GLU C 89 -37.49 -19.92 -16.41
N LEU C 90 -37.33 -19.77 -15.09
CA LEU C 90 -36.34 -20.57 -14.38
C LEU C 90 -36.72 -22.04 -14.24
N GLN C 91 -38.00 -22.39 -14.38
CA GLN C 91 -38.40 -23.79 -14.27
C GLN C 91 -38.48 -24.48 -15.63
N THR C 92 -38.09 -23.81 -16.71
CA THR C 92 -37.96 -24.45 -18.01
C THR C 92 -36.61 -25.16 -18.10
N PRO C 93 -36.58 -26.39 -18.63
CA PRO C 93 -35.34 -27.18 -18.60
C PRO C 93 -34.22 -26.53 -19.38
N GLY C 94 -33.12 -26.23 -18.67
CA GLY C 94 -31.90 -25.73 -19.27
C GLY C 94 -31.62 -24.27 -18.99
N ARG C 95 -32.66 -23.48 -18.73
CA ARG C 95 -32.50 -22.05 -18.56
C ARG C 95 -32.00 -21.65 -17.18
N ALA C 96 -31.97 -22.57 -16.22
CA ALA C 96 -31.52 -22.24 -14.87
C ALA C 96 -30.00 -22.22 -14.84
N GLN C 97 -29.42 -21.04 -14.64
CA GLN C 97 -27.97 -20.90 -14.63
C GLN C 97 -27.37 -21.15 -13.25
N ILE C 98 -28.14 -20.91 -12.18
CA ILE C 98 -27.72 -21.25 -10.83
C ILE C 98 -28.14 -22.68 -10.53
N SER C 99 -27.29 -23.41 -9.80
CA SER C 99 -27.60 -24.79 -9.46
C SER C 99 -28.63 -24.83 -8.35
N ALA C 100 -29.43 -25.91 -8.36
CA ALA C 100 -30.45 -26.08 -7.33
C ALA C 100 -29.83 -26.19 -5.94
N TYR C 101 -28.61 -26.73 -5.86
CA TYR C 101 -27.91 -26.83 -4.58
C TYR C 101 -27.65 -25.44 -3.98
N ARG C 102 -27.19 -24.51 -4.81
CA ARG C 102 -26.94 -23.15 -4.33
C ARG C 102 -28.22 -22.48 -3.88
N VAL C 103 -29.30 -22.67 -4.65
CA VAL C 103 -30.57 -22.04 -4.30
C VAL C 103 -31.13 -22.61 -3.01
N MET C 104 -31.00 -23.93 -2.81
CA MET C 104 -31.49 -24.52 -1.56
C MET C 104 -30.65 -24.06 -0.38
N LEU C 105 -29.34 -23.90 -0.56
CA LEU C 105 -28.51 -23.38 0.52
C LEU C 105 -28.92 -21.95 0.89
N TYR C 106 -29.16 -21.11 -0.13
CA TYR C 106 -29.58 -19.74 0.15
C TYR C 106 -30.94 -19.70 0.83
N GLN C 107 -31.88 -20.55 0.39
CA GLN C 107 -33.20 -20.57 1.00
C GLN C 107 -33.13 -21.05 2.45
N ILE C 108 -32.24 -22.00 2.74
CA ILE C 108 -32.08 -22.42 4.13
C ILE C 108 -31.43 -21.32 4.95
N SER C 109 -30.56 -20.50 4.32
CA SER C 109 -29.98 -19.38 5.05
C SER C 109 -31.01 -18.29 5.34
N GLU C 110 -31.97 -18.07 4.45
CA GLU C 110 -32.99 -17.07 4.69
C GLU C 110 -34.01 -17.48 5.74
N GLU C 111 -34.05 -18.76 6.12
CA GLU C 111 -35.05 -19.25 7.05
C GLU C 111 -34.50 -19.51 8.45
N VAL C 112 -33.28 -19.04 8.73
CA VAL C 112 -32.61 -19.27 10.01
C VAL C 112 -32.46 -17.94 10.73
N SER C 113 -33.06 -17.82 11.90
CA SER C 113 -32.99 -16.61 12.70
C SER C 113 -31.67 -16.60 13.49
N ARG C 114 -31.56 -15.70 14.47
CA ARG C 114 -30.30 -15.55 15.19
C ARG C 114 -30.04 -16.73 16.13
N SER C 115 -31.04 -17.12 16.93
CA SER C 115 -30.87 -18.22 17.86
C SER C 115 -30.64 -19.53 17.12
N GLU C 116 -31.36 -19.73 16.01
CA GLU C 116 -31.14 -20.92 15.19
C GLU C 116 -29.74 -20.92 14.60
N LEU C 117 -29.19 -19.74 14.28
CA LEU C 117 -27.81 -19.67 13.81
C LEU C 117 -26.83 -20.02 14.92
N ARG C 118 -27.11 -19.55 16.15
CA ARG C 118 -26.29 -19.94 17.29
C ARG C 118 -26.23 -21.45 17.44
N SER C 119 -27.41 -22.09 17.40
CA SER C 119 -27.46 -23.54 17.56
C SER C 119 -26.78 -24.26 16.39
N PHE C 120 -26.96 -23.75 15.18
CA PHE C 120 -26.31 -24.35 14.02
C PHE C 120 -24.80 -24.31 14.14
N LYS C 121 -24.26 -23.14 14.52
CA LYS C 121 -22.82 -23.02 14.74
C LYS C 121 -22.36 -23.92 15.87
N GLY C 122 -23.16 -24.06 16.93
CA GLY C 122 -22.83 -24.98 17.99
C GLY C 122 -22.75 -26.43 17.53
N GLY C 123 -23.60 -26.80 16.57
CA GLY C 123 -23.60 -28.18 16.09
C GLY C 123 -22.33 -28.57 15.37
N LEU C 124 -21.66 -27.61 14.72
CA LEU C 124 -20.47 -27.86 13.91
C LEU C 124 -19.17 -27.60 14.66
N GLN C 125 -19.18 -27.75 15.99
CA GLN C 125 -18.00 -27.43 16.79
C GLN C 125 -16.82 -28.35 16.49
N GLU C 126 -17.09 -29.56 15.99
CA GLU C 126 -16.06 -30.58 15.83
C GLU C 126 -15.49 -30.66 14.41
N GLU C 127 -16.13 -30.02 13.43
CA GLU C 127 -15.70 -30.12 12.04
C GLU C 127 -15.18 -28.80 11.49
N ILE C 128 -15.06 -27.77 12.33
CA ILE C 128 -14.54 -26.47 11.91
C ILE C 128 -13.56 -25.99 12.97
N SER C 129 -12.45 -25.40 12.53
CA SER C 129 -11.45 -24.90 13.46
C SER C 129 -12.06 -23.85 14.38
N LYS C 130 -11.52 -23.76 15.59
CA LYS C 130 -12.23 -23.09 16.67
C LYS C 130 -12.28 -21.57 16.47
N CYS C 131 -11.29 -20.99 15.80
CA CYS C 131 -11.31 -19.56 15.55
C CYS C 131 -12.31 -19.19 14.46
N LYS C 132 -12.59 -20.12 13.55
CA LYS C 132 -13.53 -19.91 12.45
C LYS C 132 -14.98 -20.14 12.86
N LEU C 133 -15.29 -20.21 14.15
CA LEU C 133 -16.66 -20.34 14.63
C LEU C 133 -17.04 -19.19 15.55
N ASP C 134 -16.62 -17.98 15.19
CA ASP C 134 -16.92 -16.77 15.94
C ASP C 134 -18.25 -16.18 15.48
N ASP C 135 -18.79 -15.27 16.31
CA ASP C 135 -20.08 -14.65 16.04
C ASP C 135 -20.10 -13.87 14.73
N ASP C 136 -18.93 -13.46 14.23
CA ASP C 136 -18.84 -12.60 13.06
C ASP C 136 -19.23 -13.27 11.75
N MET C 137 -19.67 -14.53 11.77
CA MET C 137 -20.04 -15.25 10.56
C MET C 137 -21.54 -15.47 10.47
N ASN C 138 -22.07 -15.33 9.26
CA ASN C 138 -23.45 -15.67 8.97
C ASN C 138 -23.52 -17.12 8.48
N LEU C 139 -24.73 -17.59 8.17
CA LEU C 139 -24.90 -18.99 7.83
C LEU C 139 -24.26 -19.33 6.48
N LEU C 140 -24.23 -18.39 5.54
CA LEU C 140 -23.64 -18.64 4.23
C LEU C 140 -22.13 -18.83 4.33
N ASP C 141 -21.46 -18.06 5.19
CA ASP C 141 -20.03 -18.26 5.40
C ASP C 141 -19.77 -19.64 6.00
N ILE C 142 -20.65 -20.11 6.87
CA ILE C 142 -20.52 -21.46 7.43
C ILE C 142 -20.72 -22.50 6.34
N PHE C 143 -21.65 -22.27 5.42
CA PHE C 143 -21.83 -23.18 4.29
C PHE C 143 -20.58 -23.23 3.41
N ILE C 144 -19.98 -22.07 3.14
CA ILE C 144 -18.75 -22.02 2.36
C ILE C 144 -17.65 -22.81 3.06
N GLU C 145 -17.48 -22.58 4.36
CA GLU C 145 -16.44 -23.28 5.12
C GLU C 145 -16.70 -24.77 5.16
N MET C 146 -17.97 -25.18 5.15
CA MET C 146 -18.30 -26.60 5.08
C MET C 146 -17.93 -27.18 3.71
N GLU C 147 -18.24 -26.46 2.63
CA GLU C 147 -17.88 -26.93 1.31
C GLU C 147 -16.37 -27.04 1.14
N LYS C 148 -15.61 -26.16 1.78
CA LYS C 148 -14.15 -26.23 1.69
C LYS C 148 -13.62 -27.52 2.30
N ARG C 149 -14.34 -28.11 3.26
CA ARG C 149 -13.92 -29.32 3.94
C ARG C 149 -14.65 -30.56 3.45
N VAL C 150 -15.31 -30.47 2.30
CA VAL C 150 -16.05 -31.57 1.67
C VAL C 150 -16.91 -32.31 2.68
N ILE C 151 -17.49 -31.59 3.64
CA ILE C 151 -18.52 -32.15 4.51
C ILE C 151 -19.91 -31.69 4.09
N LEU C 152 -20.02 -30.80 3.11
CA LEU C 152 -21.29 -30.33 2.57
C LEU C 152 -21.17 -30.28 1.05
N GLY C 153 -22.19 -30.76 0.37
CA GLY C 153 -22.13 -30.80 -1.08
C GLY C 153 -23.35 -31.48 -1.67
N GLU C 154 -23.38 -31.52 -3.00
CA GLU C 154 -24.51 -32.10 -3.72
C GLU C 154 -24.72 -33.57 -3.36
N GLY C 155 -23.65 -34.28 -3.01
CA GLY C 155 -23.76 -35.68 -2.66
C GLY C 155 -23.59 -35.93 -1.17
N LYS C 156 -23.14 -34.91 -0.45
CA LYS C 156 -22.86 -34.99 0.98
C LYS C 156 -23.83 -34.05 1.71
N LEU C 157 -25.05 -34.52 1.92
CA LEU C 157 -26.06 -33.79 2.66
C LEU C 157 -26.26 -34.32 4.07
N ASP C 158 -25.42 -35.27 4.50
CA ASP C 158 -25.68 -35.97 5.76
C ASP C 158 -25.49 -35.07 6.97
N ILE C 159 -24.40 -34.29 7.00
CA ILE C 159 -24.14 -33.44 8.15
C ILE C 159 -25.13 -32.29 8.20
N LEU C 160 -25.44 -31.69 7.05
CA LEU C 160 -26.48 -30.66 6.99
C LEU C 160 -27.80 -31.22 7.48
N LYS C 161 -28.15 -32.43 7.06
CA LYS C 161 -29.39 -33.06 7.51
C LYS C 161 -29.37 -33.29 9.02
N ARG C 162 -28.23 -33.72 9.57
CA ARG C 162 -28.13 -33.93 11.01
C ARG C 162 -28.39 -32.63 11.77
N VAL C 163 -27.69 -31.56 11.39
CA VAL C 163 -27.83 -30.30 12.11
C VAL C 163 -29.25 -29.75 11.96
N CYS C 164 -29.81 -29.82 10.75
CA CYS C 164 -31.16 -29.29 10.55
C CYS C 164 -32.20 -30.11 11.32
N ALA C 165 -32.06 -31.44 11.32
CA ALA C 165 -32.96 -32.28 12.09
C ALA C 165 -32.86 -31.98 13.58
N GLN C 166 -31.65 -31.66 14.06
CA GLN C 166 -31.52 -31.24 15.44
C GLN C 166 -32.18 -29.89 15.67
N ILE C 167 -32.25 -29.04 14.64
CA ILE C 167 -32.79 -27.69 14.79
C ILE C 167 -34.29 -27.64 14.49
N ASN C 168 -34.66 -27.90 13.23
CA ASN C 168 -36.02 -27.61 12.78
C ASN C 168 -36.45 -28.60 11.71
N LYS C 169 -37.77 -28.76 11.58
CA LYS C 169 -38.37 -29.69 10.64
C LYS C 169 -38.51 -29.11 9.23
N SER C 170 -38.83 -27.81 9.13
CA SER C 170 -38.99 -27.19 7.82
C SER C 170 -37.69 -27.20 7.03
N LEU C 171 -36.54 -27.14 7.73
CA LEU C 171 -35.26 -27.24 7.03
C LEU C 171 -35.10 -28.62 6.40
N LEU C 172 -35.44 -29.68 7.14
CA LEU C 172 -35.42 -31.02 6.57
C LEU C 172 -36.38 -31.12 5.39
N LYS C 173 -37.53 -30.45 5.49
CA LYS C 173 -38.47 -30.45 4.36
C LYS C 173 -37.85 -29.79 3.14
N ILE C 174 -37.15 -28.67 3.34
CA ILE C 174 -36.49 -27.99 2.23
C ILE C 174 -35.44 -28.90 1.59
N ILE C 175 -34.63 -29.56 2.43
CA ILE C 175 -33.59 -30.44 1.90
C ILE C 175 -34.21 -31.58 1.08
N ASN C 176 -35.23 -32.23 1.63
CA ASN C 176 -35.82 -33.38 0.94
C ASN C 176 -36.58 -32.95 -0.31
N ASP C 177 -37.21 -31.77 -0.29
CA ASP C 177 -37.89 -31.27 -1.48
C ASP C 177 -36.89 -30.93 -2.58
N TYR C 178 -35.73 -30.40 -2.21
CA TYR C 178 -34.66 -30.21 -3.18
C TYR C 178 -34.19 -31.54 -3.75
N GLU C 179 -34.03 -32.55 -2.89
CA GLU C 179 -33.43 -33.81 -3.34
C GLU C 179 -34.27 -34.45 -4.44
N GLU C 180 -35.59 -34.43 -4.31
CA GLU C 180 -36.45 -35.00 -5.34
C GLU C 180 -36.57 -34.05 -6.53
N ASP D 2 -18.26 -29.80 47.89
CA ASP D 2 -18.83 -29.16 46.71
C ASP D 2 -19.52 -27.86 47.09
N PHE D 3 -18.71 -26.81 47.31
CA PHE D 3 -19.23 -25.54 47.81
C PHE D 3 -20.10 -24.84 46.78
N SER D 4 -19.66 -24.82 45.51
CA SER D 4 -20.41 -24.11 44.48
C SER D 4 -21.78 -24.73 44.24
N ARG D 5 -21.82 -26.05 44.01
CA ARG D 5 -23.10 -26.72 43.80
C ARG D 5 -23.97 -26.64 45.05
N ASN D 6 -23.36 -26.63 46.23
CA ASN D 6 -24.13 -26.43 47.46
C ASN D 6 -24.80 -25.06 47.47
N LEU D 7 -24.06 -24.03 47.05
CA LEU D 7 -24.63 -22.68 46.98
C LEU D 7 -25.75 -22.62 45.96
N TYR D 8 -25.58 -23.29 44.81
CA TYR D 8 -26.64 -23.31 43.81
C TYR D 8 -27.88 -24.01 44.35
N ASP D 9 -27.71 -25.11 45.07
CA ASP D 9 -28.85 -25.82 45.65
C ASP D 9 -29.55 -24.97 46.71
N ILE D 10 -28.78 -24.27 47.55
CA ILE D 10 -29.39 -23.36 48.52
C ILE D 10 -30.16 -22.26 47.82
N GLY D 11 -29.62 -21.75 46.71
CA GLY D 11 -30.31 -20.72 45.95
C GLY D 11 -31.59 -21.21 45.31
N GLU D 12 -31.62 -22.49 44.91
CA GLU D 12 -32.81 -23.06 44.29
C GLU D 12 -33.99 -23.17 45.25
N GLN D 13 -33.78 -22.98 46.54
CA GLN D 13 -34.86 -23.10 47.53
C GLN D 13 -35.45 -21.77 47.97
N LEU D 14 -34.88 -20.64 47.56
CA LEU D 14 -35.37 -19.33 47.98
C LEU D 14 -36.25 -18.74 46.89
N ASP D 15 -37.46 -18.34 47.26
CA ASP D 15 -38.42 -17.74 46.34
C ASP D 15 -38.25 -16.22 46.32
N SER D 16 -39.17 -15.54 45.62
CA SER D 16 -39.06 -14.09 45.45
C SER D 16 -39.20 -13.35 46.78
N GLU D 17 -40.05 -13.84 47.68
CA GLU D 17 -40.18 -13.19 48.98
C GLU D 17 -38.91 -13.34 49.81
N ASP D 18 -38.36 -14.56 49.84
CA ASP D 18 -37.09 -14.76 50.53
C ASP D 18 -35.98 -13.94 49.91
N LEU D 19 -36.00 -13.80 48.59
CA LEU D 19 -34.97 -13.00 47.92
C LEU D 19 -35.11 -11.52 48.27
N ALA D 20 -36.34 -11.00 48.28
CA ALA D 20 -36.55 -9.61 48.68
C ALA D 20 -36.09 -9.38 50.12
N SER D 21 -36.42 -10.33 51.02
CA SER D 21 -35.98 -10.22 52.40
C SER D 21 -34.46 -10.22 52.50
N LEU D 22 -33.80 -11.12 51.78
CA LEU D 22 -32.35 -11.18 51.80
C LEU D 22 -31.72 -9.89 51.27
N LYS D 23 -32.28 -9.37 50.18
CA LYS D 23 -31.75 -8.14 49.60
C LYS D 23 -31.92 -6.95 50.55
N PHE D 24 -33.04 -6.90 51.27
CA PHE D 24 -33.21 -5.86 52.27
C PHE D 24 -32.24 -6.04 53.42
N LEU D 25 -32.07 -7.27 53.89
CA LEU D 25 -31.15 -7.56 54.99
C LEU D 25 -29.70 -7.30 54.61
N SER D 26 -29.39 -7.26 53.31
CA SER D 26 -28.04 -7.01 52.82
C SER D 26 -27.86 -5.59 52.29
N LEU D 27 -28.80 -4.68 52.61
CA LEU D 27 -28.72 -3.32 52.10
C LEU D 27 -27.47 -2.60 52.59
N ASP D 28 -26.97 -2.95 53.77
CA ASP D 28 -25.81 -2.27 54.32
C ASP D 28 -24.50 -2.73 53.70
N TYR D 29 -24.51 -3.73 52.83
CA TYR D 29 -23.30 -4.23 52.19
C TYR D 29 -23.37 -4.29 50.67
N ILE D 30 -24.56 -4.41 50.08
CA ILE D 30 -24.72 -4.45 48.63
C ILE D 30 -25.51 -3.22 48.21
N PRO D 31 -24.89 -2.28 47.50
CA PRO D 31 -25.56 -1.01 47.19
C PRO D 31 -26.73 -1.19 46.22
N GLN D 32 -27.47 -0.09 46.05
CA GLN D 32 -28.69 -0.11 45.25
C GLN D 32 -28.43 -0.57 43.82
N ARG D 33 -27.42 0.04 43.18
CA ARG D 33 -27.15 -0.28 41.78
C ARG D 33 -26.84 -1.75 41.59
N LYS D 34 -26.05 -2.34 42.48
CA LYS D 34 -25.75 -3.76 42.39
C LYS D 34 -26.93 -4.62 42.82
N GLN D 35 -27.83 -4.09 43.66
CA GLN D 35 -28.98 -4.87 44.11
C GLN D 35 -30.08 -4.94 43.05
N GLU D 36 -30.19 -3.92 42.21
CA GLU D 36 -31.27 -3.88 41.23
C GLU D 36 -31.30 -5.10 40.31
N PRO D 37 -30.19 -5.52 39.68
CA PRO D 37 -30.25 -6.66 38.77
C PRO D 37 -30.23 -8.02 39.46
N ILE D 38 -30.25 -8.08 40.78
CA ILE D 38 -30.26 -9.35 41.49
C ILE D 38 -31.65 -9.95 41.34
N LYS D 39 -31.77 -11.00 40.53
CA LYS D 39 -33.05 -11.63 40.25
C LYS D 39 -33.13 -13.05 40.79
N ASP D 40 -32.05 -13.58 41.37
CA ASP D 40 -32.08 -14.87 42.02
C ASP D 40 -31.10 -14.84 43.19
N ALA D 41 -31.18 -15.88 44.03
CA ALA D 41 -30.35 -15.92 45.23
C ALA D 41 -28.88 -16.12 44.90
N LEU D 42 -28.58 -16.84 43.82
CA LEU D 42 -27.18 -17.11 43.47
C LEU D 42 -26.43 -15.83 43.11
N MET D 43 -27.11 -14.85 42.52
CA MET D 43 -26.45 -13.59 42.20
C MET D 43 -26.10 -12.80 43.46
N LEU D 44 -27.01 -12.80 44.44
CA LEU D 44 -26.70 -12.17 45.73
C LEU D 44 -25.54 -12.90 46.41
N PHE D 45 -25.53 -14.24 46.31
CA PHE D 45 -24.42 -15.01 46.85
C PHE D 45 -23.12 -14.62 46.16
N GLN D 46 -23.17 -14.39 44.85
CA GLN D 46 -21.98 -13.98 44.09
C GLN D 46 -21.50 -12.61 44.54
N ARG D 47 -22.41 -11.66 44.69
CA ARG D 47 -22.04 -10.33 45.16
C ARG D 47 -21.46 -10.39 46.57
N LEU D 48 -21.93 -11.32 47.40
CA LEU D 48 -21.34 -11.48 48.73
C LEU D 48 -19.95 -12.09 48.64
N GLN D 49 -19.77 -13.08 47.76
CA GLN D 49 -18.44 -13.67 47.55
C GLN D 49 -17.44 -12.63 47.09
N GLU D 50 -17.87 -11.70 46.24
CA GLU D 50 -16.96 -10.66 45.76
C GLU D 50 -16.48 -9.76 46.90
N LYS D 51 -17.30 -9.57 47.92
CA LYS D 51 -16.90 -8.81 49.10
C LYS D 51 -16.25 -9.69 50.17
N ARG D 52 -16.01 -10.97 49.86
CA ARG D 52 -15.39 -11.96 50.73
C ARG D 52 -16.23 -12.28 51.96
N MET D 53 -17.50 -11.88 51.97
CA MET D 53 -18.40 -12.21 53.07
C MET D 53 -19.02 -13.59 52.92
N LEU D 54 -18.61 -14.34 51.90
CA LEU D 54 -19.12 -15.70 51.69
C LEU D 54 -18.02 -16.52 51.05
N GLU D 55 -17.41 -17.42 51.82
CA GLU D 55 -16.40 -18.33 51.32
C GLU D 55 -16.64 -19.70 51.94
N GLU D 56 -15.92 -20.71 51.43
CA GLU D 56 -16.05 -22.05 51.98
C GLU D 56 -15.61 -22.10 53.44
N SER D 57 -14.80 -21.14 53.88
CA SER D 57 -14.34 -21.06 55.26
C SER D 57 -14.86 -19.81 55.96
N ASN D 58 -15.93 -19.21 55.42
CA ASN D 58 -16.56 -18.02 56.00
C ASN D 58 -18.05 -18.08 55.64
N LEU D 59 -18.76 -19.01 56.27
CA LEU D 59 -20.20 -19.18 56.09
C LEU D 59 -21.03 -18.34 57.06
N SER D 60 -20.39 -17.43 57.80
CA SER D 60 -21.09 -16.73 58.88
C SER D 60 -22.25 -15.90 58.35
N PHE D 61 -22.00 -15.07 57.34
CA PHE D 61 -23.04 -14.16 56.86
C PHE D 61 -24.19 -14.91 56.19
N LEU D 62 -23.87 -16.00 55.47
CA LEU D 62 -24.92 -16.81 54.85
C LEU D 62 -25.79 -17.47 55.90
N LYS D 63 -25.18 -18.05 56.94
CA LYS D 63 -25.95 -18.66 58.02
C LYS D 63 -26.80 -17.62 58.73
N GLU D 64 -26.26 -16.41 58.94
CA GLU D 64 -27.04 -15.35 59.59
C GLU D 64 -28.24 -14.96 58.74
N LEU D 65 -28.03 -14.77 57.44
CA LEU D 65 -29.14 -14.42 56.54
C LEU D 65 -30.21 -15.51 56.55
N LEU D 66 -29.80 -16.78 56.44
CA LEU D 66 -30.77 -17.86 56.38
C LEU D 66 -31.49 -18.05 57.71
N PHE D 67 -30.82 -17.81 58.84
CA PHE D 67 -31.46 -17.92 60.13
C PHE D 67 -32.45 -16.79 60.35
N ARG D 68 -32.14 -15.59 59.86
CA ARG D 68 -33.01 -14.44 60.11
C ARG D 68 -34.29 -14.50 59.30
N ILE D 69 -34.30 -15.21 58.16
CA ILE D 69 -35.51 -15.35 57.35
C ILE D 69 -36.23 -16.63 57.73
N ASN D 70 -35.81 -17.26 58.83
CA ASN D 70 -36.51 -18.40 59.42
C ASN D 70 -36.51 -19.62 58.49
N ARG D 71 -35.45 -19.80 57.71
CA ARG D 71 -35.29 -21.01 56.92
C ARG D 71 -34.39 -22.00 57.65
N LEU D 72 -34.88 -22.42 58.83
CA LEU D 72 -34.14 -23.36 59.65
C LEU D 72 -33.99 -24.72 58.99
N ASP D 73 -34.96 -25.11 58.16
CA ASP D 73 -34.85 -26.39 57.45
C ASP D 73 -33.66 -26.39 56.51
N LEU D 74 -33.49 -25.32 55.72
CA LEU D 74 -32.35 -25.22 54.83
C LEU D 74 -31.04 -25.15 55.61
N LEU D 75 -31.05 -24.42 56.73
CA LEU D 75 -29.87 -24.32 57.57
C LEU D 75 -29.43 -25.69 58.09
N ILE D 76 -30.39 -26.51 58.52
CA ILE D 76 -30.05 -27.82 59.05
C ILE D 76 -29.66 -28.78 57.92
N THR D 77 -30.23 -28.58 56.72
CA THR D 77 -30.00 -29.54 55.65
C THR D 77 -28.69 -29.28 54.92
N TYR D 78 -28.47 -28.05 54.43
CA TYR D 78 -27.35 -27.79 53.54
C TYR D 78 -26.10 -27.28 54.24
N LEU D 79 -26.24 -26.62 55.39
CA LEU D 79 -25.09 -26.12 56.12
C LEU D 79 -24.84 -26.86 57.42
N ASN D 80 -25.68 -27.84 57.78
CA ASN D 80 -25.50 -28.67 58.96
C ASN D 80 -25.37 -27.80 60.21
N THR D 81 -26.41 -27.00 60.45
CA THR D 81 -26.40 -26.04 61.55
C THR D 81 -27.77 -26.02 62.23
N ARG D 82 -27.77 -26.17 63.54
CA ARG D 82 -29.01 -26.15 64.31
C ARG D 82 -29.34 -24.73 64.76
N LYS D 83 -30.57 -24.56 65.22
CA LYS D 83 -31.01 -23.25 65.69
C LYS D 83 -30.24 -22.83 66.94
N GLU D 84 -29.97 -23.79 67.84
CA GLU D 84 -29.26 -23.47 69.07
C GLU D 84 -27.87 -22.94 68.78
N GLU D 85 -27.18 -23.54 67.81
CA GLU D 85 -25.86 -23.06 67.41
C GLU D 85 -25.93 -21.62 66.92
N MET D 86 -26.95 -21.32 66.12
CA MET D 86 -27.07 -19.98 65.56
C MET D 86 -27.38 -18.96 66.64
N GLU D 87 -28.21 -19.31 67.62
CA GLU D 87 -28.46 -18.39 68.73
C GLU D 87 -27.17 -18.13 69.51
N ARG D 88 -26.47 -19.21 69.90
CA ARG D 88 -25.25 -19.07 70.67
C ARG D 88 -24.22 -18.23 69.93
N GLU D 89 -24.17 -18.36 68.59
CA GLU D 89 -23.22 -17.58 67.81
C GLU D 89 -23.65 -16.12 67.70
N LEU D 90 -24.91 -15.88 67.35
CA LEU D 90 -25.35 -14.53 67.08
C LEU D 90 -25.43 -13.66 68.33
N GLN D 91 -25.54 -14.25 69.53
CA GLN D 91 -25.52 -13.41 70.73
C GLN D 91 -24.14 -13.29 71.36
N THR D 92 -23.10 -13.81 70.73
CA THR D 92 -21.79 -13.46 71.24
C THR D 92 -21.40 -12.08 70.73
N PRO D 93 -20.86 -11.22 71.60
CA PRO D 93 -20.63 -9.81 71.21
C PRO D 93 -19.64 -9.67 70.06
N GLY D 94 -20.12 -9.07 68.97
CA GLY D 94 -19.29 -8.72 67.84
C GLY D 94 -19.50 -9.57 66.60
N ARG D 95 -20.05 -10.78 66.75
CA ARG D 95 -20.12 -11.72 65.64
C ARG D 95 -21.36 -11.54 64.76
N ALA D 96 -22.23 -10.59 65.10
CA ALA D 96 -23.41 -10.32 64.27
C ALA D 96 -23.02 -9.35 63.16
N GLN D 97 -23.06 -9.82 61.92
CA GLN D 97 -22.68 -8.99 60.78
C GLN D 97 -23.82 -8.12 60.27
N ILE D 98 -25.06 -8.52 60.50
CA ILE D 98 -26.22 -7.68 60.18
C ILE D 98 -26.49 -6.77 61.37
N SER D 99 -26.89 -5.53 61.09
CA SER D 99 -27.17 -4.58 62.14
C SER D 99 -28.52 -4.86 62.79
N ALA D 100 -28.63 -4.54 64.09
CA ALA D 100 -29.88 -4.74 64.80
C ALA D 100 -31.01 -3.90 64.22
N TYR D 101 -30.68 -2.73 63.67
CA TYR D 101 -31.68 -1.87 63.03
C TYR D 101 -32.34 -2.57 61.85
N ARG D 102 -31.54 -3.22 61.00
CA ARG D 102 -32.10 -3.94 59.86
C ARG D 102 -32.97 -5.11 60.33
N VAL D 103 -32.53 -5.80 61.39
CA VAL D 103 -33.28 -6.94 61.89
C VAL D 103 -34.63 -6.49 62.47
N MET D 104 -34.66 -5.35 63.18
CA MET D 104 -35.95 -4.90 63.70
C MET D 104 -36.85 -4.45 62.57
N LEU D 105 -36.27 -3.85 61.51
CA LEU D 105 -37.10 -3.45 60.38
C LEU D 105 -37.73 -4.67 59.72
N TYR D 106 -36.95 -5.74 59.56
CA TYR D 106 -37.49 -6.97 58.99
C TYR D 106 -38.56 -7.57 59.90
N GLN D 107 -38.34 -7.53 61.22
CA GLN D 107 -39.33 -8.07 62.15
C GLN D 107 -40.62 -7.26 62.11
N ILE D 108 -40.50 -5.93 61.96
CA ILE D 108 -41.68 -5.08 61.86
C ILE D 108 -42.42 -5.35 60.56
N SER D 109 -41.68 -5.67 59.48
CA SER D 109 -42.36 -6.04 58.24
C SER D 109 -43.05 -7.40 58.37
N GLU D 110 -42.48 -8.30 59.16
CA GLU D 110 -43.08 -9.62 59.35
C GLU D 110 -44.35 -9.56 60.20
N GLU D 111 -44.58 -8.47 60.92
CA GLU D 111 -45.72 -8.33 61.82
C GLU D 111 -46.80 -7.40 61.28
N VAL D 112 -46.73 -7.01 60.01
CA VAL D 112 -47.68 -6.09 59.41
C VAL D 112 -48.45 -6.84 58.33
N SER D 113 -49.77 -6.94 58.51
CA SER D 113 -50.65 -7.62 57.56
C SER D 113 -51.01 -6.67 56.42
N ARG D 114 -51.98 -7.06 55.59
CA ARG D 114 -52.37 -6.23 54.45
C ARG D 114 -53.01 -4.92 54.93
N SER D 115 -54.02 -5.03 55.79
CA SER D 115 -54.70 -3.82 56.26
C SER D 115 -53.75 -2.92 57.03
N GLU D 116 -52.87 -3.51 57.85
CA GLU D 116 -51.88 -2.72 58.55
C GLU D 116 -50.90 -2.08 57.58
N LEU D 117 -50.60 -2.76 56.46
CA LEU D 117 -49.72 -2.17 55.45
C LEU D 117 -50.38 -0.96 54.79
N ARG D 118 -51.67 -1.08 54.44
CA ARG D 118 -52.38 0.05 53.85
C ARG D 118 -52.47 1.21 54.84
N SER D 119 -52.69 0.90 56.12
CA SER D 119 -52.73 1.95 57.13
C SER D 119 -51.37 2.60 57.29
N PHE D 120 -50.30 1.82 57.21
CA PHE D 120 -48.95 2.37 57.29
C PHE D 120 -48.69 3.32 56.13
N LYS D 121 -49.08 2.91 54.92
CA LYS D 121 -48.94 3.80 53.77
C LYS D 121 -49.76 5.07 53.95
N GLY D 122 -50.96 4.95 54.54
CA GLY D 122 -51.75 6.13 54.84
C GLY D 122 -51.06 7.04 55.84
N GLY D 123 -50.32 6.45 56.80
CA GLY D 123 -49.66 7.25 57.80
C GLY D 123 -48.53 8.09 57.24
N LEU D 124 -47.87 7.59 56.18
CA LEU D 124 -46.73 8.28 55.60
C LEU D 124 -47.12 9.12 54.39
N GLN D 125 -48.39 9.53 54.30
CA GLN D 125 -48.86 10.30 53.16
C GLN D 125 -48.25 11.69 53.12
N GLU D 126 -47.74 12.19 54.25
CA GLU D 126 -47.29 13.57 54.31
C GLU D 126 -45.80 13.72 54.01
N GLU D 127 -45.03 12.63 54.11
CA GLU D 127 -43.60 12.67 53.85
C GLU D 127 -43.16 11.80 52.68
N ILE D 128 -44.10 11.16 51.97
CA ILE D 128 -43.76 10.29 50.85
C ILE D 128 -44.70 10.59 49.69
N SER D 129 -44.16 10.63 48.48
CA SER D 129 -44.94 10.91 47.29
C SER D 129 -46.00 9.82 47.07
N LYS D 130 -47.02 10.16 46.29
CA LYS D 130 -48.14 9.25 46.10
C LYS D 130 -47.75 8.01 45.29
N CYS D 131 -46.86 8.17 44.31
CA CYS D 131 -46.45 7.03 43.51
C CYS D 131 -45.59 6.07 44.31
N LYS D 132 -44.86 6.55 45.32
CA LYS D 132 -44.08 5.69 46.18
C LYS D 132 -44.90 5.09 47.31
N LEU D 133 -46.22 5.24 47.26
CA LEU D 133 -47.14 4.61 48.21
C LEU D 133 -48.19 3.81 47.46
N ASP D 134 -47.77 3.11 46.41
CA ASP D 134 -48.70 2.33 45.60
C ASP D 134 -48.92 0.96 46.21
N ASP D 135 -50.01 0.32 45.79
CA ASP D 135 -50.39 -0.97 46.38
C ASP D 135 -49.35 -2.05 46.11
N ASP D 136 -48.60 -1.95 45.01
CA ASP D 136 -47.64 -2.98 44.64
C ASP D 136 -46.36 -2.93 45.47
N MET D 137 -46.29 -2.08 46.48
CA MET D 137 -45.10 -1.93 47.30
C MET D 137 -45.32 -2.57 48.66
N ASN D 138 -44.29 -3.27 49.14
CA ASN D 138 -44.32 -3.84 50.47
C ASN D 138 -43.74 -2.86 51.48
N LEU D 139 -43.72 -3.27 52.75
CA LEU D 139 -43.29 -2.36 53.80
C LEU D 139 -41.79 -2.09 53.74
N LEU D 140 -41.01 -3.05 53.26
CA LEU D 140 -39.56 -2.85 53.21
C LEU D 140 -39.17 -1.79 52.19
N ASP D 141 -39.86 -1.75 51.05
CA ASP D 141 -39.62 -0.68 50.09
C ASP D 141 -39.97 0.68 50.66
N ILE D 142 -41.03 0.72 51.49
CA ILE D 142 -41.39 1.98 52.15
C ILE D 142 -40.32 2.38 53.15
N PHE D 143 -39.74 1.39 53.85
CA PHE D 143 -38.62 1.68 54.74
C PHE D 143 -37.45 2.28 53.97
N ILE D 144 -37.16 1.71 52.80
CA ILE D 144 -36.08 2.22 51.96
C ILE D 144 -36.38 3.65 51.53
N GLU D 145 -37.61 3.91 51.10
CA GLU D 145 -37.97 5.26 50.65
C GLU D 145 -37.91 6.27 51.79
N MET D 146 -38.23 5.84 53.02
CA MET D 146 -38.06 6.74 54.16
C MET D 146 -36.58 7.00 54.42
N GLU D 147 -35.74 5.96 54.35
CA GLU D 147 -34.31 6.15 54.54
C GLU D 147 -33.73 7.10 53.50
N LYS D 148 -34.27 7.07 52.26
CA LYS D 148 -33.79 7.98 51.23
C LYS D 148 -34.06 9.44 51.59
N ARG D 149 -35.11 9.69 52.39
CA ARG D 149 -35.48 11.03 52.82
C ARG D 149 -35.07 11.31 54.25
N VAL D 150 -34.13 10.52 54.79
CA VAL D 150 -33.56 10.64 56.13
C VAL D 150 -34.63 10.90 57.19
N ILE D 151 -35.80 10.28 57.02
CA ILE D 151 -36.80 10.25 58.09
C ILE D 151 -36.82 8.92 58.83
N LEU D 152 -36.01 7.95 58.39
CA LEU D 152 -35.89 6.67 59.08
C LEU D 152 -34.43 6.28 59.16
N GLY D 153 -34.01 5.83 60.34
CA GLY D 153 -32.63 5.46 60.60
C GLY D 153 -32.45 5.15 62.06
N GLU D 154 -31.23 4.73 62.40
CA GLU D 154 -30.95 4.38 63.80
C GLU D 154 -31.16 5.57 64.73
N GLY D 155 -30.94 6.79 64.23
CA GLY D 155 -31.10 7.97 65.06
C GLY D 155 -32.34 8.78 64.73
N LYS D 156 -33.17 8.26 63.81
CA LYS D 156 -34.37 8.95 63.34
C LYS D 156 -35.52 7.94 63.33
N LEU D 157 -36.05 7.63 64.51
CA LEU D 157 -37.13 6.66 64.67
C LEU D 157 -38.47 7.32 64.97
N ASP D 158 -38.55 8.65 64.92
CA ASP D 158 -39.74 9.34 65.41
C ASP D 158 -40.94 9.09 64.52
N ILE D 159 -40.77 9.17 63.20
CA ILE D 159 -41.90 8.98 62.29
C ILE D 159 -42.34 7.52 62.27
N LEU D 160 -41.38 6.60 62.25
CA LEU D 160 -41.72 5.18 62.37
C LEU D 160 -42.49 4.91 63.66
N LYS D 161 -42.02 5.48 64.77
CA LYS D 161 -42.69 5.29 66.05
C LYS D 161 -44.12 5.85 66.00
N ARG D 162 -44.29 7.03 65.42
CA ARG D 162 -45.62 7.62 65.33
C ARG D 162 -46.56 6.73 64.52
N VAL D 163 -46.13 6.30 63.33
CA VAL D 163 -47.00 5.49 62.48
C VAL D 163 -47.34 4.16 63.16
N CYS D 164 -46.34 3.52 63.77
CA CYS D 164 -46.58 2.24 64.41
C CYS D 164 -47.53 2.39 65.60
N ALA D 165 -47.37 3.46 66.39
CA ALA D 165 -48.30 3.73 67.47
C ALA D 165 -49.70 3.99 66.94
N GLN D 166 -49.82 4.61 65.76
CA GLN D 166 -51.12 4.76 65.13
C GLN D 166 -51.69 3.41 64.72
N ILE D 167 -50.83 2.44 64.42
CA ILE D 167 -51.30 1.15 63.92
C ILE D 167 -51.50 0.12 65.02
N ASN D 168 -50.41 -0.29 65.66
CA ASN D 168 -50.47 -1.45 66.54
C ASN D 168 -49.46 -1.31 67.67
N LYS D 169 -49.67 -2.09 68.73
CA LYS D 169 -48.87 -2.05 69.94
C LYS D 169 -47.59 -2.88 69.83
N SER D 170 -47.68 -4.09 69.28
CA SER D 170 -46.53 -4.98 69.24
C SER D 170 -45.41 -4.42 68.37
N LEU D 171 -45.76 -3.64 67.35
CA LEU D 171 -44.73 -3.01 66.53
C LEU D 171 -43.92 -2.02 67.35
N LEU D 172 -44.62 -1.18 68.13
CA LEU D 172 -43.93 -0.25 69.03
C LEU D 172 -43.11 -1.00 70.07
N LYS D 173 -43.61 -2.14 70.55
CA LYS D 173 -42.85 -2.94 71.49
C LYS D 173 -41.55 -3.44 70.86
N ILE D 174 -41.61 -3.89 69.61
CA ILE D 174 -40.40 -4.33 68.91
C ILE D 174 -39.43 -3.15 68.75
N ILE D 175 -39.95 -1.98 68.41
CA ILE D 175 -39.10 -0.80 68.26
C ILE D 175 -38.35 -0.52 69.56
N ASN D 176 -39.08 -0.50 70.68
CA ASN D 176 -38.45 -0.22 71.96
C ASN D 176 -37.51 -1.33 72.39
N ASP D 177 -37.82 -2.58 72.03
CA ASP D 177 -36.93 -3.69 72.37
C ASP D 177 -35.60 -3.56 71.64
N TYR D 178 -35.63 -3.12 70.39
CA TYR D 178 -34.38 -2.80 69.71
C TYR D 178 -33.68 -1.63 70.37
N GLU D 179 -34.43 -0.57 70.68
CA GLU D 179 -33.85 0.67 71.17
C GLU D 179 -33.13 0.45 72.50
N GLU D 180 -33.72 -0.33 73.40
CA GLU D 180 -33.12 -0.53 74.71
C GLU D 180 -31.90 -1.45 74.65
N PHE D 181 -31.97 -2.52 73.87
CA PHE D 181 -30.94 -3.56 73.89
C PHE D 181 -29.85 -3.36 72.85
N SER D 182 -30.02 -2.44 71.91
CA SER D 182 -29.02 -2.22 70.87
C SER D 182 -28.91 -0.76 70.48
N MET E 4 -1.43 -13.06 -36.88
CA MET E 4 -1.06 -12.26 -35.73
C MET E 4 -0.42 -10.95 -36.13
N SER E 5 -0.62 -9.93 -35.30
CA SER E 5 -0.08 -8.60 -35.58
C SER E 5 0.16 -7.89 -34.25
N ALA E 6 1.00 -6.86 -34.30
CA ALA E 6 1.33 -6.12 -33.08
C ALA E 6 0.13 -5.35 -32.55
N GLU E 7 -0.87 -5.06 -33.40
CA GLU E 7 -2.06 -4.37 -32.93
C GLU E 7 -2.87 -5.25 -31.97
N VAL E 8 -3.01 -6.54 -32.30
CA VAL E 8 -3.69 -7.47 -31.41
C VAL E 8 -2.94 -7.60 -30.10
N ILE E 9 -1.61 -7.69 -30.17
CA ILE E 9 -0.81 -7.82 -28.95
C ILE E 9 -0.97 -6.57 -28.09
N HIS E 10 -0.99 -5.40 -28.72
CA HIS E 10 -1.14 -4.15 -27.98
C HIS E 10 -2.50 -4.08 -27.30
N GLN E 11 -3.56 -4.47 -28.01
CA GLN E 11 -4.90 -4.46 -27.43
C GLN E 11 -4.98 -5.40 -26.23
N VAL E 12 -4.47 -6.63 -26.40
CA VAL E 12 -4.48 -7.59 -25.29
C VAL E 12 -3.67 -7.06 -24.12
N GLU E 13 -2.49 -6.48 -24.40
CA GLU E 13 -1.63 -5.94 -23.37
C GLU E 13 -2.34 -4.84 -22.58
N GLU E 14 -3.08 -3.97 -23.28
CA GLU E 14 -3.78 -2.90 -22.60
C GLU E 14 -5.00 -3.40 -21.84
N ALA E 15 -5.58 -4.53 -22.25
CA ALA E 15 -6.79 -5.01 -21.59
C ALA E 15 -6.51 -5.74 -20.28
N LEU E 16 -5.38 -6.41 -20.15
CA LEU E 16 -5.08 -7.17 -18.94
C LEU E 16 -4.64 -6.26 -17.79
N ASP E 17 -4.91 -6.73 -16.57
CA ASP E 17 -4.44 -6.09 -15.35
C ASP E 17 -3.26 -6.88 -14.78
N THR E 18 -2.75 -6.43 -13.63
CA THR E 18 -1.52 -6.98 -13.09
C THR E 18 -1.65 -8.47 -12.79
N ASP E 19 -2.73 -8.86 -12.11
CA ASP E 19 -2.94 -10.27 -11.78
C ASP E 19 -3.04 -11.12 -13.04
N GLU E 20 -3.81 -10.65 -14.04
CA GLU E 20 -3.95 -11.41 -15.27
C GLU E 20 -2.62 -11.49 -16.01
N LYS E 21 -1.81 -10.43 -15.95
CA LYS E 21 -0.48 -10.45 -16.57
C LYS E 21 0.40 -11.50 -15.91
N GLU E 22 0.42 -11.52 -14.57
CA GLU E 22 1.19 -12.54 -13.86
C GLU E 22 0.71 -13.94 -14.20
N MET E 23 -0.60 -14.13 -14.30
CA MET E 23 -1.12 -15.45 -14.65
C MET E 23 -0.70 -15.85 -16.05
N LEU E 24 -0.72 -14.91 -16.99
CA LEU E 24 -0.26 -15.21 -18.35
C LEU E 24 1.21 -15.61 -18.35
N LEU E 25 2.03 -14.88 -17.60
CA LEU E 25 3.45 -15.23 -17.50
C LEU E 25 3.64 -16.63 -16.93
N PHE E 26 2.91 -16.95 -15.85
CA PHE E 26 3.02 -18.27 -15.25
C PHE E 26 2.57 -19.36 -16.21
N LEU E 27 1.45 -19.14 -16.92
CA LEU E 27 0.97 -20.14 -17.86
C LEU E 27 1.97 -20.35 -18.99
N CYS E 28 2.62 -19.29 -19.44
CA CYS E 28 3.60 -19.40 -20.51
C CYS E 28 4.99 -19.79 -20.00
N ARG E 29 5.15 -20.00 -18.69
CA ARG E 29 6.42 -20.47 -18.15
C ARG E 29 6.90 -21.76 -18.80
N ASP E 30 6.00 -22.57 -19.36
CA ASP E 30 6.39 -23.83 -19.97
C ASP E 30 6.85 -23.66 -21.41
N VAL E 31 6.17 -22.80 -22.18
CA VAL E 31 6.55 -22.59 -23.57
C VAL E 31 7.86 -21.80 -23.64
N ALA E 32 8.00 -20.76 -22.82
CA ALA E 32 9.20 -19.93 -22.76
C ALA E 32 9.82 -20.11 -21.37
N ILE E 33 10.57 -21.19 -21.20
CA ILE E 33 11.10 -21.56 -19.90
C ILE E 33 12.56 -21.11 -19.78
N ASP E 34 13.25 -21.00 -20.92
CA ASP E 34 14.64 -20.59 -20.89
C ASP E 34 14.80 -19.11 -20.57
N VAL E 35 13.78 -18.30 -20.83
CA VAL E 35 13.84 -16.86 -20.62
C VAL E 35 12.80 -16.48 -19.58
N VAL E 36 13.04 -15.33 -18.94
CA VAL E 36 12.11 -14.73 -18.01
C VAL E 36 11.61 -13.40 -18.59
N PRO E 37 10.44 -13.39 -19.21
CA PRO E 37 9.92 -12.15 -19.81
C PRO E 37 9.57 -11.13 -18.76
N PRO E 38 10.00 -9.87 -18.92
CA PRO E 38 9.68 -8.86 -17.89
C PRO E 38 8.21 -8.46 -17.87
N ASN E 39 7.59 -8.24 -19.02
CA ASN E 39 6.20 -7.83 -19.11
C ASN E 39 5.47 -8.71 -20.11
N VAL E 40 4.15 -8.50 -20.23
CA VAL E 40 3.33 -9.37 -21.04
C VAL E 40 3.48 -9.09 -22.54
N ARG E 41 3.77 -7.83 -22.92
CA ARG E 41 4.01 -7.53 -24.32
C ARG E 41 5.26 -8.25 -24.82
N ASP E 42 6.33 -8.20 -24.03
CA ASP E 42 7.54 -8.96 -24.37
C ASP E 42 7.24 -10.45 -24.43
N LEU E 43 6.38 -10.95 -23.52
CA LEU E 43 6.03 -12.37 -23.55
C LEU E 43 5.33 -12.74 -24.84
N LEU E 44 4.38 -11.91 -25.29
CA LEU E 44 3.68 -12.20 -26.54
C LEU E 44 4.62 -12.10 -27.74
N ASP E 45 5.55 -11.13 -27.72
CA ASP E 45 6.53 -11.05 -28.81
C ASP E 45 7.42 -12.29 -28.83
N ILE E 46 7.80 -12.78 -27.65
CA ILE E 46 8.61 -13.99 -27.56
C ILE E 46 7.84 -15.20 -28.07
N LEU E 47 6.56 -15.30 -27.71
CA LEU E 47 5.74 -16.42 -28.18
C LEU E 47 5.58 -16.37 -29.69
N ARG E 48 5.45 -15.17 -30.26
CA ARG E 48 5.34 -15.05 -31.71
C ARG E 48 6.66 -15.39 -32.39
N GLU E 49 7.78 -14.96 -31.81
CA GLU E 49 9.09 -15.28 -32.39
C GLU E 49 9.37 -16.77 -32.34
N ARG E 50 8.90 -17.46 -31.28
CA ARG E 50 9.01 -18.91 -31.20
C ARG E 50 7.97 -19.63 -32.06
N GLY E 51 7.10 -18.88 -32.76
CA GLY E 51 6.06 -19.47 -33.57
C GLY E 51 4.89 -20.04 -32.79
N LYS E 52 4.95 -20.07 -31.47
CA LYS E 52 3.90 -20.65 -30.63
C LYS E 52 2.84 -19.64 -30.25
N LEU E 53 2.47 -18.75 -31.16
CA LEU E 53 1.46 -17.73 -30.89
C LEU E 53 0.68 -17.44 -32.17
N SER E 54 -0.18 -18.38 -32.56
CA SER E 54 -1.13 -18.10 -33.62
C SER E 54 -2.33 -17.38 -33.01
N VAL E 55 -3.37 -17.14 -33.82
CA VAL E 55 -4.60 -16.57 -33.28
C VAL E 55 -5.26 -17.55 -32.31
N GLY E 56 -5.20 -18.86 -32.61
CA GLY E 56 -5.74 -19.85 -31.71
C GLY E 56 -5.00 -19.95 -30.39
N ASP E 57 -3.68 -19.76 -30.42
CA ASP E 57 -2.91 -19.80 -29.18
C ASP E 57 -3.24 -18.61 -28.27
N LEU E 58 -3.33 -17.41 -28.85
CA LEU E 58 -3.76 -16.26 -28.06
C LEU E 58 -5.19 -16.41 -27.59
N ALA E 59 -6.05 -17.06 -28.38
CA ALA E 59 -7.40 -17.35 -27.94
C ALA E 59 -7.38 -18.26 -26.72
N GLU E 60 -6.56 -19.31 -26.75
CA GLU E 60 -6.42 -20.19 -25.59
C GLU E 60 -5.91 -19.42 -24.38
N LEU E 61 -4.94 -18.53 -24.58
CA LEU E 61 -4.41 -17.75 -23.46
C LEU E 61 -5.49 -16.87 -22.85
N LEU E 62 -6.30 -16.22 -23.69
CA LEU E 62 -7.40 -15.42 -23.17
C LEU E 62 -8.46 -16.29 -22.49
N TYR E 63 -8.63 -17.53 -22.96
CA TYR E 63 -9.57 -18.45 -22.34
C TYR E 63 -9.10 -18.89 -20.96
N ARG E 64 -7.79 -19.08 -20.79
CA ARG E 64 -7.27 -19.54 -19.51
C ARG E 64 -7.36 -18.46 -18.45
N VAL E 65 -7.32 -17.19 -18.84
CA VAL E 65 -7.45 -16.09 -17.89
C VAL E 65 -8.89 -15.65 -17.72
N ARG E 66 -9.84 -16.36 -18.36
CA ARG E 66 -11.27 -16.14 -18.19
C ARG E 66 -11.67 -14.71 -18.58
N ARG E 67 -11.17 -14.25 -19.71
CA ARG E 67 -11.52 -12.94 -20.26
C ARG E 67 -12.22 -13.14 -21.60
N PHE E 68 -13.45 -13.64 -21.54
CA PHE E 68 -14.20 -13.93 -22.75
C PHE E 68 -14.65 -12.66 -23.46
N ASP E 69 -14.83 -11.57 -22.71
CA ASP E 69 -15.12 -10.29 -23.33
C ASP E 69 -13.99 -9.87 -24.26
N LEU E 70 -12.74 -10.20 -23.88
CA LEU E 70 -11.61 -9.93 -24.75
C LEU E 70 -11.59 -10.86 -25.95
N LEU E 71 -12.04 -12.10 -25.78
CA LEU E 71 -12.20 -13.00 -26.93
C LEU E 71 -13.20 -12.42 -27.92
N LYS E 72 -14.25 -11.77 -27.42
CA LYS E 72 -15.27 -11.23 -28.31
C LYS E 72 -14.85 -9.91 -28.94
N ARG E 73 -14.12 -9.08 -28.20
CA ARG E 73 -13.76 -7.75 -28.69
C ARG E 73 -12.50 -7.74 -29.55
N ILE E 74 -11.46 -8.46 -29.13
CA ILE E 74 -10.17 -8.40 -29.81
C ILE E 74 -10.06 -9.46 -30.90
N LEU E 75 -10.30 -10.73 -30.55
CA LEU E 75 -10.20 -11.81 -31.51
C LEU E 75 -11.53 -12.15 -32.16
N LYS E 76 -12.63 -11.55 -31.70
CA LYS E 76 -13.96 -11.79 -32.25
C LYS E 76 -14.31 -13.28 -32.22
N MET E 77 -14.20 -13.85 -31.01
CA MET E 77 -14.39 -15.27 -30.79
C MET E 77 -15.34 -15.47 -29.61
N ASP E 78 -15.90 -16.67 -29.52
CA ASP E 78 -16.79 -17.05 -28.44
C ASP E 78 -16.17 -18.14 -27.58
N ARG E 79 -16.85 -18.46 -26.49
CA ARG E 79 -16.34 -19.46 -25.56
C ARG E 79 -16.32 -20.84 -26.19
N LYS E 80 -17.43 -21.24 -26.81
CA LYS E 80 -17.53 -22.58 -27.40
C LYS E 80 -16.53 -22.77 -28.52
N ALA E 81 -16.23 -21.73 -29.28
CA ALA E 81 -15.26 -21.84 -30.37
C ALA E 81 -13.88 -22.20 -29.82
N VAL E 82 -13.43 -21.50 -28.78
CA VAL E 82 -12.13 -21.77 -28.20
C VAL E 82 -12.13 -23.14 -27.53
N GLU E 83 -13.26 -23.53 -26.91
CA GLU E 83 -13.34 -24.84 -26.29
C GLU E 83 -13.22 -25.96 -27.33
N THR E 84 -13.87 -25.79 -28.48
CA THR E 84 -13.75 -26.78 -29.55
C THR E 84 -12.34 -26.80 -30.12
N HIS E 85 -11.70 -25.63 -30.24
CA HIS E 85 -10.32 -25.58 -30.69
C HIS E 85 -9.40 -26.34 -29.73
N LEU E 86 -9.63 -26.19 -28.43
CA LEU E 86 -8.83 -26.93 -27.46
C LEU E 86 -9.13 -28.42 -27.51
N LEU E 87 -10.37 -28.78 -27.83
CA LEU E 87 -10.70 -30.21 -27.99
C LEU E 87 -10.04 -30.81 -29.23
N ARG E 88 -9.86 -30.01 -30.29
CA ARG E 88 -9.37 -30.54 -31.55
C ARG E 88 -7.86 -30.40 -31.70
N ASN E 89 -7.30 -29.25 -31.35
CA ASN E 89 -5.88 -28.99 -31.52
C ASN E 89 -5.13 -29.14 -30.21
N PRO E 90 -3.81 -29.35 -30.27
CA PRO E 90 -3.03 -29.46 -29.02
C PRO E 90 -3.05 -28.16 -28.22
N HIS E 91 -2.89 -28.31 -26.91
CA HIS E 91 -2.98 -27.19 -25.99
C HIS E 91 -1.63 -26.48 -25.87
N LEU E 92 -1.68 -25.14 -25.85
CA LEU E 92 -0.46 -24.37 -25.61
C LEU E 92 -0.05 -24.44 -24.15
N VAL E 93 -1.02 -24.36 -23.23
CA VAL E 93 -0.78 -24.41 -21.80
C VAL E 93 -1.15 -25.78 -21.28
N SER E 94 -0.22 -26.43 -20.58
CA SER E 94 -0.46 -27.77 -20.06
C SER E 94 -1.52 -27.74 -18.96
N ASP E 95 -2.14 -28.91 -18.75
CA ASP E 95 -3.17 -29.03 -17.72
C ASP E 95 -2.62 -28.80 -16.31
N TYR E 96 -1.33 -29.02 -16.10
CA TYR E 96 -0.72 -28.74 -14.80
C TYR E 96 -0.80 -27.25 -14.48
N ARG E 97 -0.44 -26.41 -15.45
CA ARG E 97 -0.53 -24.96 -15.26
C ARG E 97 -1.98 -24.53 -15.03
N VAL E 98 -2.92 -25.14 -15.75
CA VAL E 98 -4.33 -24.82 -15.56
C VAL E 98 -4.79 -25.18 -14.15
N LEU E 99 -4.36 -26.35 -13.65
CA LEU E 99 -4.70 -26.73 -12.29
C LEU E 99 -4.11 -25.76 -11.27
N MET E 100 -2.86 -25.36 -11.47
CA MET E 100 -2.24 -24.41 -10.56
C MET E 100 -2.98 -23.07 -10.58
N ALA E 101 -3.37 -22.61 -11.77
CA ALA E 101 -4.11 -21.35 -11.86
C ALA E 101 -5.48 -21.47 -11.18
N GLU E 102 -6.15 -22.61 -11.33
CA GLU E 102 -7.43 -22.81 -10.66
C GLU E 102 -7.27 -22.76 -9.15
N ILE E 103 -6.25 -23.44 -8.62
CA ILE E 103 -6.02 -23.43 -7.18
C ILE E 103 -5.70 -22.02 -6.71
N GLY E 104 -4.91 -21.28 -7.48
CA GLY E 104 -4.59 -19.91 -7.10
C GLY E 104 -5.81 -19.01 -7.10
N GLU E 105 -6.69 -19.18 -8.08
CA GLU E 105 -7.92 -18.39 -8.15
C GLU E 105 -8.91 -18.77 -7.06
N ASP E 106 -8.71 -19.89 -6.37
CA ASP E 106 -9.64 -20.36 -5.35
C ASP E 106 -9.06 -20.23 -3.95
N LEU E 107 -8.16 -19.25 -3.75
CA LEU E 107 -7.55 -18.99 -2.46
C LEU E 107 -7.61 -17.50 -2.16
N ASP E 108 -8.13 -17.15 -0.98
CA ASP E 108 -8.10 -15.77 -0.55
C ASP E 108 -6.76 -15.45 0.11
N LYS E 109 -6.64 -14.23 0.65
CA LYS E 109 -5.35 -13.77 1.17
C LYS E 109 -4.88 -14.60 2.36
N SER E 110 -5.81 -14.93 3.27
CA SER E 110 -5.42 -15.68 4.47
C SER E 110 -4.94 -17.09 4.11
N ASP E 111 -5.62 -17.75 3.18
CA ASP E 111 -5.18 -19.08 2.75
C ASP E 111 -3.80 -19.01 2.09
N VAL E 112 -3.56 -17.99 1.28
CA VAL E 112 -2.26 -17.85 0.64
C VAL E 112 -1.17 -17.62 1.67
N SER E 113 -1.44 -16.78 2.68
CA SER E 113 -0.47 -16.55 3.74
C SER E 113 -0.20 -17.82 4.53
N SER E 114 -1.25 -18.60 4.81
CA SER E 114 -1.05 -19.84 5.56
C SER E 114 -0.25 -20.86 4.76
N LEU E 115 -0.51 -20.96 3.45
CA LEU E 115 0.32 -21.82 2.61
C LEU E 115 1.76 -21.35 2.59
N ILE E 116 1.97 -20.04 2.52
CA ILE E 116 3.34 -19.52 2.52
C ILE E 116 4.03 -19.89 3.82
N PHE E 117 3.31 -19.84 4.94
CA PHE E 117 3.89 -20.18 6.23
C PHE E 117 4.26 -21.67 6.29
N LEU E 118 3.32 -22.53 5.89
CA LEU E 118 3.57 -23.97 5.97
C LEU E 118 4.72 -24.37 5.06
N MET E 119 4.78 -23.77 3.87
CA MET E 119 5.89 -24.08 2.98
C MET E 119 7.16 -23.34 3.38
N LYS E 120 7.04 -22.26 4.16
CA LYS E 120 8.21 -21.60 4.71
C LYS E 120 8.92 -22.54 5.65
N ASP E 121 8.15 -23.45 6.25
CA ASP E 121 8.78 -24.54 6.98
C ASP E 121 9.71 -25.34 6.07
N TYR E 122 9.40 -25.41 4.76
CA TYR E 122 10.17 -26.15 3.76
C TYR E 122 11.16 -25.30 2.97
N MET E 123 11.09 -23.98 3.07
CA MET E 123 11.92 -23.06 2.30
C MET E 123 12.05 -21.73 3.05
N GLY E 124 13.17 -21.04 2.84
CA GLY E 124 13.35 -19.76 3.50
C GLY E 124 12.44 -18.67 2.99
N ARG E 125 12.82 -17.42 3.20
CA ARG E 125 12.11 -16.28 2.63
C ARG E 125 12.53 -16.14 1.16
N GLY E 126 12.03 -17.08 0.35
CA GLY E 126 12.38 -17.18 -1.05
C GLY E 126 12.35 -15.86 -1.78
N LYS E 127 11.20 -15.20 -1.75
CA LYS E 127 11.07 -13.82 -2.18
C LYS E 127 10.74 -12.96 -0.96
N ILE E 128 11.35 -11.79 -0.90
CA ILE E 128 11.31 -10.98 0.32
C ILE E 128 9.89 -10.54 0.64
N SER E 129 9.12 -10.17 -0.38
CA SER E 129 7.79 -9.62 -0.16
C SER E 129 6.88 -10.64 0.53
N LYS E 130 6.33 -10.25 1.68
CA LYS E 130 5.44 -11.12 2.42
C LYS E 130 4.12 -11.33 1.69
N GLU E 131 3.66 -10.34 0.94
CA GLU E 131 2.35 -10.37 0.27
C GLU E 131 2.58 -10.71 -1.19
N LYS E 132 2.58 -12.00 -1.50
CA LYS E 132 2.71 -12.50 -2.86
C LYS E 132 1.69 -13.59 -3.10
N SER E 133 1.45 -13.88 -4.38
CA SER E 133 0.35 -14.74 -4.79
C SER E 133 0.74 -16.21 -4.74
N PHE E 134 -0.26 -17.07 -4.96
CA PHE E 134 -0.04 -18.51 -4.98
C PHE E 134 0.87 -18.91 -6.14
N LEU E 135 0.73 -18.25 -7.29
CA LEU E 135 1.56 -18.57 -8.42
C LEU E 135 3.03 -18.22 -8.17
N ASP E 136 3.29 -17.14 -7.43
CA ASP E 136 4.67 -16.86 -7.03
C ASP E 136 5.23 -17.98 -6.17
N LEU E 137 4.41 -18.53 -5.26
CA LEU E 137 4.85 -19.63 -4.42
C LEU E 137 5.15 -20.88 -5.25
N VAL E 138 4.26 -21.22 -6.20
CA VAL E 138 4.51 -22.41 -7.01
C VAL E 138 5.74 -22.20 -7.91
N VAL E 139 5.98 -20.96 -8.37
CA VAL E 139 7.19 -20.70 -9.15
C VAL E 139 8.43 -20.92 -8.29
N GLU E 140 8.42 -20.38 -7.07
CA GLU E 140 9.56 -20.58 -6.18
C GLU E 140 9.75 -22.05 -5.83
N LEU E 141 8.66 -22.81 -5.79
CA LEU E 141 8.77 -24.25 -5.53
C LEU E 141 9.35 -24.98 -6.74
N GLU E 142 8.88 -24.65 -7.94
CA GLU E 142 9.44 -25.23 -9.16
C GLU E 142 10.93 -24.95 -9.26
N LYS E 143 11.35 -23.73 -8.92
CA LYS E 143 12.78 -23.42 -8.93
C LYS E 143 13.53 -24.27 -7.91
N LEU E 144 12.84 -24.73 -6.86
CA LEU E 144 13.43 -25.58 -5.84
C LEU E 144 13.14 -27.05 -6.08
N ASN E 145 12.53 -27.39 -7.21
CA ASN E 145 12.28 -28.79 -7.58
C ASN E 145 11.42 -29.50 -6.54
N LEU E 146 10.49 -28.76 -5.94
CA LEU E 146 9.64 -29.31 -4.89
C LEU E 146 8.21 -29.63 -5.34
N VAL E 147 7.77 -29.11 -6.48
CA VAL E 147 6.46 -29.44 -7.01
C VAL E 147 6.58 -29.64 -8.52
N ALA E 148 5.83 -30.61 -9.03
CA ALA E 148 5.85 -30.96 -10.44
C ALA E 148 4.59 -31.77 -10.73
N PRO E 149 4.25 -31.96 -12.00
CA PRO E 149 3.09 -32.82 -12.32
C PRO E 149 3.17 -34.23 -11.73
N ASP E 150 4.36 -34.77 -11.50
CA ASP E 150 4.49 -36.09 -10.92
C ASP E 150 4.89 -36.08 -9.43
N GLN E 151 4.84 -34.92 -8.77
CA GLN E 151 5.17 -34.84 -7.34
C GLN E 151 4.28 -33.76 -6.72
N LEU E 152 3.04 -34.14 -6.43
CA LEU E 152 2.04 -33.24 -5.89
C LEU E 152 1.68 -33.56 -4.45
N ASP E 153 2.43 -34.45 -3.80
CA ASP E 153 2.08 -34.89 -2.46
C ASP E 153 2.25 -33.76 -1.44
N LEU E 154 3.30 -32.95 -1.60
CA LEU E 154 3.55 -31.86 -0.67
C LEU E 154 2.49 -30.77 -0.78
N LEU E 155 2.14 -30.37 -2.00
CA LEU E 155 1.07 -29.40 -2.18
C LEU E 155 -0.26 -29.95 -1.67
N GLU E 156 -0.51 -31.24 -1.89
CA GLU E 156 -1.72 -31.89 -1.38
C GLU E 156 -1.78 -31.83 0.13
N LYS E 157 -0.68 -32.19 0.80
CA LYS E 157 -0.65 -32.17 2.25
C LYS E 157 -0.82 -30.76 2.80
N CYS E 158 -0.20 -29.77 2.15
CA CYS E 158 -0.32 -28.40 2.64
C CYS E 158 -1.72 -27.86 2.43
N LEU E 159 -2.35 -28.20 1.31
CA LEU E 159 -3.75 -27.82 1.11
C LEU E 159 -4.66 -28.52 2.12
N LYS E 160 -4.33 -29.76 2.49
CA LYS E 160 -5.08 -30.45 3.53
C LYS E 160 -4.93 -29.73 4.88
N ASN E 161 -3.71 -29.31 5.22
CA ASN E 161 -3.47 -28.72 6.52
C ASN E 161 -4.09 -27.34 6.67
N ILE E 162 -4.45 -26.68 5.56
CA ILE E 162 -5.20 -25.43 5.62
C ILE E 162 -6.69 -25.67 5.39
N HIS E 163 -7.14 -26.93 5.47
CA HIS E 163 -8.55 -27.29 5.39
C HIS E 163 -9.16 -26.95 4.03
N ARG E 164 -8.35 -26.99 2.98
CA ARG E 164 -8.86 -26.83 1.62
C ARG E 164 -8.87 -28.21 0.94
N ILE E 165 -9.71 -29.11 1.45
CA ILE E 165 -9.73 -30.48 0.95
C ILE E 165 -10.30 -30.52 -0.47
N ASP E 166 -11.12 -29.53 -0.83
CA ASP E 166 -11.64 -29.46 -2.19
C ASP E 166 -10.52 -29.32 -3.21
N LEU E 167 -9.48 -28.56 -2.88
CA LEU E 167 -8.36 -28.41 -3.81
C LEU E 167 -7.53 -29.69 -3.86
N LYS E 168 -7.39 -30.39 -2.73
CA LYS E 168 -6.78 -31.71 -2.75
C LYS E 168 -7.56 -32.66 -3.64
N THR E 169 -8.89 -32.58 -3.61
CA THR E 169 -9.71 -33.42 -4.49
C THR E 169 -9.53 -33.02 -5.95
N LYS E 170 -9.36 -31.72 -6.23
CA LYS E 170 -9.03 -31.28 -7.57
C LYS E 170 -7.74 -31.92 -8.05
N ILE E 171 -6.71 -31.88 -7.21
CA ILE E 171 -5.42 -32.49 -7.55
C ILE E 171 -5.56 -33.99 -7.74
N GLN E 172 -6.39 -34.64 -6.92
CA GLN E 172 -6.57 -36.08 -7.03
C GLN E 172 -7.28 -36.45 -8.32
N LYS E 173 -8.29 -35.67 -8.72
CA LYS E 173 -8.93 -35.92 -10.01
C LYS E 173 -7.94 -35.69 -11.16
N TYR E 174 -7.10 -34.66 -11.05
CA TYR E 174 -6.09 -34.43 -12.07
C TYR E 174 -5.16 -35.64 -12.20
N LYS E 175 -4.67 -36.15 -11.06
CA LYS E 175 -3.80 -37.33 -11.10
C LYS E 175 -4.56 -38.56 -11.61
N GLN E 176 -5.86 -38.64 -11.36
CA GLN E 176 -6.67 -39.75 -11.84
C GLN E 176 -7.00 -39.60 -13.33
N SER E 177 -6.72 -38.44 -13.92
CA SER E 177 -6.88 -38.28 -15.36
C SER E 177 -5.66 -38.74 -16.15
N VAL E 178 -4.57 -39.09 -15.46
CA VAL E 178 -3.37 -39.59 -16.11
C VAL E 178 -3.41 -41.12 -16.19
N HIS F 3 36.33 -26.26 -21.46
CA HIS F 3 35.69 -27.24 -20.59
C HIS F 3 34.18 -27.00 -20.49
N MET F 4 33.74 -25.84 -20.96
CA MET F 4 32.33 -25.47 -20.95
C MET F 4 32.00 -24.79 -22.27
N SER F 5 30.80 -25.06 -22.80
CA SER F 5 30.40 -24.46 -24.05
C SER F 5 29.56 -23.21 -23.83
N ALA F 6 29.50 -22.37 -24.87
CA ALA F 6 28.77 -21.11 -24.79
C ALA F 6 27.27 -21.31 -24.66
N GLU F 7 26.74 -22.43 -25.18
CA GLU F 7 25.32 -22.69 -25.11
C GLU F 7 24.85 -22.88 -23.67
N VAL F 8 25.61 -23.64 -22.87
CA VAL F 8 25.28 -23.84 -21.46
C VAL F 8 25.28 -22.50 -20.73
N ILE F 9 26.28 -21.66 -20.99
CA ILE F 9 26.37 -20.35 -20.36
C ILE F 9 25.17 -19.49 -20.73
N HIS F 10 24.77 -19.54 -22.00
CA HIS F 10 23.61 -18.78 -22.43
C HIS F 10 22.36 -19.22 -21.68
N GLN F 11 22.12 -20.54 -21.64
CA GLN F 11 21.00 -21.11 -20.89
C GLN F 11 20.97 -20.58 -19.45
N VAL F 12 22.13 -20.60 -18.78
CA VAL F 12 22.18 -20.16 -17.38
C VAL F 12 21.87 -18.67 -17.26
N GLU F 13 22.49 -17.82 -18.10
CA GLU F 13 22.26 -16.39 -17.90
C GLU F 13 20.80 -16.02 -18.10
N GLU F 14 20.17 -16.53 -19.16
CA GLU F 14 18.79 -16.09 -19.41
C GLU F 14 17.79 -16.77 -18.49
N ALA F 15 18.13 -17.94 -17.94
CA ALA F 15 17.20 -18.60 -17.05
C ALA F 15 17.21 -17.99 -15.65
N LEU F 16 18.35 -17.44 -15.23
CA LEU F 16 18.41 -16.83 -13.90
C LEU F 16 17.66 -15.50 -13.92
N ASP F 17 17.16 -15.12 -12.74
CA ASP F 17 16.52 -13.82 -12.57
C ASP F 17 17.49 -12.86 -11.89
N THR F 18 17.02 -11.64 -11.65
CA THR F 18 17.90 -10.57 -11.18
C THR F 18 18.52 -10.92 -9.83
N ASP F 19 17.69 -11.39 -8.89
CA ASP F 19 18.18 -11.73 -7.57
C ASP F 19 19.23 -12.85 -7.63
N GLU F 20 18.96 -13.89 -8.43
CA GLU F 20 19.90 -14.99 -8.55
C GLU F 20 21.20 -14.54 -9.20
N LYS F 21 21.11 -13.63 -10.17
CA LYS F 21 22.31 -13.10 -10.81
C LYS F 21 23.16 -12.30 -9.81
N GLU F 22 22.50 -11.44 -9.03
CA GLU F 22 23.22 -10.69 -8.02
C GLU F 22 23.88 -11.61 -7.00
N MET F 23 23.18 -12.67 -6.59
CA MET F 23 23.77 -13.62 -5.65
C MET F 23 24.96 -14.34 -6.27
N LEU F 24 24.86 -14.71 -7.54
CA LEU F 24 25.99 -15.36 -8.20
C LEU F 24 27.20 -14.43 -8.26
N LEU F 25 26.99 -13.17 -8.61
CA LEU F 25 28.08 -12.20 -8.61
C LEU F 25 28.70 -12.07 -7.23
N PHE F 26 27.87 -11.97 -6.19
CA PHE F 26 28.37 -11.85 -4.83
C PHE F 26 29.18 -13.08 -4.43
N LEU F 27 28.70 -14.27 -4.77
CA LEU F 27 29.41 -15.50 -4.42
C LEU F 27 30.75 -15.59 -5.14
N CYS F 28 30.80 -15.18 -6.40
CA CYS F 28 32.03 -15.23 -7.17
C CYS F 28 32.92 -14.01 -6.97
N ARG F 29 32.53 -13.08 -6.09
CA ARG F 29 33.41 -11.95 -5.77
C ARG F 29 34.78 -12.40 -5.28
N ASP F 30 34.87 -13.61 -4.71
CA ASP F 30 36.13 -14.13 -4.19
C ASP F 30 36.98 -14.81 -5.26
N VAL F 31 36.35 -15.50 -6.21
CA VAL F 31 37.12 -16.19 -7.26
C VAL F 31 37.76 -15.17 -8.19
N ALA F 32 36.94 -14.29 -8.77
CA ALA F 32 37.45 -13.21 -9.63
C ALA F 32 37.73 -11.98 -8.77
N ILE F 33 38.90 -12.02 -8.12
CA ILE F 33 39.25 -10.96 -7.16
C ILE F 33 39.40 -9.62 -7.84
N ASP F 34 39.86 -9.62 -9.10
CA ASP F 34 40.27 -8.38 -9.73
C ASP F 34 39.09 -7.59 -10.29
N VAL F 35 38.16 -8.26 -10.96
CA VAL F 35 37.19 -7.58 -11.81
C VAL F 35 35.82 -7.58 -11.16
N VAL F 36 35.05 -6.54 -11.46
CA VAL F 36 33.62 -6.51 -11.18
C VAL F 36 32.90 -6.75 -12.50
N PRO F 37 32.49 -7.99 -12.78
CA PRO F 37 31.77 -8.26 -14.03
C PRO F 37 30.44 -7.54 -14.05
N PRO F 38 30.12 -6.84 -15.16
CA PRO F 38 28.85 -6.12 -15.20
C PRO F 38 27.65 -7.05 -15.23
N ASN F 39 27.71 -8.14 -15.98
CA ASN F 39 26.64 -9.11 -16.08
C ASN F 39 27.21 -10.50 -15.78
N VAL F 40 26.32 -11.49 -15.68
CA VAL F 40 26.77 -12.82 -15.27
C VAL F 40 27.45 -13.57 -16.41
N ARG F 41 27.12 -13.25 -17.66
CA ARG F 41 27.74 -13.95 -18.77
C ARG F 41 29.23 -13.61 -18.84
N ASP F 42 29.59 -12.33 -18.62
CA ASP F 42 31.01 -11.96 -18.60
C ASP F 42 31.73 -12.70 -17.48
N LEU F 43 31.09 -12.83 -16.32
CA LEU F 43 31.68 -13.53 -15.19
C LEU F 43 31.89 -15.02 -15.48
N LEU F 44 30.87 -15.69 -16.04
CA LEU F 44 30.99 -17.11 -16.35
C LEU F 44 32.05 -17.36 -17.42
N ASP F 45 32.12 -16.50 -18.44
CA ASP F 45 33.15 -16.67 -19.45
C ASP F 45 34.53 -16.42 -18.86
N ILE F 46 34.67 -15.42 -17.98
CA ILE F 46 35.96 -15.17 -17.34
C ILE F 46 36.37 -16.38 -16.51
N LEU F 47 35.42 -17.00 -15.80
CA LEU F 47 35.74 -18.19 -15.01
C LEU F 47 36.16 -19.35 -15.91
N ARG F 48 35.55 -19.46 -17.09
CA ARG F 48 35.93 -20.49 -18.03
C ARG F 48 37.34 -20.25 -18.55
N GLU F 49 37.67 -18.99 -18.81
CA GLU F 49 38.99 -18.65 -19.31
C GLU F 49 40.08 -18.94 -18.29
N ARG F 50 39.76 -18.79 -17.00
CA ARG F 50 40.68 -19.07 -15.91
C ARG F 50 40.57 -20.51 -15.42
N GLY F 51 39.82 -21.34 -16.14
CA GLY F 51 39.70 -22.75 -15.81
C GLY F 51 38.78 -23.07 -14.66
N LYS F 52 38.16 -22.06 -14.06
CA LYS F 52 37.28 -22.22 -12.90
C LYS F 52 35.82 -22.37 -13.28
N LEU F 53 35.52 -23.13 -14.33
CA LEU F 53 34.13 -23.39 -14.71
C LEU F 53 34.05 -24.73 -15.44
N SER F 54 34.22 -25.81 -14.68
CA SER F 54 33.96 -27.14 -15.20
C SER F 54 32.46 -27.41 -15.06
N VAL F 55 32.03 -28.63 -15.35
CA VAL F 55 30.65 -29.00 -15.11
C VAL F 55 30.35 -28.98 -13.61
N GLY F 56 31.32 -29.42 -12.80
CA GLY F 56 31.13 -29.38 -11.35
C GLY F 56 31.09 -27.97 -10.79
N ASP F 57 31.86 -27.06 -11.37
CA ASP F 57 31.87 -25.67 -10.89
C ASP F 57 30.53 -25.00 -11.17
N LEU F 58 30.01 -25.15 -12.38
CA LEU F 58 28.69 -24.61 -12.69
C LEU F 58 27.61 -25.30 -11.87
N ALA F 59 27.78 -26.60 -11.59
CA ALA F 59 26.84 -27.29 -10.72
C ALA F 59 26.82 -26.68 -9.33
N GLU F 60 28.00 -26.42 -8.77
CA GLU F 60 28.08 -25.77 -7.47
C GLU F 60 27.45 -24.38 -7.50
N LEU F 61 27.70 -23.61 -8.57
CA LEU F 61 27.13 -22.27 -8.68
C LEU F 61 25.61 -22.31 -8.74
N LEU F 62 25.06 -23.25 -9.52
CA LEU F 62 23.60 -23.41 -9.58
C LEU F 62 23.04 -23.91 -8.26
N TYR F 63 23.80 -24.73 -7.54
CA TYR F 63 23.34 -25.25 -6.25
C TYR F 63 23.27 -24.15 -5.20
N ARG F 64 24.24 -23.22 -5.22
CA ARG F 64 24.25 -22.17 -4.23
C ARG F 64 23.13 -21.15 -4.42
N VAL F 65 22.67 -20.98 -5.67
CA VAL F 65 21.59 -20.03 -5.95
C VAL F 65 20.24 -20.75 -5.89
N ARG F 66 20.27 -22.03 -5.50
CA ARG F 66 19.07 -22.83 -5.26
C ARG F 66 18.19 -22.92 -6.51
N ARG F 67 18.83 -23.13 -7.66
CA ARG F 67 18.12 -23.33 -8.92
C ARG F 67 18.26 -24.77 -9.36
N PHE F 68 17.55 -25.66 -8.66
CA PHE F 68 17.64 -27.09 -8.97
C PHE F 68 16.99 -27.41 -10.30
N ASP F 69 16.01 -26.61 -10.73
CA ASP F 69 15.41 -26.79 -12.04
C ASP F 69 16.45 -26.62 -13.14
N LEU F 70 17.37 -25.66 -12.97
CA LEU F 70 18.47 -25.51 -13.92
C LEU F 70 19.51 -26.61 -13.76
N LEU F 71 19.73 -27.08 -12.53
CA LEU F 71 20.63 -28.20 -12.32
C LEU F 71 20.16 -29.45 -13.05
N LYS F 72 18.85 -29.62 -13.18
CA LYS F 72 18.33 -30.80 -13.87
C LYS F 72 18.12 -30.57 -15.36
N ARG F 73 17.64 -29.39 -15.77
CA ARG F 73 17.37 -29.17 -17.19
C ARG F 73 18.65 -28.98 -17.97
N ILE F 74 19.60 -28.23 -17.44
CA ILE F 74 20.79 -27.83 -18.18
C ILE F 74 21.93 -28.84 -17.99
N LEU F 75 22.26 -29.16 -16.74
CA LEU F 75 23.37 -30.07 -16.47
C LEU F 75 22.94 -31.52 -16.28
N LYS F 76 21.63 -31.80 -16.21
CA LYS F 76 21.13 -33.16 -16.06
C LYS F 76 21.71 -33.85 -14.84
N MET F 77 21.59 -33.20 -13.69
CA MET F 77 22.15 -33.68 -12.43
C MET F 77 21.13 -33.58 -11.32
N ASP F 78 21.39 -34.30 -10.24
CA ASP F 78 20.54 -34.32 -9.05
C ASP F 78 21.27 -33.67 -7.89
N ARG F 79 20.50 -33.33 -6.85
CA ARG F 79 21.08 -32.68 -5.67
C ARG F 79 22.13 -33.56 -5.02
N LYS F 80 21.89 -34.86 -4.94
CA LYS F 80 22.88 -35.76 -4.36
C LYS F 80 24.17 -35.76 -5.15
N ALA F 81 24.09 -35.60 -6.48
CA ALA F 81 25.30 -35.60 -7.30
C ALA F 81 26.17 -34.39 -7.01
N VAL F 82 25.57 -33.20 -6.95
CA VAL F 82 26.35 -32.01 -6.67
C VAL F 82 26.85 -32.03 -5.23
N GLU F 83 26.07 -32.59 -4.30
CA GLU F 83 26.53 -32.70 -2.91
C GLU F 83 27.73 -33.63 -2.81
N THR F 84 27.71 -34.74 -3.55
CA THR F 84 28.85 -35.65 -3.56
C THR F 84 30.06 -35.00 -4.20
N HIS F 85 29.85 -34.24 -5.28
CA HIS F 85 30.96 -33.52 -5.89
C HIS F 85 31.59 -32.53 -4.93
N LEU F 86 30.76 -31.80 -4.17
CA LEU F 86 31.31 -30.87 -3.19
C LEU F 86 31.98 -31.59 -2.03
N LEU F 87 31.50 -32.79 -1.69
CA LEU F 87 32.19 -33.59 -0.68
C LEU F 87 33.52 -34.11 -1.18
N ARG F 88 33.64 -34.30 -2.50
CA ARG F 88 34.79 -34.94 -3.12
C ARG F 88 35.87 -33.95 -3.52
N ASN F 89 35.49 -32.84 -4.14
CA ASN F 89 36.41 -31.85 -4.67
C ASN F 89 36.36 -30.55 -3.86
N PRO F 90 37.39 -29.71 -3.95
CA PRO F 90 37.37 -28.44 -3.23
C PRO F 90 36.25 -27.52 -3.74
N HIS F 91 35.77 -26.65 -2.85
CA HIS F 91 34.64 -25.80 -3.14
C HIS F 91 35.08 -24.50 -3.82
N LEU F 92 34.30 -24.07 -4.81
CA LEU F 92 34.58 -22.80 -5.47
C LEU F 92 34.20 -21.62 -4.59
N VAL F 93 33.04 -21.70 -3.92
CA VAL F 93 32.55 -20.63 -3.06
C VAL F 93 32.77 -21.04 -1.61
N SER F 94 33.42 -20.17 -0.84
CA SER F 94 33.73 -20.46 0.55
C SER F 94 32.46 -20.49 1.40
N ASP F 95 32.56 -21.17 2.54
CA ASP F 95 31.43 -21.26 3.46
C ASP F 95 31.03 -19.90 4.01
N TYR F 96 31.94 -18.93 4.02
CA TYR F 96 31.60 -17.58 4.45
C TYR F 96 30.57 -16.96 3.50
N ARG F 97 30.82 -17.06 2.19
CA ARG F 97 29.88 -16.53 1.21
C ARG F 97 28.53 -17.25 1.29
N VAL F 98 28.55 -18.57 1.47
CA VAL F 98 27.31 -19.32 1.58
C VAL F 98 26.54 -18.89 2.82
N LEU F 99 27.24 -18.67 3.93
CA LEU F 99 26.58 -18.20 5.15
C LEU F 99 25.95 -16.84 4.94
N MET F 100 26.68 -15.93 4.29
CA MET F 100 26.14 -14.60 4.00
C MET F 100 24.90 -14.69 3.12
N ALA F 101 24.93 -15.55 2.11
CA ALA F 101 23.78 -15.72 1.23
C ALA F 101 22.58 -16.28 1.98
N GLU F 102 22.82 -17.25 2.87
CA GLU F 102 21.72 -17.80 3.65
C GLU F 102 21.11 -16.74 4.58
N ILE F 103 21.95 -15.98 5.26
CA ILE F 103 21.46 -14.91 6.13
C ILE F 103 20.65 -13.91 5.32
N GLY F 104 21.11 -13.57 4.11
CA GLY F 104 20.35 -12.66 3.27
C GLY F 104 19.01 -13.25 2.84
N GLU F 105 18.99 -14.55 2.55
CA GLU F 105 17.76 -15.19 2.12
C GLU F 105 16.77 -15.39 3.25
N ASP F 106 17.22 -15.33 4.51
CA ASP F 106 16.33 -15.48 5.66
C ASP F 106 15.96 -14.14 6.30
N LEU F 107 15.92 -13.07 5.52
CA LEU F 107 15.59 -11.73 6.01
C LEU F 107 14.51 -11.11 5.13
N ASP F 108 13.45 -10.60 5.74
CA ASP F 108 12.46 -9.85 4.98
C ASP F 108 12.93 -8.41 4.81
N LYS F 109 12.11 -7.58 4.18
CA LYS F 109 12.54 -6.25 3.79
C LYS F 109 12.80 -5.36 5.01
N SER F 110 11.94 -5.47 6.03
CA SER F 110 12.10 -4.64 7.22
C SER F 110 13.41 -4.94 7.93
N ASP F 111 13.77 -6.23 8.03
CA ASP F 111 15.03 -6.58 8.68
C ASP F 111 16.22 -6.02 7.91
N VAL F 112 16.19 -6.08 6.58
CA VAL F 112 17.28 -5.55 5.78
C VAL F 112 17.39 -4.04 5.94
N SER F 113 16.25 -3.34 5.93
CA SER F 113 16.27 -1.89 6.08
C SER F 113 16.79 -1.50 7.46
N SER F 114 16.39 -2.23 8.50
CA SER F 114 16.86 -1.92 9.84
C SER F 114 18.36 -2.21 9.97
N LEU F 115 18.84 -3.28 9.35
CA LEU F 115 20.26 -3.57 9.33
C LEU F 115 21.03 -2.44 8.64
N ILE F 116 20.50 -1.94 7.53
CA ILE F 116 21.17 -0.83 6.84
C ILE F 116 21.20 0.39 7.75
N PHE F 117 20.12 0.63 8.49
CA PHE F 117 20.08 1.77 9.40
C PHE F 117 21.14 1.64 10.50
N LEU F 118 21.22 0.46 11.11
CA LEU F 118 22.17 0.26 12.20
C LEU F 118 23.60 0.37 11.69
N MET F 119 23.88 -0.16 10.50
CA MET F 119 25.23 -0.10 9.96
C MET F 119 25.58 1.28 9.42
N LYS F 120 24.57 2.14 9.19
CA LYS F 120 24.81 3.49 8.69
C LYS F 120 25.69 4.28 9.65
N ASP F 121 25.61 3.98 10.95
CA ASP F 121 26.51 4.60 11.92
C ASP F 121 27.98 4.31 11.61
N TYR F 122 28.26 3.17 10.99
CA TYR F 122 29.63 2.75 10.70
C TYR F 122 30.11 3.17 9.32
N MET F 123 29.20 3.64 8.45
CA MET F 123 29.53 3.98 7.07
C MET F 123 29.02 5.39 6.76
N GLY F 124 29.14 5.76 5.49
CA GLY F 124 28.53 6.96 4.98
C GLY F 124 27.13 6.69 4.45
N ARG F 125 26.50 7.76 3.93
CA ARG F 125 25.13 7.67 3.44
C ARG F 125 25.07 7.23 1.98
N GLY F 126 25.58 8.07 1.07
CA GLY F 126 25.47 7.84 -0.36
C GLY F 126 26.01 6.51 -0.84
N LYS F 127 26.76 5.79 0.00
CA LYS F 127 27.28 4.50 -0.40
C LYS F 127 26.17 3.47 -0.58
N ILE F 128 25.11 3.55 0.22
CA ILE F 128 23.98 2.63 0.14
C ILE F 128 22.71 3.39 0.49
N SER F 129 21.69 3.23 -0.35
CA SER F 129 20.39 3.84 -0.12
C SER F 129 19.42 2.81 0.45
N LYS F 130 18.17 3.23 0.64
CA LYS F 130 17.16 2.35 1.21
C LYS F 130 16.89 1.13 0.32
N GLU F 131 17.19 1.22 -0.97
CA GLU F 131 16.81 0.18 -1.92
C GLU F 131 17.73 -1.03 -1.88
N LYS F 132 18.94 -0.88 -1.32
CA LYS F 132 19.94 -1.93 -1.45
C LYS F 132 19.55 -3.18 -0.68
N SER F 133 20.11 -4.31 -1.11
CA SER F 133 19.87 -5.61 -0.50
C SER F 133 20.90 -5.89 0.58
N PHE F 134 20.70 -7.01 1.28
CA PHE F 134 21.62 -7.39 2.34
C PHE F 134 23.02 -7.69 1.80
N LEU F 135 23.09 -8.35 0.63
CA LEU F 135 24.39 -8.68 0.06
C LEU F 135 25.14 -7.42 -0.37
N ASP F 136 24.43 -6.42 -0.87
CA ASP F 136 25.07 -5.13 -1.16
C ASP F 136 25.65 -4.52 0.10
N LEU F 137 24.92 -4.63 1.22
CA LEU F 137 25.43 -4.14 2.49
C LEU F 137 26.68 -4.90 2.91
N VAL F 138 26.68 -6.22 2.74
CA VAL F 138 27.84 -7.02 3.13
C VAL F 138 29.04 -6.65 2.26
N VAL F 139 28.80 -6.36 0.98
CA VAL F 139 29.90 -5.97 0.10
C VAL F 139 30.47 -4.62 0.52
N GLU F 140 29.60 -3.64 0.77
CA GLU F 140 30.08 -2.32 1.17
C GLU F 140 30.80 -2.37 2.52
N LEU F 141 30.39 -3.28 3.40
CA LEU F 141 31.09 -3.44 4.67
C LEU F 141 32.45 -4.12 4.47
N GLU F 142 32.49 -5.14 3.60
CA GLU F 142 33.75 -5.79 3.27
C GLU F 142 34.77 -4.81 2.73
N LYS F 143 34.34 -3.88 1.87
CA LYS F 143 35.27 -2.87 1.38
C LYS F 143 35.78 -1.99 2.51
N LEU F 144 35.01 -1.85 3.58
CA LEU F 144 35.42 -1.08 4.75
C LEU F 144 36.01 -1.95 5.85
N ASN F 145 36.19 -3.25 5.58
CA ASN F 145 36.76 -4.19 6.55
C ASN F 145 35.91 -4.27 7.81
N LEU F 146 34.59 -4.19 7.64
CA LEU F 146 33.67 -4.23 8.75
C LEU F 146 32.99 -5.59 8.91
N VAL F 147 33.02 -6.43 7.87
CA VAL F 147 32.58 -7.81 7.95
C VAL F 147 33.57 -8.64 7.15
N ALA F 148 33.92 -9.81 7.68
CA ALA F 148 34.89 -10.70 7.05
C ALA F 148 34.79 -12.08 7.68
N PRO F 149 35.36 -13.12 7.06
CA PRO F 149 35.37 -14.43 7.73
C PRO F 149 35.99 -14.40 9.11
N ASP F 150 36.94 -13.49 9.35
CA ASP F 150 37.58 -13.33 10.65
C ASP F 150 37.08 -12.10 11.40
N GLN F 151 36.00 -11.46 10.92
CA GLN F 151 35.47 -10.25 11.56
C GLN F 151 33.95 -10.26 11.40
N LEU F 152 33.29 -11.05 12.25
CA LEU F 152 31.84 -11.20 12.21
C LEU F 152 31.17 -10.61 13.44
N ASP F 153 31.92 -9.90 14.28
CA ASP F 153 31.37 -9.41 15.54
C ASP F 153 30.31 -8.33 15.32
N LEU F 154 30.54 -7.43 14.37
CA LEU F 154 29.57 -6.36 14.13
C LEU F 154 28.29 -6.91 13.54
N LEU F 155 28.40 -7.79 12.54
CA LEU F 155 27.21 -8.42 11.97
C LEU F 155 26.48 -9.25 13.01
N GLU F 156 27.23 -9.93 13.88
CA GLU F 156 26.63 -10.70 14.95
C GLU F 156 25.83 -9.80 15.89
N LYS F 157 26.43 -8.67 16.30
CA LYS F 157 25.75 -7.75 17.19
C LYS F 157 24.51 -7.16 16.53
N CYS F 158 24.60 -6.83 15.24
CA CYS F 158 23.45 -6.24 14.55
C CYS F 158 22.33 -7.25 14.40
N LEU F 159 22.66 -8.52 14.12
CA LEU F 159 21.64 -9.55 14.07
C LEU F 159 21.01 -9.75 15.44
N LYS F 160 21.79 -9.62 16.51
CA LYS F 160 21.21 -9.65 17.85
C LYS F 160 20.27 -8.48 18.06
N ASN F 161 20.65 -7.29 17.58
CA ASN F 161 19.85 -6.09 17.79
C ASN F 161 18.55 -6.10 17.01
N ILE F 162 18.46 -6.90 15.94
CA ILE F 162 17.20 -7.06 15.23
C ILE F 162 16.46 -8.33 15.65
N HIS F 163 16.89 -8.96 16.75
CA HIS F 163 16.19 -10.09 17.36
C HIS F 163 16.15 -11.30 16.43
N ARG F 164 17.16 -11.46 15.59
CA ARG F 164 17.32 -12.65 14.76
C ARG F 164 18.40 -13.55 15.35
N ILE F 165 18.09 -14.11 16.52
CA ILE F 165 19.07 -14.90 17.27
C ILE F 165 19.43 -16.18 16.53
N ASP F 166 18.51 -16.71 15.70
CA ASP F 166 18.83 -17.87 14.89
C ASP F 166 19.96 -17.59 13.92
N LEU F 167 20.01 -16.38 13.35
CA LEU F 167 21.09 -16.04 12.44
C LEU F 167 22.40 -15.81 13.20
N LYS F 168 22.32 -15.26 14.41
CA LYS F 168 23.50 -15.21 15.28
C LYS F 168 24.03 -16.62 15.54
N THR F 169 23.12 -17.58 15.72
CA THR F 169 23.52 -18.96 15.94
C THR F 169 24.16 -19.55 14.67
N LYS F 170 23.64 -19.18 13.49
CA LYS F 170 24.29 -19.57 12.24
C LYS F 170 25.73 -19.05 12.17
N ILE F 171 25.93 -17.78 12.50
CA ILE F 171 27.28 -17.21 12.49
C ILE F 171 28.17 -17.93 13.50
N GLN F 172 27.64 -18.24 14.68
CA GLN F 172 28.43 -18.93 15.69
C GLN F 172 28.78 -20.34 15.23
N LYS F 173 27.86 -21.01 14.52
CA LYS F 173 28.16 -22.35 14.01
C LYS F 173 29.24 -22.30 12.95
N TYR F 174 29.19 -21.31 12.06
CA TYR F 174 30.27 -21.12 11.09
C TYR F 174 31.59 -20.88 11.81
N LYS F 175 31.60 -20.02 12.82
CA LYS F 175 32.82 -19.71 13.56
C LYS F 175 33.36 -20.94 14.28
N GLN F 176 32.48 -21.86 14.69
CA GLN F 176 32.93 -23.08 15.35
C GLN F 176 33.49 -24.11 14.39
N SER F 177 33.32 -23.93 13.09
CA SER F 177 33.91 -24.81 12.08
C SER F 177 35.32 -24.39 11.69
N VAL F 178 35.82 -23.26 12.20
CA VAL F 178 37.15 -22.77 11.85
C VAL F 178 38.01 -22.64 13.10
N HIS G 3 60.19 1.32 -3.90
CA HIS G 3 59.02 1.30 -3.04
C HIS G 3 57.84 0.60 -3.73
N MET G 4 57.47 1.07 -4.91
CA MET G 4 56.31 0.58 -5.63
C MET G 4 56.69 0.09 -7.02
N SER G 5 55.97 -0.93 -7.48
CA SER G 5 56.21 -1.55 -8.77
C SER G 5 54.96 -1.44 -9.63
N ALA G 6 55.15 -1.63 -10.94
CA ALA G 6 54.03 -1.50 -11.87
C ALA G 6 52.98 -2.59 -11.67
N GLU G 7 53.36 -3.76 -11.15
CA GLU G 7 52.39 -4.83 -10.99
C GLU G 7 51.42 -4.54 -9.85
N VAL G 8 51.92 -3.99 -8.74
CA VAL G 8 51.03 -3.59 -7.65
C VAL G 8 50.10 -2.46 -8.12
N ILE G 9 50.64 -1.51 -8.88
CA ILE G 9 49.80 -0.42 -9.39
C ILE G 9 48.73 -0.96 -10.32
N HIS G 10 49.06 -1.96 -11.15
CA HIS G 10 48.05 -2.60 -11.98
C HIS G 10 46.97 -3.27 -11.13
N GLN G 11 47.39 -3.98 -10.08
CA GLN G 11 46.43 -4.61 -9.18
C GLN G 11 45.50 -3.59 -8.55
N VAL G 12 46.07 -2.49 -8.05
CA VAL G 12 45.27 -1.44 -7.42
C VAL G 12 44.29 -0.83 -8.42
N GLU G 13 44.77 -0.50 -9.62
CA GLU G 13 43.91 0.15 -10.60
C GLU G 13 42.77 -0.76 -11.02
N GLU G 14 43.03 -2.05 -11.24
CA GLU G 14 41.95 -2.93 -11.66
C GLU G 14 41.04 -3.31 -10.50
N ALA G 15 41.52 -3.19 -9.25
CA ALA G 15 40.69 -3.55 -8.11
C ALA G 15 39.66 -2.48 -7.79
N LEU G 16 39.96 -1.22 -8.10
CA LEU G 16 39.03 -0.13 -7.84
C LEU G 16 37.90 -0.14 -8.84
N ASP G 17 36.74 0.40 -8.44
CA ASP G 17 35.63 0.60 -9.34
C ASP G 17 35.55 2.06 -9.75
N THR G 18 34.55 2.39 -10.58
CA THR G 18 34.50 3.70 -11.21
C THR G 18 34.41 4.83 -10.19
N ASP G 19 33.53 4.68 -9.20
CA ASP G 19 33.37 5.73 -8.20
C ASP G 19 34.68 5.97 -7.45
N GLU G 20 35.35 4.89 -7.03
CA GLU G 20 36.59 5.01 -6.29
C GLU G 20 37.70 5.61 -7.17
N LYS G 21 37.72 5.27 -8.45
CA LYS G 21 38.71 5.84 -9.37
C LYS G 21 38.49 7.34 -9.51
N GLU G 22 37.24 7.76 -9.70
CA GLU G 22 36.93 9.18 -9.80
C GLU G 22 37.31 9.91 -8.52
N MET G 23 37.03 9.29 -7.36
CA MET G 23 37.38 9.92 -6.09
C MET G 23 38.88 10.07 -5.94
N LEU G 24 39.65 9.04 -6.35
CA LEU G 24 41.10 9.12 -6.28
C LEU G 24 41.62 10.24 -7.17
N LEU G 25 41.09 10.35 -8.39
CA LEU G 25 41.49 11.44 -9.27
C LEU G 25 41.18 12.80 -8.65
N PHE G 26 39.99 12.95 -8.07
CA PHE G 26 39.64 14.23 -7.44
C PHE G 26 40.59 14.54 -6.28
N LEU G 27 40.90 13.54 -5.46
CA LEU G 27 41.79 13.77 -4.32
C LEU G 27 43.18 14.19 -4.78
N CYS G 28 43.68 13.58 -5.86
CA CYS G 28 44.99 13.92 -6.38
C CYS G 28 44.96 15.10 -7.34
N ARG G 29 43.80 15.74 -7.54
CA ARG G 29 43.72 16.92 -8.39
C ARG G 29 44.69 18.02 -8.00
N ASP G 30 45.17 18.05 -6.74
CA ASP G 30 46.08 19.12 -6.34
C ASP G 30 47.53 18.83 -6.70
N VAL G 31 47.98 17.57 -6.54
CA VAL G 31 49.36 17.26 -6.87
C VAL G 31 49.58 17.25 -8.38
N ALA G 32 48.58 16.83 -9.15
CA ALA G 32 48.68 16.78 -10.60
C ALA G 32 47.30 16.70 -11.24
N VAL G 36 47.91 16.77 -15.40
CA VAL G 36 46.57 16.26 -15.13
C VAL G 36 46.38 14.90 -15.81
N PRO G 37 46.48 13.84 -15.03
CA PRO G 37 46.36 12.48 -15.59
C PRO G 37 44.93 12.17 -15.96
N PRO G 38 44.70 11.64 -17.17
CA PRO G 38 43.32 11.30 -17.57
C PRO G 38 42.73 10.14 -16.79
N ASN G 39 43.53 9.11 -16.49
CA ASN G 39 43.05 7.94 -15.79
C ASN G 39 43.89 7.68 -14.55
N VAL G 40 43.49 6.68 -13.77
CA VAL G 40 44.08 6.44 -12.45
C VAL G 40 45.42 5.75 -12.57
N ARG G 41 45.55 4.80 -13.49
CA ARG G 41 46.83 4.09 -13.65
C ARG G 41 47.96 5.05 -14.01
N ASP G 42 47.69 5.96 -14.94
CA ASP G 42 48.70 6.96 -15.29
C ASP G 42 49.00 7.88 -14.11
N LEU G 43 47.99 8.21 -13.32
CA LEU G 43 48.22 9.06 -12.15
C LEU G 43 49.15 8.38 -11.15
N LEU G 44 48.90 7.10 -10.86
CA LEU G 44 49.76 6.38 -9.92
C LEU G 44 51.16 6.21 -10.49
N ASP G 45 51.28 5.96 -11.80
CA ASP G 45 52.60 5.85 -12.40
C ASP G 45 53.37 7.17 -12.32
N ILE G 46 52.68 8.29 -12.54
CA ILE G 46 53.33 9.60 -12.42
C ILE G 46 53.76 9.86 -10.98
N LEU G 47 52.91 9.52 -10.02
CA LEU G 47 53.29 9.68 -8.61
C LEU G 47 54.49 8.80 -8.27
N ARG G 48 54.55 7.61 -8.86
CA ARG G 48 55.68 6.72 -8.63
C ARG G 48 56.96 7.27 -9.25
N GLU G 49 56.89 7.79 -10.47
CA GLU G 49 58.07 8.36 -11.11
C GLU G 49 58.51 9.63 -10.40
N ARG G 50 57.58 10.41 -9.88
CA ARG G 50 57.92 11.58 -9.08
C ARG G 50 58.44 11.21 -7.70
N GLY G 51 58.43 9.93 -7.34
CA GLY G 51 58.78 9.51 -6.00
C GLY G 51 57.71 9.71 -4.96
N LYS G 52 56.60 10.39 -5.31
CA LYS G 52 55.49 10.64 -4.40
C LYS G 52 54.50 9.49 -4.37
N LEU G 53 54.99 8.25 -4.40
CA LEU G 53 54.15 7.07 -4.19
C LEU G 53 55.02 6.04 -3.47
N SER G 54 55.27 6.30 -2.19
CA SER G 54 55.90 5.33 -1.31
C SER G 54 54.83 4.38 -0.79
N VAL G 55 55.21 3.50 0.14
CA VAL G 55 54.21 2.65 0.79
C VAL G 55 53.23 3.50 1.59
N GLY G 56 53.72 4.55 2.24
CA GLY G 56 52.84 5.44 2.97
C GLY G 56 51.92 6.25 2.09
N ASP G 57 52.39 6.64 0.90
CA ASP G 57 51.55 7.40 -0.01
C ASP G 57 50.41 6.56 -0.56
N LEU G 58 50.71 5.33 -0.99
CA LEU G 58 49.65 4.43 -1.43
C LEU G 58 48.74 4.05 -0.28
N ALA G 59 49.28 3.95 0.93
CA ALA G 59 48.45 3.69 2.11
C ALA G 59 47.45 4.81 2.34
N GLU G 60 47.92 6.07 2.28
CA GLU G 60 47.02 7.20 2.42
C GLU G 60 45.98 7.22 1.31
N LEU G 61 46.39 6.94 0.07
CA LEU G 61 45.45 6.95 -1.04
C LEU G 61 44.37 5.88 -0.88
N LEU G 62 44.74 4.67 -0.48
CA LEU G 62 43.75 3.64 -0.24
C LEU G 62 42.86 3.97 0.95
N TYR G 63 43.41 4.66 1.95
CA TYR G 63 42.61 5.05 3.12
C TYR G 63 41.60 6.12 2.75
N ARG G 64 41.96 7.05 1.86
CA ARG G 64 41.05 8.12 1.50
C ARG G 64 39.89 7.62 0.65
N VAL G 65 40.11 6.57 -0.14
CA VAL G 65 39.06 6.01 -0.99
C VAL G 65 38.32 4.89 -0.26
N ARG G 66 38.56 4.76 1.04
CA ARG G 66 37.80 3.86 1.90
C ARG G 66 37.89 2.40 1.46
N ARG G 67 39.03 2.00 0.90
CA ARG G 67 39.25 0.61 0.48
C ARG G 67 40.20 -0.06 1.46
N PHE G 68 39.69 -0.34 2.66
CA PHE G 68 40.50 -0.96 3.70
C PHE G 68 40.81 -2.41 3.38
N ASP G 69 39.95 -3.07 2.59
CA ASP G 69 40.23 -4.43 2.16
C ASP G 69 41.51 -4.49 1.34
N LEU G 70 41.77 -3.46 0.52
CA LEU G 70 43.02 -3.40 -0.22
C LEU G 70 44.20 -3.09 0.69
N LEU G 71 43.99 -2.28 1.73
CA LEU G 71 45.04 -2.06 2.71
C LEU G 71 45.45 -3.37 3.37
N LYS G 72 44.48 -4.24 3.67
CA LYS G 72 44.79 -5.50 4.31
C LYS G 72 45.39 -6.50 3.33
N ARG G 73 44.91 -6.50 2.08
CA ARG G 73 45.34 -7.50 1.11
C ARG G 73 46.66 -7.11 0.44
N ILE G 74 46.81 -5.84 0.08
CA ILE G 74 47.97 -5.41 -0.70
C ILE G 74 49.12 -4.97 0.21
N LEU G 75 48.86 -4.06 1.15
CA LEU G 75 49.91 -3.55 2.03
C LEU G 75 49.99 -4.27 3.38
N LYS G 76 49.08 -5.22 3.65
CA LYS G 76 49.04 -5.94 4.92
C LYS G 76 48.89 -4.96 6.10
N MET G 77 47.85 -4.13 6.03
CA MET G 77 47.66 -3.06 6.99
C MET G 77 46.18 -2.86 7.28
N ASP G 78 45.91 -2.20 8.40
CA ASP G 78 44.54 -1.84 8.80
C ASP G 78 44.42 -0.31 8.83
N ARG G 79 43.22 0.14 9.21
CA ARG G 79 42.92 1.57 9.20
C ARG G 79 43.77 2.33 10.22
N LYS G 80 43.93 1.78 11.43
CA LYS G 80 44.63 2.48 12.49
C LYS G 80 46.08 2.73 12.14
N ALA G 81 46.71 1.80 11.42
CA ALA G 81 48.10 2.01 10.98
C ALA G 81 48.22 3.25 10.10
N VAL G 82 47.30 3.40 9.14
CA VAL G 82 47.34 4.55 8.26
C VAL G 82 47.04 5.82 9.03
N GLU G 83 46.12 5.76 10.00
CA GLU G 83 45.81 6.95 10.78
C GLU G 83 47.01 7.41 11.60
N THR G 84 47.74 6.47 12.22
CA THR G 84 48.94 6.84 12.97
C THR G 84 50.03 7.36 12.05
N HIS G 85 50.21 6.71 10.88
CA HIS G 85 51.20 7.18 9.92
C HIS G 85 50.89 8.61 9.48
N LEU G 86 49.61 8.91 9.27
CA LEU G 86 49.22 10.28 8.95
C LEU G 86 49.46 11.21 10.13
N LEU G 87 49.39 10.68 11.36
CA LEU G 87 49.70 11.51 12.52
C LEU G 87 51.17 11.92 12.53
N ARG G 88 52.06 11.04 12.07
CA ARG G 88 53.48 11.34 12.15
C ARG G 88 54.09 11.83 10.84
N ASN G 89 53.56 11.42 9.69
CA ASN G 89 54.17 11.73 8.40
C ASN G 89 53.37 12.78 7.64
N PRO G 90 53.98 13.47 6.68
CA PRO G 90 53.25 14.47 5.90
C PRO G 90 52.15 13.86 5.03
N HIS G 91 51.09 14.64 4.82
CA HIS G 91 49.92 14.19 4.08
C HIS G 91 50.06 14.51 2.60
N LEU G 92 49.67 13.53 1.76
CA LEU G 92 49.65 13.75 0.32
C LEU G 92 48.46 14.59 -0.13
N VAL G 93 47.28 14.35 0.46
CA VAL G 93 46.05 15.01 0.08
C VAL G 93 45.73 16.11 1.08
N SER G 94 45.48 17.32 0.57
CA SER G 94 45.21 18.46 1.43
C SER G 94 43.89 18.28 2.17
N ASP G 95 43.74 19.00 3.28
CA ASP G 95 42.53 18.90 4.09
C ASP G 95 41.29 19.38 3.33
N TYR G 96 41.47 20.27 2.35
CA TYR G 96 40.34 20.70 1.54
C TYR G 96 39.77 19.55 0.72
N ARG G 97 40.64 18.78 0.06
CA ARG G 97 40.18 17.64 -0.72
C ARG G 97 39.54 16.58 0.16
N VAL G 98 40.12 16.33 1.33
CA VAL G 98 39.55 15.36 2.26
C VAL G 98 38.18 15.83 2.74
N LEU G 99 38.05 17.13 3.00
CA LEU G 99 36.76 17.68 3.40
C LEU G 99 35.71 17.49 2.31
N MET G 100 36.08 17.76 1.05
CA MET G 100 35.14 17.58 -0.05
C MET G 100 34.74 16.13 -0.20
N ALA G 101 35.71 15.21 -0.10
CA ALA G 101 35.39 13.79 -0.22
C ALA G 101 34.47 13.32 0.91
N GLU G 102 34.70 13.83 2.12
CA GLU G 102 33.85 13.44 3.25
C GLU G 102 32.45 14.00 3.10
N ILE G 103 32.32 15.25 2.66
CA ILE G 103 31.00 15.81 2.40
C ILE G 103 30.28 14.99 1.34
N GLY G 104 31.01 14.56 0.30
CA GLY G 104 30.40 13.75 -0.73
C GLY G 104 29.94 12.39 -0.21
N GLU G 105 30.74 11.78 0.67
CA GLU G 105 30.40 10.44 1.16
C GLU G 105 29.16 10.44 2.04
N ASP G 106 28.72 11.60 2.53
CA ASP G 106 27.61 11.69 3.47
C ASP G 106 26.38 12.34 2.84
N LEU G 107 26.21 12.19 1.52
CA LEU G 107 25.07 12.76 0.81
C LEU G 107 24.44 11.69 -0.08
N ASP G 108 23.13 11.50 0.06
CA ASP G 108 22.39 10.62 -0.82
C ASP G 108 22.01 11.38 -2.10
N LYS G 109 21.28 10.71 -2.98
CA LYS G 109 21.06 11.25 -4.33
C LYS G 109 20.23 12.53 -4.29
N SER G 110 19.21 12.57 -3.43
CA SER G 110 18.32 13.73 -3.39
C SER G 110 19.06 14.98 -2.92
N ASP G 111 19.90 14.84 -1.90
CA ASP G 111 20.68 15.98 -1.42
C ASP G 111 21.60 16.50 -2.51
N VAL G 112 22.22 15.60 -3.26
CA VAL G 112 23.11 16.00 -4.35
C VAL G 112 22.34 16.77 -5.41
N SER G 113 21.15 16.29 -5.76
CA SER G 113 20.35 16.97 -6.78
C SER G 113 19.96 18.37 -6.33
N SER G 114 19.57 18.52 -5.06
CA SER G 114 19.18 19.84 -4.57
C SER G 114 20.35 20.81 -4.55
N LEU G 115 21.52 20.32 -4.14
CA LEU G 115 22.73 21.15 -4.18
C LEU G 115 23.02 21.59 -5.60
N ILE G 116 22.87 20.68 -6.56
CA ILE G 116 23.15 21.04 -7.96
C ILE G 116 22.18 22.13 -8.40
N PHE G 117 20.93 22.05 -7.97
CA PHE G 117 19.94 23.06 -8.35
C PHE G 117 20.34 24.45 -7.84
N LEU G 118 20.66 24.56 -6.56
CA LEU G 118 20.93 25.89 -6.05
C LEU G 118 22.23 26.42 -6.65
N MET G 119 23.22 25.55 -6.79
CA MET G 119 24.48 26.04 -7.31
C MET G 119 24.36 26.35 -8.79
N LYS G 120 23.41 25.73 -9.49
CA LYS G 120 23.16 26.07 -10.88
C LYS G 120 22.61 27.47 -10.96
N ASP G 121 21.77 27.86 -9.98
CA ASP G 121 21.35 29.28 -9.91
C ASP G 121 22.55 30.18 -9.71
N TYR G 122 23.57 29.69 -9.01
CA TYR G 122 24.72 30.57 -8.79
C TYR G 122 25.80 30.47 -9.86
N MET G 123 25.66 29.53 -10.79
CA MET G 123 26.78 29.26 -11.69
C MET G 123 26.43 29.30 -13.17
N ILE G 128 25.32 24.34 -18.99
CA ILE G 128 24.65 23.71 -17.86
C ILE G 128 24.71 22.19 -17.97
N SER G 129 25.10 21.53 -16.88
CA SER G 129 25.10 20.08 -16.78
C SER G 129 24.45 19.67 -15.48
N LYS G 130 23.68 18.58 -15.52
CA LYS G 130 22.83 18.19 -14.39
C LYS G 130 22.98 16.74 -13.94
N GLU G 131 23.57 15.87 -14.74
CA GLU G 131 23.72 14.45 -14.40
C GLU G 131 25.04 14.16 -13.72
N LYS G 132 25.45 14.99 -12.76
CA LYS G 132 26.77 14.91 -12.16
C LYS G 132 26.71 14.37 -10.74
N SER G 133 27.86 13.90 -10.27
CA SER G 133 28.06 13.55 -8.87
C SER G 133 28.49 14.79 -8.09
N PHE G 134 28.60 14.64 -6.77
CA PHE G 134 29.01 15.77 -5.95
C PHE G 134 30.42 16.22 -6.28
N LEU G 135 31.34 15.28 -6.51
CA LEU G 135 32.71 15.66 -6.82
C LEU G 135 32.81 16.35 -8.18
N ASP G 136 32.00 15.91 -9.15
CA ASP G 136 31.94 16.63 -10.42
C ASP G 136 31.44 18.06 -10.22
N LEU G 137 30.46 18.25 -9.33
CA LEU G 137 29.98 19.59 -9.04
C LEU G 137 31.09 20.44 -8.41
N VAL G 138 31.84 19.85 -7.48
CA VAL G 138 32.92 20.61 -6.84
C VAL G 138 33.99 20.97 -7.86
N VAL G 139 34.26 20.07 -8.81
CA VAL G 139 35.24 20.35 -9.85
C VAL G 139 34.77 21.50 -10.74
N GLU G 140 33.50 21.44 -11.19
CA GLU G 140 32.98 22.52 -12.03
C GLU G 140 32.92 23.85 -11.27
N LEU G 141 32.72 23.80 -9.95
CA LEU G 141 32.74 25.03 -9.18
C LEU G 141 34.15 25.59 -9.07
N GLU G 142 35.13 24.72 -8.85
CA GLU G 142 36.53 25.16 -8.86
C GLU G 142 36.89 25.78 -10.20
N LYS G 143 36.45 25.16 -11.30
CA LYS G 143 36.71 25.71 -12.62
C LYS G 143 36.02 27.06 -12.81
N LEU G 144 34.91 27.30 -12.12
CA LEU G 144 34.19 28.56 -12.21
C LEU G 144 34.54 29.51 -11.07
N ASN G 145 35.53 29.14 -10.25
CA ASN G 145 36.02 29.98 -9.15
C ASN G 145 34.93 30.28 -8.13
N LEU G 146 34.04 29.32 -7.89
CA LEU G 146 32.96 29.48 -6.93
C LEU G 146 33.20 28.73 -5.63
N VAL G 147 34.13 27.78 -5.62
CA VAL G 147 34.51 27.04 -4.42
C VAL G 147 36.03 26.91 -4.41
N ALA G 148 36.62 27.05 -3.23
CA ALA G 148 38.06 27.00 -3.05
C ALA G 148 38.35 26.79 -1.58
N PRO G 149 39.58 26.41 -1.21
CA PRO G 149 39.92 26.32 0.21
C PRO G 149 39.70 27.62 0.96
N ASP G 150 39.82 28.76 0.29
CA ASP G 150 39.56 30.06 0.88
C ASP G 150 38.24 30.67 0.42
N GLN G 151 37.36 29.88 -0.20
CA GLN G 151 36.07 30.35 -0.72
C GLN G 151 35.03 29.24 -0.55
N LEU G 152 34.56 29.06 0.69
CA LEU G 152 33.60 28.01 1.00
C LEU G 152 32.25 28.56 1.43
N ASP G 153 32.02 29.86 1.32
CA ASP G 153 30.80 30.45 1.85
C ASP G 153 29.58 30.00 1.06
N LEU G 154 29.68 29.90 -0.26
CA LEU G 154 28.55 29.49 -1.07
C LEU G 154 28.17 28.04 -0.81
N LEU G 155 29.17 27.14 -0.76
CA LEU G 155 28.91 25.75 -0.43
C LEU G 155 28.34 25.63 0.98
N GLU G 156 28.83 26.45 1.90
CA GLU G 156 28.31 26.46 3.27
C GLU G 156 26.84 26.82 3.29
N LYS G 157 26.46 27.88 2.58
CA LYS G 157 25.06 28.30 2.55
C LYS G 157 24.19 27.24 1.88
N CYS G 158 24.69 26.61 0.81
CA CYS G 158 23.88 25.62 0.11
C CYS G 158 23.68 24.38 0.98
N LEU G 159 24.71 23.96 1.72
CA LEU G 159 24.53 22.86 2.65
C LEU G 159 23.58 23.24 3.78
N LYS G 160 23.61 24.50 4.21
CA LYS G 160 22.65 24.95 5.21
C LYS G 160 21.22 24.88 4.69
N ASN G 161 21.00 25.32 3.44
CA ASN G 161 19.66 25.39 2.88
C ASN G 161 19.05 24.02 2.60
N ILE G 162 19.87 22.96 2.53
CA ILE G 162 19.35 21.60 2.37
C ILE G 162 19.28 20.90 3.71
N HIS G 163 19.41 21.64 4.81
CA HIS G 163 19.21 21.13 6.18
C HIS G 163 20.23 20.05 6.53
N ARG G 164 21.41 20.14 5.93
CA ARG G 164 22.55 19.32 6.34
C ARG G 164 23.53 20.20 7.08
N ILE G 165 23.07 20.72 8.22
CA ILE G 165 23.83 21.69 8.99
C ILE G 165 25.06 21.05 9.62
N ASP G 166 25.07 19.74 9.82
CA ASP G 166 26.27 19.06 10.31
C ASP G 166 27.42 19.22 9.32
N LEU G 167 27.12 19.20 8.02
CA LEU G 167 28.17 19.41 7.04
C LEU G 167 28.63 20.87 7.03
N LYS G 168 27.70 21.79 7.28
CA LYS G 168 28.09 23.18 7.51
C LYS G 168 29.05 23.28 8.69
N THR G 169 28.81 22.51 9.74
CA THR G 169 29.72 22.52 10.89
C THR G 169 31.07 21.92 10.54
N LYS G 170 31.08 20.88 9.69
CA LYS G 170 32.34 20.35 9.17
C LYS G 170 33.13 21.43 8.44
N ILE G 171 32.45 22.17 7.56
CA ILE G 171 33.11 23.25 6.82
C ILE G 171 33.60 24.32 7.79
N GLN G 172 32.83 24.61 8.83
CA GLN G 172 33.25 25.58 9.85
C GLN G 172 34.53 25.13 10.53
N LYS G 173 34.60 23.84 10.92
CA LYS G 173 35.81 23.33 11.56
C LYS G 173 37.00 23.43 10.62
N TYR G 174 36.82 23.08 9.34
CA TYR G 174 37.92 23.19 8.38
C TYR G 174 38.38 24.64 8.26
N LYS G 175 37.43 25.57 8.12
CA LYS G 175 37.80 26.98 8.00
C LYS G 175 38.50 27.48 9.25
N GLN G 176 38.17 26.92 10.41
CA GLN G 176 38.87 27.28 11.63
C GLN G 176 40.22 26.59 11.75
N SER G 177 40.47 25.56 10.94
CA SER G 177 41.78 24.90 10.89
C SER G 177 42.69 25.52 9.83
N VAL G 178 42.91 26.83 9.95
CA VAL G 178 43.88 27.51 9.09
C VAL G 178 44.72 28.49 9.90
N MET H 4 11.20 -27.44 16.88
CA MET H 4 10.05 -26.61 16.58
C MET H 4 9.86 -26.47 15.07
N SER H 5 8.59 -26.43 14.64
CA SER H 5 8.27 -26.35 13.22
C SER H 5 7.08 -25.44 13.02
N ALA H 6 6.92 -24.98 11.78
CA ALA H 6 5.84 -24.05 11.45
C ALA H 6 4.47 -24.72 11.54
N GLU H 7 4.40 -26.04 11.30
CA GLU H 7 3.13 -26.75 11.36
C GLU H 7 2.53 -26.72 12.77
N VAL H 8 3.39 -26.78 13.79
CA VAL H 8 2.91 -26.73 15.17
C VAL H 8 2.31 -25.37 15.48
N ILE H 9 2.99 -24.29 15.06
CA ILE H 9 2.50 -22.93 15.25
C ILE H 9 1.18 -22.76 14.52
N HIS H 10 1.05 -23.39 13.34
CA HIS H 10 -0.17 -23.24 12.57
C HIS H 10 -1.35 -23.91 13.28
N GLN H 11 -1.17 -25.18 13.66
CA GLN H 11 -2.20 -25.90 14.43
C GLN H 11 -2.62 -25.10 15.65
N VAL H 12 -1.66 -24.52 16.39
CA VAL H 12 -2.02 -23.75 17.58
C VAL H 12 -2.84 -22.53 17.20
N GLU H 13 -2.36 -21.74 16.23
CA GLU H 13 -3.07 -20.51 15.87
C GLU H 13 -4.48 -20.78 15.37
N GLU H 14 -4.68 -21.85 14.60
CA GLU H 14 -6.01 -22.14 14.10
C GLU H 14 -6.89 -22.67 15.22
N ALA H 15 -6.29 -23.25 16.26
CA ALA H 15 -7.09 -23.78 17.36
C ALA H 15 -7.54 -22.71 18.36
N LEU H 16 -6.75 -21.65 18.57
CA LEU H 16 -7.10 -20.63 19.54
C LEU H 16 -8.17 -19.71 18.99
N ASP H 17 -8.95 -19.11 19.90
CA ASP H 17 -9.93 -18.09 19.56
C ASP H 17 -9.40 -16.71 19.93
N THR H 18 -10.22 -15.69 19.68
CA THR H 18 -9.76 -14.29 19.78
C THR H 18 -9.34 -13.94 21.21
N ASP H 19 -10.16 -14.29 22.20
CA ASP H 19 -9.83 -13.96 23.58
C ASP H 19 -8.52 -14.63 23.99
N GLU H 20 -8.36 -15.91 23.63
CA GLU H 20 -7.12 -16.61 23.97
C GLU H 20 -5.94 -15.99 23.26
N LYS H 21 -6.13 -15.50 22.04
CA LYS H 21 -5.04 -14.84 21.31
C LYS H 21 -4.61 -13.56 22.02
N GLU H 22 -5.58 -12.71 22.42
CA GLU H 22 -5.24 -11.49 23.15
C GLU H 22 -4.54 -11.81 24.46
N MET H 23 -5.03 -12.84 25.17
CA MET H 23 -4.40 -13.22 26.43
C MET H 23 -2.97 -13.70 26.20
N LEU H 24 -2.75 -14.47 25.14
CA LEU H 24 -1.41 -14.94 24.82
C LEU H 24 -0.47 -13.79 24.51
N LEU H 25 -0.94 -12.80 23.74
CA LEU H 25 -0.11 -11.62 23.47
C LEU H 25 0.24 -10.89 24.76
N PHE H 26 -0.75 -10.69 25.65
CA PHE H 26 -0.46 -9.98 26.89
C PHE H 26 0.55 -10.76 27.74
N LEU H 27 0.38 -12.09 27.82
CA LEU H 27 1.31 -12.90 28.60
C LEU H 27 2.72 -12.86 28.02
N CYS H 28 2.83 -12.85 26.69
CA CYS H 28 4.14 -12.82 26.05
C CYS H 28 4.69 -11.41 25.91
N ARG H 29 3.98 -10.39 26.41
CA ARG H 29 4.51 -9.04 26.42
C ARG H 29 5.87 -8.92 27.10
N ASP H 30 6.23 -9.88 27.97
CA ASP H 30 7.49 -9.77 28.69
C ASP H 30 8.66 -10.30 27.86
N VAL H 31 8.45 -11.39 27.12
CA VAL H 31 9.54 -11.94 26.30
C VAL H 31 9.82 -11.03 25.11
N ALA H 32 8.79 -10.76 24.31
CA ALA H 32 8.88 -9.79 23.22
C ALA H 32 8.49 -8.41 23.75
N ILE H 33 9.39 -7.86 24.57
CA ILE H 33 9.10 -6.65 25.34
C ILE H 33 9.31 -5.37 24.55
N ASP H 34 9.69 -5.46 23.27
CA ASP H 34 9.97 -4.28 22.48
C ASP H 34 9.33 -4.29 21.10
N VAL H 35 8.57 -5.33 20.75
CA VAL H 35 7.87 -5.39 19.48
C VAL H 35 6.39 -5.59 19.76
N VAL H 36 5.57 -5.16 18.81
CA VAL H 36 4.12 -5.27 18.91
C VAL H 36 3.63 -6.26 17.86
N PRO H 37 3.50 -7.54 18.19
CA PRO H 37 3.01 -8.52 17.21
C PRO H 37 1.55 -8.28 16.88
N PRO H 38 1.18 -8.22 15.60
CA PRO H 38 -0.23 -7.97 15.27
C PRO H 38 -1.13 -9.15 15.58
N ASN H 39 -0.70 -10.37 15.26
CA ASN H 39 -1.48 -11.57 15.52
C ASN H 39 -0.59 -12.60 16.22
N VAL H 40 -1.18 -13.73 16.59
CA VAL H 40 -0.45 -14.71 17.39
C VAL H 40 0.54 -15.48 16.54
N ARG H 41 0.26 -15.66 15.26
CA ARG H 41 1.23 -16.33 14.39
C ARG H 41 2.54 -15.55 14.36
N ASP H 42 2.46 -14.23 14.21
CA ASP H 42 3.67 -13.41 14.23
C ASP H 42 4.34 -13.43 15.60
N LEU H 43 3.56 -13.45 16.68
CA LEU H 43 4.16 -13.50 18.01
C LEU H 43 4.94 -14.79 18.20
N LEU H 44 4.34 -15.92 17.83
CA LEU H 44 5.02 -17.21 17.95
C LEU H 44 6.22 -17.30 17.00
N ASP H 45 6.10 -16.72 15.81
CA ASP H 45 7.22 -16.70 14.87
C ASP H 45 8.38 -15.90 15.44
N ILE H 46 8.08 -14.77 16.10
CA ILE H 46 9.12 -13.97 16.73
C ILE H 46 9.76 -14.75 17.88
N LEU H 47 8.94 -15.43 18.68
CA LEU H 47 9.49 -16.22 19.78
C LEU H 47 10.38 -17.34 19.27
N ARG H 48 10.00 -17.96 18.15
CA ARG H 48 10.79 -19.02 17.55
C ARG H 48 12.09 -18.49 16.96
N GLU H 49 12.03 -17.35 16.27
CA GLU H 49 13.23 -16.75 15.71
C GLU H 49 14.18 -16.25 16.80
N ARG H 50 13.64 -15.85 17.94
CA ARG H 50 14.45 -15.46 19.08
C ARG H 50 14.88 -16.64 19.94
N GLY H 51 14.55 -17.86 19.53
CA GLY H 51 14.94 -19.05 20.26
C GLY H 51 14.15 -19.34 21.52
N LYS H 52 13.32 -18.41 21.97
CA LYS H 52 12.54 -18.60 23.20
C LYS H 52 11.18 -19.22 22.94
N LEU H 53 11.11 -20.20 22.02
CA LEU H 53 9.90 -20.96 21.73
C LEU H 53 10.31 -22.40 21.43
N SER H 54 10.69 -23.13 22.47
CA SER H 54 10.94 -24.56 22.36
C SER H 54 9.60 -25.30 22.48
N VAL H 55 9.66 -26.63 22.53
CA VAL H 55 8.45 -27.41 22.76
C VAL H 55 7.91 -27.15 24.16
N GLY H 56 8.80 -27.01 25.14
CA GLY H 56 8.37 -26.70 26.49
C GLY H 56 7.79 -25.31 26.62
N ASP H 57 8.31 -24.35 25.84
CA ASP H 57 7.79 -22.99 25.87
C ASP H 57 6.36 -22.93 25.33
N LEU H 58 6.13 -23.59 24.19
CA LEU H 58 4.77 -23.66 23.66
C LEU H 58 3.86 -24.46 24.58
N ALA H 59 4.40 -25.47 25.25
CA ALA H 59 3.60 -26.20 26.24
C ALA H 59 3.17 -25.27 27.37
N GLU H 60 4.09 -24.46 27.88
CA GLU H 60 3.73 -23.48 28.91
C GLU H 60 2.68 -22.50 28.40
N LEU H 61 2.83 -22.04 27.15
CA LEU H 61 1.87 -21.10 26.59
C LEU H 61 0.49 -21.70 26.50
N LEU H 62 0.40 -22.96 26.04
CA LEU H 62 -0.89 -23.65 26.01
C LEU H 62 -1.43 -23.90 27.41
N TYR H 63 -0.53 -24.08 28.39
CA TYR H 63 -0.94 -24.30 29.77
C TYR H 63 -1.55 -23.04 30.38
N ARG H 64 -1.01 -21.87 30.02
CA ARG H 64 -1.51 -20.63 30.62
C ARG H 64 -2.92 -20.30 30.16
N VAL H 65 -3.29 -20.72 28.95
CA VAL H 65 -4.64 -20.49 28.45
C VAL H 65 -5.51 -21.70 28.79
N ARG H 66 -4.94 -22.63 29.56
CA ARG H 66 -5.65 -23.82 30.04
C ARG H 66 -6.23 -24.63 28.87
N ARG H 67 -5.43 -24.83 27.84
CA ARG H 67 -5.82 -25.61 26.67
C ARG H 67 -5.05 -26.93 26.68
N PHE H 68 -5.44 -27.81 27.61
CA PHE H 68 -4.78 -29.10 27.73
C PHE H 68 -5.13 -30.03 26.57
N ASP H 69 -6.30 -29.82 25.95
CA ASP H 69 -6.65 -30.60 24.77
C ASP H 69 -5.64 -30.39 23.66
N LEU H 70 -5.15 -29.15 23.51
CA LEU H 70 -4.11 -28.89 22.52
C LEU H 70 -2.77 -29.45 22.97
N LEU H 71 -2.50 -29.45 24.28
CA LEU H 71 -1.30 -30.08 24.79
C LEU H 71 -1.29 -31.58 24.50
N LYS H 72 -2.47 -32.20 24.45
CA LYS H 72 -2.56 -33.63 24.16
C LYS H 72 -2.53 -33.91 22.67
N ARG H 73 -3.21 -33.07 21.87
CA ARG H 73 -3.33 -33.34 20.45
C ARG H 73 -2.08 -32.92 19.67
N ILE H 74 -1.55 -31.74 19.96
CA ILE H 74 -0.46 -31.18 19.16
C ILE H 74 0.90 -31.54 19.73
N LEU H 75 1.12 -31.26 21.03
CA LEU H 75 2.40 -31.52 21.67
C LEU H 75 2.45 -32.86 22.39
N LYS H 76 1.31 -33.55 22.53
CA LYS H 76 1.24 -34.86 23.15
C LYS H 76 1.79 -34.83 24.58
N MET H 77 1.21 -33.93 25.37
CA MET H 77 1.60 -33.74 26.75
C MET H 77 0.35 -33.72 27.64
N ASP H 78 0.55 -33.98 28.92
CA ASP H 78 -0.53 -33.94 29.90
C ASP H 78 -0.27 -32.83 30.91
N ARG H 79 -1.18 -32.71 31.88
CA ARG H 79 -1.09 -31.67 32.89
C ARG H 79 0.17 -31.83 33.73
N LYS H 80 0.42 -33.06 34.21
CA LYS H 80 1.54 -33.31 35.11
C LYS H 80 2.88 -33.11 34.40
N ALA H 81 2.96 -33.46 33.12
CA ALA H 81 4.21 -33.27 32.38
C ALA H 81 4.55 -31.79 32.26
N VAL H 82 3.56 -30.96 31.92
CA VAL H 82 3.81 -29.53 31.77
C VAL H 82 4.13 -28.91 33.13
N GLU H 83 3.45 -29.37 34.19
CA GLU H 83 3.75 -28.85 35.52
C GLU H 83 5.15 -29.23 35.96
N THR H 84 5.59 -30.45 35.64
CA THR H 84 6.96 -30.86 35.98
C THR H 84 7.98 -30.06 35.17
N HIS H 85 7.69 -29.81 33.89
CA HIS H 85 8.57 -28.98 33.08
C HIS H 85 8.70 -27.59 33.67
N LEU H 86 7.59 -27.01 34.14
CA LEU H 86 7.67 -25.71 34.79
C LEU H 86 8.40 -25.79 36.13
N LEU H 87 8.31 -26.93 36.81
CA LEU H 87 9.06 -27.13 38.05
C LEU H 87 10.57 -27.19 37.79
N ARG H 88 10.98 -27.73 36.64
CA ARG H 88 12.39 -27.88 36.34
C ARG H 88 12.99 -26.64 35.69
N ASN H 89 12.30 -26.06 34.71
CA ASN H 89 12.86 -24.99 33.90
C ASN H 89 12.24 -23.64 34.24
N PRO H 90 12.93 -22.54 33.93
CA PRO H 90 12.37 -21.22 34.17
C PRO H 90 11.14 -20.95 33.31
N HIS H 91 10.27 -20.07 33.81
CA HIS H 91 9.01 -19.76 33.17
C HIS H 91 9.18 -18.66 32.13
N LEU H 92 8.48 -18.81 31.00
CA LEU H 92 8.49 -17.75 29.99
C LEU H 92 7.67 -16.55 30.44
N VAL H 93 6.49 -16.81 31.03
CA VAL H 93 5.60 -15.77 31.50
C VAL H 93 5.70 -15.69 33.02
N SER H 94 5.96 -14.49 33.53
CA SER H 94 6.09 -14.32 34.97
C SER H 94 4.73 -14.51 35.66
N ASP H 95 4.79 -14.81 36.96
CA ASP H 95 3.56 -14.97 37.73
C ASP H 95 2.74 -13.69 37.78
N TYR H 96 3.39 -12.54 37.57
CA TYR H 96 2.67 -11.28 37.50
C TYR H 96 1.69 -11.27 36.34
N ARG H 97 2.14 -11.70 35.16
CA ARG H 97 1.25 -11.75 34.00
C ARG H 97 0.11 -12.74 34.22
N VAL H 98 0.40 -13.88 34.83
CA VAL H 98 -0.65 -14.86 35.11
C VAL H 98 -1.68 -14.27 36.07
N LEU H 99 -1.20 -13.54 37.09
CA LEU H 99 -2.11 -12.89 38.02
C LEU H 99 -2.98 -11.86 37.31
N MET H 100 -2.38 -11.04 36.44
CA MET H 100 -3.16 -10.05 35.70
C MET H 100 -4.23 -10.71 34.84
N ALA H 101 -3.87 -11.80 34.15
CA ALA H 101 -4.84 -12.49 33.33
C ALA H 101 -5.96 -13.10 34.18
N GLU H 102 -5.59 -13.67 35.34
CA GLU H 102 -6.59 -14.27 36.22
C GLU H 102 -7.55 -13.22 36.77
N ILE H 103 -7.03 -12.01 37.04
CA ILE H 103 -7.90 -10.92 37.47
C ILE H 103 -8.79 -10.45 36.33
N GLY H 104 -8.24 -10.37 35.12
CA GLY H 104 -9.03 -9.97 33.98
C GLY H 104 -10.15 -10.93 33.64
N GLU H 105 -9.95 -12.21 33.89
CA GLU H 105 -11.00 -13.18 33.61
C GLU H 105 -12.17 -13.06 34.57
N ASP H 106 -12.00 -12.37 35.70
CA ASP H 106 -13.04 -12.26 36.72
C ASP H 106 -13.62 -10.85 36.80
N LEU H 107 -13.63 -10.12 35.69
CA LEU H 107 -14.21 -8.78 35.64
C LEU H 107 -15.12 -8.66 34.44
N ASP H 108 -16.37 -8.23 34.68
CA ASP H 108 -17.28 -7.94 33.59
C ASP H 108 -17.03 -6.52 33.09
N LYS H 109 -17.84 -6.08 32.12
CA LYS H 109 -17.60 -4.79 31.49
C LYS H 109 -17.89 -3.62 32.43
N SER H 110 -18.86 -3.77 33.33
CA SER H 110 -19.18 -2.69 34.27
C SER H 110 -18.04 -2.49 35.26
N ASP H 111 -17.47 -3.58 35.77
CA ASP H 111 -16.34 -3.47 36.69
C ASP H 111 -15.16 -2.80 36.01
N VAL H 112 -14.88 -3.17 34.76
CA VAL H 112 -13.78 -2.56 34.02
C VAL H 112 -14.05 -1.07 33.80
N SER H 113 -15.30 -0.73 33.50
CA SER H 113 -15.65 0.68 33.31
C SER H 113 -15.44 1.47 34.60
N SER H 114 -15.80 0.88 35.74
CA SER H 114 -15.61 1.58 37.01
C SER H 114 -14.13 1.73 37.33
N LEU H 115 -13.33 0.69 37.04
CA LEU H 115 -11.88 0.80 37.22
C LEU H 115 -11.31 1.91 36.35
N ILE H 116 -11.76 2.00 35.11
CA ILE H 116 -11.28 3.05 34.22
C ILE H 116 -11.69 4.42 34.76
N PHE H 117 -12.90 4.53 35.31
CA PHE H 117 -13.36 5.80 35.87
C PHE H 117 -12.48 6.24 37.02
N LEU H 118 -12.18 5.32 37.94
CA LEU H 118 -11.35 5.69 39.09
C LEU H 118 -9.93 6.03 38.66
N MET H 119 -9.37 5.25 37.72
CA MET H 119 -7.98 5.43 37.29
C MET H 119 -7.77 6.58 36.31
N LYS H 120 -8.81 7.10 35.66
CA LYS H 120 -8.62 8.16 34.68
C LYS H 120 -7.98 9.40 35.32
N ASP H 121 -8.23 9.64 36.61
CA ASP H 121 -7.54 10.72 37.31
C ASP H 121 -6.03 10.56 37.25
N TYR H 122 -5.55 9.32 37.16
CA TYR H 122 -4.13 9.02 37.16
C TYR H 122 -3.55 8.97 35.75
N MET H 123 -4.41 9.06 34.74
CA MET H 123 -4.01 8.89 33.35
C MET H 123 -4.45 10.07 32.49
N SER H 129 -11.58 7.68 24.28
CA SER H 129 -11.68 6.28 23.87
C SER H 129 -12.43 5.46 24.91
N LYS H 130 -13.18 4.45 24.45
CA LYS H 130 -13.94 3.57 25.32
C LYS H 130 -13.72 2.13 24.85
N GLU H 131 -14.56 1.23 25.35
CA GLU H 131 -14.57 -0.18 24.92
C GLU H 131 -13.23 -0.86 25.15
N LYS H 132 -12.62 -0.61 26.30
CA LYS H 132 -11.34 -1.21 26.64
C LYS H 132 -11.55 -2.48 27.45
N SER H 133 -10.56 -3.37 27.39
CA SER H 133 -10.51 -4.54 28.25
C SER H 133 -9.60 -4.27 29.43
N PHE H 134 -9.61 -5.20 30.39
CA PHE H 134 -8.75 -5.06 31.56
C PHE H 134 -7.27 -5.13 31.20
N LEU H 135 -6.92 -6.04 30.29
CA LEU H 135 -5.53 -6.19 29.91
C LEU H 135 -5.03 -4.97 29.15
N ASP H 136 -5.90 -4.37 28.33
CA ASP H 136 -5.56 -3.11 27.67
C ASP H 136 -5.31 -2.02 28.70
N LEU H 137 -6.11 -1.98 29.76
CA LEU H 137 -5.89 -1.01 30.82
C LEU H 137 -4.56 -1.24 31.51
N VAL H 138 -4.22 -2.50 31.77
CA VAL H 138 -2.95 -2.80 32.43
C VAL H 138 -1.78 -2.40 31.53
N VAL H 139 -1.94 -2.58 30.22
CA VAL H 139 -0.90 -2.17 29.29
C VAL H 139 -0.74 -0.65 29.28
N GLU H 140 -1.86 0.07 29.22
CA GLU H 140 -1.80 1.54 29.24
C GLU H 140 -1.20 2.05 30.53
N LEU H 141 -1.39 1.32 31.64
CA LEU H 141 -0.77 1.71 32.89
C LEU H 141 0.73 1.40 32.88
N GLU H 142 1.11 0.24 32.34
CA GLU H 142 2.53 -0.10 32.23
C GLU H 142 3.28 0.95 31.42
N LYS H 143 2.69 1.42 30.32
CA LYS H 143 3.34 2.47 29.54
C LYS H 143 3.47 3.76 30.36
N LEU H 144 2.59 3.95 31.35
CA LEU H 144 2.61 5.13 32.20
C LEU H 144 3.36 4.91 33.51
N ASN H 145 4.01 3.76 33.68
CA ASN H 145 4.79 3.45 34.90
C ASN H 145 3.90 3.47 36.14
N LEU H 146 2.65 3.02 35.98
CA LEU H 146 1.70 3.03 37.09
C LEU H 146 1.43 1.65 37.67
N VAL H 147 1.81 0.57 36.98
CA VAL H 147 1.66 -0.78 37.51
C VAL H 147 2.91 -1.57 37.18
N ALA H 148 3.31 -2.45 38.10
CA ALA H 148 4.50 -3.28 37.96
C ALA H 148 4.39 -4.41 38.97
N PRO H 149 5.20 -5.46 38.81
CA PRO H 149 5.21 -6.52 39.85
C PRO H 149 5.53 -5.98 41.23
N ASP H 150 6.29 -4.90 41.32
CA ASP H 150 6.61 -4.25 42.58
C ASP H 150 5.81 -2.97 42.80
N GLN H 151 4.75 -2.75 42.01
CA GLN H 151 3.94 -1.53 42.09
C GLN H 151 2.49 -1.93 41.82
N LEU H 152 1.86 -2.55 42.81
CA LEU H 152 0.48 -3.01 42.71
C LEU H 152 -0.45 -2.27 43.66
N ASP H 153 0.03 -1.21 44.31
CA ASP H 153 -0.78 -0.54 45.33
C ASP H 153 -1.98 0.17 44.70
N LEU H 154 -1.77 0.81 43.54
CA LEU H 154 -2.87 1.51 42.89
C LEU H 154 -3.94 0.53 42.40
N LEU H 155 -3.52 -0.54 41.73
CA LEU H 155 -4.47 -1.56 41.28
C LEU H 155 -5.18 -2.22 42.46
N GLU H 156 -4.44 -2.49 43.53
CA GLU H 156 -5.05 -3.09 44.72
C GLU H 156 -6.11 -2.17 45.31
N LYS H 157 -5.78 -0.89 45.48
CA LYS H 157 -6.73 0.05 46.04
C LYS H 157 -7.96 0.21 45.15
N CYS H 158 -7.75 0.28 43.84
CA CYS H 158 -8.87 0.45 42.92
C CYS H 158 -9.76 -0.78 42.88
N LEU H 159 -9.17 -1.98 42.96
CA LEU H 159 -9.98 -3.20 43.04
C LEU H 159 -10.77 -3.24 44.35
N LYS H 160 -10.18 -2.74 45.43
CA LYS H 160 -10.93 -2.65 46.68
C LYS H 160 -12.10 -1.68 46.55
N ASN H 161 -11.87 -0.54 45.89
CA ASN H 161 -12.90 0.51 45.84
C ASN H 161 -14.11 0.11 45.01
N ILE H 162 -13.98 -0.88 44.13
CA ILE H 162 -15.12 -1.37 43.35
C ILE H 162 -15.73 -2.63 43.96
N HIS H 163 -15.40 -2.94 45.21
CA HIS H 163 -16.00 -4.05 45.96
C HIS H 163 -15.67 -5.40 45.33
N ARG H 164 -14.52 -5.50 44.67
CA ARG H 164 -13.99 -6.77 44.20
C ARG H 164 -12.84 -7.18 45.11
N ILE H 165 -13.20 -7.45 46.37
CA ILE H 165 -12.20 -7.71 47.40
C ILE H 165 -11.50 -9.04 47.17
N ASP H 166 -12.16 -9.98 46.47
CA ASP H 166 -11.51 -11.24 46.13
C ASP H 166 -10.30 -11.04 45.24
N LEU H 167 -10.36 -10.07 44.32
CA LEU H 167 -9.21 -9.79 43.47
C LEU H 167 -8.11 -9.10 44.25
N LYS H 168 -8.47 -8.25 45.21
CA LYS H 168 -7.47 -7.73 46.15
C LYS H 168 -6.78 -8.86 46.89
N THR H 169 -7.53 -9.89 47.28
CA THR H 169 -6.93 -11.04 47.94
C THR H 169 -6.01 -11.82 47.00
N LYS H 170 -6.39 -11.91 45.72
CA LYS H 170 -5.48 -12.49 44.72
C LYS H 170 -4.16 -11.73 44.67
N ILE H 171 -4.25 -10.39 44.63
CA ILE H 171 -3.04 -9.57 44.61
C ILE H 171 -2.23 -9.79 45.88
N GLN H 172 -2.91 -9.89 47.03
CA GLN H 172 -2.21 -10.13 48.29
C GLN H 172 -1.46 -11.46 48.27
N LYS H 173 -2.12 -12.51 47.76
CA LYS H 173 -1.48 -13.82 47.71
C LYS H 173 -0.29 -13.81 46.75
N TYR H 174 -0.39 -13.07 45.66
CA TYR H 174 0.77 -12.92 44.78
C TYR H 174 1.91 -12.19 45.49
N LYS H 175 1.59 -11.09 46.18
CA LYS H 175 2.59 -10.32 46.90
C LYS H 175 3.27 -11.14 47.99
N GLN H 176 2.54 -12.08 48.58
CA GLN H 176 3.09 -12.96 49.59
C GLN H 176 3.94 -14.09 49.01
N SER H 177 3.96 -14.25 47.69
CA SER H 177 4.81 -15.26 47.06
C SER H 177 6.21 -14.71 46.79
N MET I 4 13.04 35.99 -8.35
CA MET I 4 12.93 34.60 -7.91
C MET I 4 14.29 33.91 -7.79
N SER I 5 14.37 32.94 -6.88
CA SER I 5 15.60 32.20 -6.65
C SER I 5 15.28 30.73 -6.44
N ALA I 6 16.30 29.89 -6.62
CA ALA I 6 16.14 28.45 -6.48
C ALA I 6 15.85 28.03 -5.04
N GLU I 7 16.25 28.85 -4.07
CA GLU I 7 15.95 28.51 -2.67
C GLU I 7 14.45 28.50 -2.43
N VAL I 8 13.73 29.47 -2.96
CA VAL I 8 12.28 29.52 -2.81
C VAL I 8 11.63 28.30 -3.47
N ILE I 9 12.10 27.95 -4.66
CA ILE I 9 11.55 26.80 -5.38
C ILE I 9 11.81 25.52 -4.59
N HIS I 10 13.00 25.40 -4.00
CA HIS I 10 13.33 24.22 -3.20
C HIS I 10 12.45 24.13 -1.96
N GLN I 11 12.25 25.27 -1.29
CA GLN I 11 11.37 25.32 -0.13
C GLN I 11 9.97 24.86 -0.48
N VAL I 12 9.42 25.41 -1.57
CA VAL I 12 8.06 25.05 -1.98
C VAL I 12 7.97 23.58 -2.33
N GLU I 13 8.92 23.08 -3.12
CA GLU I 13 8.85 21.69 -3.56
C GLU I 13 8.94 20.73 -2.37
N GLU I 14 9.85 20.98 -1.42
CA GLU I 14 9.97 20.06 -0.30
C GLU I 14 8.86 20.24 0.73
N ALA I 15 8.21 21.40 0.75
CA ALA I 15 7.15 21.63 1.72
C ALA I 15 5.84 20.95 1.32
N LEU I 16 5.59 20.80 0.03
CA LEU I 16 4.36 20.19 -0.45
C LEU I 16 4.39 18.68 -0.25
N ASP I 17 3.20 18.08 -0.17
CA ASP I 17 3.06 16.64 -0.11
C ASP I 17 2.65 16.12 -1.48
N THR I 18 2.47 14.80 -1.58
CA THR I 18 2.28 14.15 -2.88
C THR I 18 1.02 14.65 -3.58
N ASP I 19 -0.10 14.69 -2.85
CA ASP I 19 -1.36 15.12 -3.45
C ASP I 19 -1.27 16.56 -3.94
N GLU I 20 -0.68 17.44 -3.12
CA GLU I 20 -0.55 18.84 -3.54
C GLU I 20 0.36 18.98 -4.75
N LYS I 21 1.40 18.15 -4.83
CA LYS I 21 2.27 18.16 -6.01
C LYS I 21 1.51 17.72 -7.26
N GLU I 22 0.72 16.64 -7.15
CA GLU I 22 -0.08 16.20 -8.28
C GLU I 22 -1.06 17.27 -8.71
N MET I 23 -1.69 17.95 -7.74
CA MET I 23 -2.64 19.00 -8.07
C MET I 23 -1.95 20.17 -8.75
N LEU I 24 -0.75 20.53 -8.28
CA LEU I 24 -0.01 21.61 -8.93
C LEU I 24 0.33 21.26 -10.37
N LEU I 25 0.79 20.03 -10.60
CA LEU I 25 1.09 19.60 -11.96
C LEU I 25 -0.16 19.65 -12.84
N PHE I 26 -1.29 19.14 -12.33
CA PHE I 26 -2.53 19.15 -13.09
C PHE I 26 -2.97 20.57 -13.42
N LEU I 27 -2.89 21.48 -12.44
CA LEU I 27 -3.29 22.86 -12.67
C LEU I 27 -2.38 23.53 -13.68
N CYS I 28 -1.09 23.21 -13.66
CA CYS I 28 -0.16 23.82 -14.60
C CYS I 28 -0.10 23.08 -15.93
N ARG I 29 -0.92 22.04 -16.12
CA ARG I 29 -0.99 21.34 -17.41
C ARG I 29 -1.28 22.28 -18.58
N ASP I 30 -1.87 23.45 -18.33
CA ASP I 30 -2.22 24.35 -19.43
C ASP I 30 -1.04 25.21 -19.89
N VAL I 31 -0.21 25.66 -18.96
CA VAL I 31 0.92 26.51 -19.32
C VAL I 31 1.98 25.72 -20.07
N VAL I 35 5.21 20.69 -23.42
CA VAL I 35 6.26 20.44 -22.44
C VAL I 35 5.65 19.92 -21.14
N VAL I 36 5.91 18.66 -20.82
CA VAL I 36 5.34 17.99 -19.66
C VAL I 36 6.46 17.73 -18.66
N PRO I 37 6.53 18.48 -17.56
CA PRO I 37 7.56 18.26 -16.55
C PRO I 37 7.30 17.00 -15.76
N PRO I 38 8.32 16.15 -15.55
CA PRO I 38 8.09 14.92 -14.78
C PRO I 38 7.78 15.16 -13.31
N ASN I 39 8.46 16.10 -12.67
CA ASN I 39 8.25 16.38 -11.26
C ASN I 39 7.97 17.87 -11.07
N VAL I 40 7.68 18.26 -9.83
CA VAL I 40 7.20 19.61 -9.54
C VAL I 40 8.34 20.62 -9.57
N ARG I 41 9.51 20.26 -9.06
CA ARG I 41 10.63 21.19 -9.02
C ARG I 41 11.05 21.60 -10.43
N ASP I 42 11.11 20.64 -11.35
CA ASP I 42 11.40 20.96 -12.75
C ASP I 42 10.30 21.83 -13.34
N LEU I 43 9.04 21.61 -12.96
CA LEU I 43 7.95 22.45 -13.44
C LEU I 43 8.14 23.90 -12.99
N LEU I 44 8.48 24.10 -11.73
CA LEU I 44 8.68 25.46 -11.23
C LEU I 44 9.88 26.10 -11.90
N ASP I 45 10.95 25.33 -12.14
CA ASP I 45 12.12 25.86 -12.83
C ASP I 45 11.77 26.26 -14.25
N ILE I 46 10.95 25.46 -14.93
CA ILE I 46 10.52 25.79 -16.29
C ILE I 46 9.67 27.06 -16.29
N LEU I 47 8.75 27.18 -15.33
CA LEU I 47 7.92 28.37 -15.26
C LEU I 47 8.76 29.62 -14.99
N ARG I 48 9.81 29.50 -14.17
CA ARG I 48 10.69 30.63 -13.95
C ARG I 48 11.50 30.96 -15.20
N GLU I 49 12.02 29.93 -15.86
CA GLU I 49 12.86 30.11 -17.03
C GLU I 49 12.08 30.68 -18.21
N ARG I 50 10.77 30.42 -18.27
CA ARG I 50 9.91 31.05 -19.25
C ARG I 50 9.45 32.45 -18.84
N GLY I 51 9.87 32.92 -17.67
CA GLY I 51 9.41 34.19 -17.14
C GLY I 51 8.03 34.15 -16.52
N LYS I 52 7.35 33.01 -16.55
CA LYS I 52 6.00 32.88 -16.03
C LYS I 52 5.95 32.41 -14.58
N LEU I 53 6.96 32.74 -13.78
CA LEU I 53 6.94 32.42 -12.35
C LEU I 53 7.62 33.56 -11.60
N SER I 54 6.91 34.69 -11.50
CA SER I 54 7.34 35.77 -10.63
C SER I 54 6.89 35.43 -9.21
N VAL I 55 7.04 36.36 -8.27
CA VAL I 55 6.53 36.14 -6.93
C VAL I 55 5.01 36.02 -6.94
N GLY I 56 4.34 36.79 -7.80
CA GLY I 56 2.88 36.70 -7.88
C GLY I 56 2.41 35.38 -8.48
N ASP I 57 3.15 34.84 -9.44
CA ASP I 57 2.76 33.57 -10.05
C ASP I 57 2.90 32.42 -9.06
N LEU I 58 4.02 32.38 -8.32
CA LEU I 58 4.17 31.37 -7.28
C LEU I 58 3.14 31.56 -6.17
N ALA I 59 2.77 32.81 -5.88
CA ALA I 59 1.70 33.06 -4.91
C ALA I 59 0.39 32.47 -5.39
N GLU I 60 0.05 32.68 -6.66
CA GLU I 60 -1.16 32.10 -7.23
C GLU I 60 -1.12 30.58 -7.16
N LEU I 61 0.04 29.99 -7.47
CA LEU I 61 0.16 28.54 -7.42
C LEU I 61 -0.05 28.01 -6.01
N LEU I 62 0.53 28.67 -5.02
CA LEU I 62 0.32 28.26 -3.63
C LEU I 62 -1.13 28.48 -3.20
N TYR I 63 -1.78 29.51 -3.74
CA TYR I 63 -3.18 29.77 -3.40
C TYR I 63 -4.10 28.70 -3.96
N ARG I 64 -3.80 28.22 -5.17
CA ARG I 64 -4.66 27.21 -5.80
C ARG I 64 -4.53 25.84 -5.11
N VAL I 65 -3.39 25.56 -4.50
CA VAL I 65 -3.19 24.28 -3.82
C VAL I 65 -3.59 24.41 -2.35
N ARG I 66 -4.14 25.57 -1.98
CA ARG I 66 -4.71 25.79 -0.65
C ARG I 66 -3.66 25.65 0.45
N ARG I 67 -2.45 26.13 0.17
CA ARG I 67 -1.35 26.13 1.14
C ARG I 67 -1.04 27.57 1.55
N PHE I 68 -1.95 28.14 2.34
CA PHE I 68 -1.79 29.52 2.78
C PHE I 68 -0.64 29.66 3.78
N ASP I 69 -0.33 28.58 4.51
CA ASP I 69 0.82 28.61 5.42
C ASP I 69 2.11 28.89 4.65
N LEU I 70 2.22 28.33 3.43
CA LEU I 70 3.37 28.64 2.60
C LEU I 70 3.30 30.04 2.03
N LEU I 71 2.10 30.54 1.75
CA LEU I 71 1.95 31.93 1.35
C LEU I 71 2.44 32.88 2.44
N LYS I 72 2.28 32.49 3.70
CA LYS I 72 2.66 33.35 4.81
C LYS I 72 4.13 33.17 5.21
N ARG I 73 4.66 31.96 5.15
CA ARG I 73 6.03 31.73 5.61
C ARG I 73 7.05 32.03 4.53
N ILE I 74 6.77 31.61 3.30
CA ILE I 74 7.76 31.65 2.23
C ILE I 74 7.71 32.98 1.48
N LEU I 75 6.53 33.37 1.01
CA LEU I 75 6.38 34.60 0.26
C LEU I 75 5.95 35.78 1.12
N LYS I 76 5.63 35.54 2.40
CA LYS I 76 5.25 36.60 3.34
C LYS I 76 4.03 37.38 2.86
N MET I 77 2.99 36.65 2.47
CA MET I 77 1.77 37.26 1.96
C MET I 77 0.56 36.53 2.55
N ASP I 78 -0.59 37.19 2.51
CA ASP I 78 -1.85 36.65 3.01
C ASP I 78 -2.83 36.44 1.87
N ARG I 79 -4.03 36.00 2.23
CA ARG I 79 -5.04 35.68 1.22
C ARG I 79 -5.52 36.92 0.49
N LYS I 80 -5.61 38.05 1.19
CA LYS I 80 -6.15 39.26 0.58
C LYS I 80 -5.20 39.80 -0.49
N ALA I 81 -3.90 39.76 -0.23
CA ALA I 81 -2.93 40.22 -1.22
C ALA I 81 -2.98 39.36 -2.48
N VAL I 82 -3.01 38.04 -2.33
CA VAL I 82 -3.05 37.18 -3.51
C VAL I 82 -4.38 37.35 -4.25
N GLU I 83 -5.47 37.60 -3.52
CA GLU I 83 -6.75 37.86 -4.19
C GLU I 83 -6.69 39.15 -5.00
N THR I 84 -6.05 40.19 -4.47
CA THR I 84 -5.90 41.43 -5.22
C THR I 84 -5.01 41.21 -6.44
N HIS I 85 -3.95 40.42 -6.30
CA HIS I 85 -3.10 40.09 -7.43
C HIS I 85 -3.89 39.37 -8.52
N LEU I 86 -4.76 38.44 -8.13
CA LEU I 86 -5.59 37.75 -9.12
C LEU I 86 -6.63 38.70 -9.73
N LEU I 87 -7.10 39.68 -8.97
CA LEU I 87 -8.02 40.68 -9.51
C LEU I 87 -7.33 41.57 -10.55
N ARG I 88 -6.04 41.84 -10.38
CA ARG I 88 -5.37 42.79 -11.25
C ARG I 88 -4.69 42.14 -12.45
N ASN I 89 -4.05 40.99 -12.26
CA ASN I 89 -3.25 40.36 -13.31
C ASN I 89 -3.95 39.13 -13.89
N PRO I 90 -3.57 38.72 -15.10
CA PRO I 90 -4.16 37.50 -15.68
C PRO I 90 -3.79 36.27 -14.87
N HIS I 91 -4.64 35.25 -14.96
CA HIS I 91 -4.45 34.05 -14.16
C HIS I 91 -3.50 33.08 -14.85
N LEU I 92 -2.61 32.49 -14.06
CA LEU I 92 -1.75 31.42 -14.56
C LEU I 92 -2.56 30.14 -14.73
N VAL I 93 -3.44 29.85 -13.78
CA VAL I 93 -4.28 28.66 -13.81
C VAL I 93 -5.68 29.08 -14.24
N SER I 94 -6.20 28.44 -15.27
CA SER I 94 -7.52 28.78 -15.80
C SER I 94 -8.61 28.36 -14.82
N ASP I 95 -9.77 29.00 -14.94
CA ASP I 95 -10.91 28.66 -14.09
C ASP I 95 -11.38 27.24 -14.31
N TYR I 96 -11.13 26.68 -15.49
CA TYR I 96 -11.45 25.29 -15.76
C TYR I 96 -10.65 24.35 -14.86
N ARG I 97 -9.34 24.58 -14.76
CA ARG I 97 -8.50 23.74 -13.91
C ARG I 97 -8.91 23.89 -12.44
N VAL I 98 -9.23 25.10 -12.00
CA VAL I 98 -9.66 25.30 -10.63
C VAL I 98 -10.96 24.55 -10.38
N LEU I 99 -11.88 24.60 -11.34
CA LEU I 99 -13.14 23.86 -11.22
C LEU I 99 -12.89 22.36 -11.14
N MET I 100 -11.98 21.84 -11.97
CA MET I 100 -11.68 20.41 -11.93
C MET I 100 -11.08 20.01 -10.58
N ALA I 101 -10.15 20.81 -10.06
CA ALA I 101 -9.57 20.50 -8.76
C ALA I 101 -10.63 20.57 -7.65
N GLU I 102 -11.53 21.55 -7.76
CA GLU I 102 -12.58 21.71 -6.76
C GLU I 102 -13.54 20.53 -6.78
N ILE I 103 -13.88 20.03 -7.96
CA ILE I 103 -14.74 18.85 -8.06
C ILE I 103 -14.01 17.63 -7.53
N GLY I 104 -12.71 17.51 -7.82
CA GLY I 104 -11.94 16.38 -7.33
C GLY I 104 -11.81 16.35 -5.82
N GLU I 105 -11.76 17.53 -5.19
CA GLU I 105 -11.66 17.59 -3.73
C GLU I 105 -12.92 17.10 -3.03
N ASP I 106 -14.03 16.92 -3.75
CA ASP I 106 -15.30 16.59 -3.14
C ASP I 106 -15.81 15.21 -3.56
N LEU I 107 -14.91 14.29 -3.88
CA LEU I 107 -15.28 12.94 -4.28
C LEU I 107 -14.44 11.93 -3.52
N ASP I 108 -15.09 10.97 -2.87
CA ASP I 108 -14.38 9.87 -2.24
C ASP I 108 -14.11 8.78 -3.27
N LYS I 109 -13.50 7.69 -2.82
CA LYS I 109 -13.07 6.63 -3.73
C LYS I 109 -14.28 5.94 -4.38
N SER I 110 -15.36 5.74 -3.61
CA SER I 110 -16.54 5.09 -4.17
C SER I 110 -17.17 5.94 -5.26
N ASP I 111 -17.26 7.26 -5.03
CA ASP I 111 -17.81 8.15 -6.04
C ASP I 111 -16.97 8.12 -7.32
N VAL I 112 -15.64 8.09 -7.17
CA VAL I 112 -14.77 8.02 -8.34
C VAL I 112 -14.97 6.70 -9.09
N SER I 113 -15.11 5.60 -8.37
CA SER I 113 -15.33 4.31 -9.04
C SER I 113 -16.64 4.31 -9.80
N SER I 114 -17.69 4.87 -9.20
CA SER I 114 -18.98 4.91 -9.88
C SER I 114 -18.92 5.82 -11.10
N LEU I 115 -18.21 6.94 -10.98
CA LEU I 115 -17.99 7.82 -12.14
C LEU I 115 -17.25 7.09 -13.24
N ILE I 116 -16.25 6.28 -12.88
CA ILE I 116 -15.48 5.52 -13.85
C ILE I 116 -16.36 4.51 -14.57
N PHE I 117 -17.35 3.92 -13.90
CA PHE I 117 -18.17 2.94 -14.60
C PHE I 117 -18.91 3.59 -15.80
N LEU I 118 -19.55 4.75 -15.54
CA LEU I 118 -20.34 5.41 -16.57
C LEU I 118 -19.42 5.96 -17.66
N MET I 119 -18.33 6.60 -17.22
CA MET I 119 -17.44 7.20 -18.19
C MET I 119 -16.68 6.13 -18.94
N LYS I 120 -16.58 4.93 -18.35
CA LYS I 120 -15.93 3.78 -18.96
C LYS I 120 -16.74 3.32 -20.15
N ASP I 121 -18.07 3.22 -19.98
CA ASP I 121 -18.87 2.86 -21.16
C ASP I 121 -18.73 3.91 -22.25
N TYR I 122 -18.49 5.16 -21.86
CA TYR I 122 -18.34 6.18 -22.89
C TYR I 122 -16.91 6.29 -23.42
N MET I 123 -15.94 5.63 -22.79
CA MET I 123 -14.55 5.79 -23.17
C MET I 123 -13.84 4.46 -23.37
N GLY I 124 -14.20 3.43 -22.61
CA GLY I 124 -13.60 2.12 -22.68
C GLY I 124 -12.71 1.76 -21.51
N ARG I 125 -12.13 2.77 -20.85
CA ARG I 125 -11.12 2.56 -19.82
C ARG I 125 -10.01 1.67 -20.35
N GLY I 126 -9.30 2.21 -21.35
CA GLY I 126 -8.22 1.45 -21.97
C GLY I 126 -7.01 1.29 -21.08
N LYS I 127 -6.77 2.24 -20.19
CA LYS I 127 -5.66 2.15 -19.25
C LYS I 127 -6.14 1.56 -17.93
N ILE I 128 -5.25 0.79 -17.29
CA ILE I 128 -5.56 0.11 -16.04
C ILE I 128 -4.47 0.53 -15.04
N SER I 129 -4.79 1.51 -14.20
CA SER I 129 -3.90 1.93 -13.14
C SER I 129 -4.28 1.26 -11.82
N LYS I 130 -3.38 1.36 -10.85
CA LYS I 130 -3.62 0.78 -9.53
C LYS I 130 -4.86 1.39 -8.90
N GLU I 131 -4.86 2.71 -8.72
CA GLU I 131 -6.06 3.44 -8.33
C GLU I 131 -5.98 4.82 -8.93
N LYS I 132 -6.98 5.19 -9.72
CA LYS I 132 -6.98 6.46 -10.43
C LYS I 132 -7.68 7.52 -9.61
N SER I 133 -7.07 8.70 -9.51
CA SER I 133 -7.70 9.84 -8.88
C SER I 133 -8.61 10.55 -9.87
N PHE I 134 -9.37 11.52 -9.37
CA PHE I 134 -10.27 12.27 -10.25
C PHE I 134 -9.48 13.07 -11.28
N LEU I 135 -8.34 13.65 -10.88
CA LEU I 135 -7.55 14.41 -11.82
C LEU I 135 -6.91 13.51 -12.87
N ASP I 136 -6.51 12.30 -12.47
CA ASP I 136 -6.02 11.33 -13.45
C ASP I 136 -7.11 10.97 -14.45
N LEU I 137 -8.34 10.80 -13.98
CA LEU I 137 -9.45 10.50 -14.87
C LEU I 137 -9.71 11.67 -15.81
N VAL I 138 -9.65 12.90 -15.30
CA VAL I 138 -9.88 14.08 -16.12
C VAL I 138 -8.79 14.21 -17.18
N VAL I 139 -7.55 13.86 -16.83
CA VAL I 139 -6.46 13.88 -17.80
C VAL I 139 -6.70 12.84 -18.89
N GLU I 140 -7.06 11.63 -18.49
CA GLU I 140 -7.33 10.57 -19.46
C GLU I 140 -8.51 10.94 -20.36
N LEU I 141 -9.47 11.70 -19.83
CA LEU I 141 -10.58 12.16 -20.65
C LEU I 141 -10.14 13.24 -21.62
N GLU I 142 -9.33 14.20 -21.15
CA GLU I 142 -8.79 15.22 -22.03
C GLU I 142 -8.01 14.61 -23.19
N LYS I 143 -7.22 13.57 -22.91
CA LYS I 143 -6.48 12.89 -23.96
C LYS I 143 -7.41 12.28 -25.01
N LEU I 144 -8.63 11.92 -24.61
CA LEU I 144 -9.63 11.36 -25.51
C LEU I 144 -10.62 12.41 -26.02
N ASN I 145 -10.38 13.70 -25.73
CA ASN I 145 -11.24 14.79 -26.17
C ASN I 145 -12.65 14.65 -25.63
N LEU I 146 -12.77 14.19 -24.39
CA LEU I 146 -14.06 13.99 -23.75
C LEU I 146 -14.41 15.07 -22.74
N VAL I 147 -13.45 15.87 -22.29
CA VAL I 147 -13.71 16.99 -21.39
C VAL I 147 -12.86 18.17 -21.84
N ALA I 148 -13.42 19.37 -21.69
CA ALA I 148 -12.76 20.59 -22.11
C ALA I 148 -13.47 21.76 -21.43
N PRO I 149 -12.86 22.95 -21.43
CA PRO I 149 -13.58 24.13 -20.89
C PRO I 149 -14.90 24.39 -21.58
N ASP I 150 -15.03 24.02 -22.86
CA ASP I 150 -16.28 24.14 -23.60
C ASP I 150 -16.97 22.80 -23.79
N GLN I 151 -16.56 21.77 -23.05
CA GLN I 151 -17.10 20.41 -23.21
C GLN I 151 -17.18 19.76 -21.82
N LEU I 152 -18.20 20.17 -21.06
CA LEU I 152 -18.42 19.67 -19.71
C LEU I 152 -19.71 18.87 -19.59
N ASP I 153 -20.36 18.57 -20.71
CA ASP I 153 -21.68 17.94 -20.66
C ASP I 153 -21.62 16.52 -20.13
N LEU I 154 -20.60 15.75 -20.54
CA LEU I 154 -20.49 14.37 -20.10
C LEU I 154 -20.20 14.28 -18.60
N LEU I 155 -19.24 15.08 -18.12
CA LEU I 155 -18.96 15.11 -16.69
C LEU I 155 -20.18 15.59 -15.92
N GLU I 156 -20.91 16.57 -16.46
CA GLU I 156 -22.12 17.06 -15.82
C GLU I 156 -23.16 15.95 -15.68
N LYS I 157 -23.41 15.21 -16.77
CA LYS I 157 -24.39 14.13 -16.72
C LYS I 157 -23.96 13.03 -15.76
N CYS I 158 -22.68 12.68 -15.75
CA CYS I 158 -22.21 11.61 -14.88
C CYS I 158 -22.28 12.03 -13.41
N LEU I 159 -21.96 13.29 -13.12
CA LEU I 159 -22.13 13.81 -11.76
C LEU I 159 -23.59 13.86 -11.35
N LYS I 160 -24.49 14.13 -12.30
CA LYS I 160 -25.92 14.08 -11.99
C LYS I 160 -26.35 12.68 -11.62
N ASN I 161 -25.91 11.67 -12.38
CA ASN I 161 -26.40 10.32 -12.17
C ASN I 161 -25.93 9.71 -10.85
N ILE I 162 -24.87 10.25 -10.24
CA ILE I 162 -24.42 9.78 -8.94
C ILE I 162 -24.94 10.67 -7.81
N HIS I 163 -25.91 11.53 -8.10
CA HIS I 163 -26.58 12.35 -7.08
C HIS I 163 -25.62 13.34 -6.43
N ARG I 164 -24.61 13.80 -7.17
CA ARG I 164 -23.73 14.87 -6.70
C ARG I 164 -24.11 16.18 -7.38
N ILE I 165 -25.33 16.64 -7.06
CA ILE I 165 -25.90 17.80 -7.73
C ILE I 165 -25.16 19.08 -7.36
N ASP I 166 -24.53 19.13 -6.18
CA ASP I 166 -23.74 20.31 -5.81
C ASP I 166 -22.58 20.53 -6.77
N LEU I 167 -21.92 19.45 -7.20
CA LEU I 167 -20.84 19.59 -8.16
C LEU I 167 -21.37 19.96 -9.54
N LYS I 168 -22.54 19.44 -9.90
CA LYS I 168 -23.21 19.87 -11.12
C LYS I 168 -23.49 21.37 -11.07
N THR I 169 -23.87 21.89 -9.90
CA THR I 169 -24.11 23.32 -9.75
C THR I 169 -22.80 24.10 -9.86
N LYS I 170 -21.71 23.53 -9.35
CA LYS I 170 -20.39 24.14 -9.56
C LYS I 170 -20.09 24.25 -11.05
N ILE I 171 -20.33 23.18 -11.80
CA ILE I 171 -20.09 23.18 -13.24
C ILE I 171 -20.94 24.24 -13.91
N GLN I 172 -22.22 24.35 -13.52
CA GLN I 172 -23.11 25.31 -14.18
C GLN I 172 -22.74 26.74 -13.84
N LYS I 173 -22.29 27.00 -12.61
CA LYS I 173 -21.82 28.34 -12.27
C LYS I 173 -20.59 28.70 -13.07
N TYR I 174 -19.69 27.73 -13.31
CA TYR I 174 -18.57 27.98 -14.20
C TYR I 174 -19.05 28.29 -15.61
N LYS I 175 -19.99 27.49 -16.12
CA LYS I 175 -20.47 27.68 -17.48
C LYS I 175 -21.14 29.04 -17.67
N GLN I 176 -21.79 29.56 -16.63
CA GLN I 176 -22.43 30.87 -16.72
C GLN I 176 -21.45 32.02 -16.57
N SER I 177 -20.19 31.77 -16.21
CA SER I 177 -19.19 32.82 -16.12
C SER I 177 -18.49 33.10 -17.44
N VAL I 178 -18.93 32.48 -18.53
CA VAL I 178 -18.33 32.70 -19.84
C VAL I 178 -19.41 33.01 -20.88
N MET J 4 23.64 10.58 20.23
CA MET J 4 22.66 9.57 19.87
C MET J 4 23.24 8.52 18.93
N SER J 5 22.58 7.36 18.85
CA SER J 5 23.02 6.28 18.00
C SER J 5 21.80 5.61 17.38
N ALA J 6 22.05 4.88 16.27
CA ALA J 6 20.97 4.22 15.55
C ALA J 6 20.35 3.07 16.36
N GLU J 7 21.08 2.52 17.32
CA GLU J 7 20.54 1.43 18.14
C GLU J 7 19.38 1.93 19.00
N VAL J 8 19.58 3.05 19.70
CA VAL J 8 18.54 3.63 20.52
C VAL J 8 17.35 4.05 19.66
N ILE J 9 17.62 4.66 18.51
CA ILE J 9 16.53 5.10 17.63
C ILE J 9 15.73 3.90 17.13
N HIS J 10 16.42 2.80 16.81
CA HIS J 10 15.73 1.61 16.36
C HIS J 10 14.82 1.05 17.46
N GLN J 11 15.35 0.96 18.68
CA GLN J 11 14.54 0.49 19.81
C GLN J 11 13.31 1.36 20.00
N VAL J 12 13.51 2.69 20.01
CA VAL J 12 12.40 3.60 20.24
C VAL J 12 11.36 3.48 19.14
N GLU J 13 11.79 3.48 17.87
CA GLU J 13 10.83 3.44 16.78
C GLU J 13 10.04 2.14 16.77
N GLU J 14 10.70 0.99 16.99
CA GLU J 14 9.95 -0.26 16.95
C GLU J 14 9.12 -0.47 18.20
N ALA J 15 9.46 0.21 19.31
CA ALA J 15 8.70 0.05 20.54
C ALA J 15 7.39 0.82 20.51
N LEU J 16 7.33 1.93 19.76
CA LEU J 16 6.12 2.74 19.69
C LEU J 16 5.04 2.05 18.86
N ASP J 17 3.80 2.42 19.13
CA ASP J 17 2.67 1.96 18.34
C ASP J 17 2.24 3.06 17.36
N THR J 18 1.21 2.74 16.57
CA THR J 18 0.82 3.62 15.46
C THR J 18 0.36 4.99 15.95
N ASP J 19 -0.49 5.01 16.97
CA ASP J 19 -0.99 6.29 17.49
C ASP J 19 0.15 7.14 18.01
N GLU J 20 1.08 6.54 18.76
CA GLU J 20 2.22 7.30 19.27
C GLU J 20 3.12 7.78 18.14
N LYS J 21 3.24 7.00 17.06
CA LYS J 21 4.03 7.45 15.92
C LYS J 21 3.40 8.68 15.27
N GLU J 22 2.09 8.64 15.03
CA GLU J 22 1.40 9.80 14.47
C GLU J 22 1.53 11.01 15.38
N MET J 23 1.39 10.79 16.70
CA MET J 23 1.48 11.89 17.65
C MET J 23 2.87 12.49 17.67
N LEU J 24 3.91 11.65 17.62
CA LEU J 24 5.28 12.15 17.58
C LEU J 24 5.54 12.96 16.31
N LEU J 25 5.06 12.47 15.17
CA LEU J 25 5.20 13.21 13.93
C LEU J 25 4.53 14.58 14.02
N PHE J 26 3.29 14.61 14.54
CA PHE J 26 2.58 15.87 14.67
C PHE J 26 3.30 16.83 15.61
N LEU J 27 3.80 16.32 16.75
CA LEU J 27 4.51 17.17 17.68
C LEU J 27 5.78 17.73 17.07
N CYS J 28 6.47 16.94 16.25
CA CYS J 28 7.69 17.39 15.62
C CYS J 28 7.45 18.15 14.32
N ARG J 29 6.19 18.37 13.92
CA ARG J 29 5.92 19.21 12.76
C ARG J 29 6.52 20.61 12.89
N ASP J 30 6.76 21.09 14.12
CA ASP J 30 7.31 22.44 14.31
C ASP J 30 8.83 22.49 14.24
N VAL J 31 9.51 21.48 14.78
CA VAL J 31 10.97 21.49 14.75
C VAL J 31 11.49 21.27 13.33
N ALA J 32 10.75 20.52 12.51
CA ALA J 32 11.12 20.26 11.12
C ALA J 32 9.95 20.70 10.21
N ILE J 33 9.72 22.01 10.14
CA ILE J 33 8.58 22.53 9.39
C ILE J 33 8.79 22.33 7.90
N ASP J 34 10.02 22.50 7.42
CA ASP J 34 10.28 22.54 5.99
C ASP J 34 10.09 21.19 5.31
N VAL J 35 10.22 20.08 6.04
CA VAL J 35 10.22 18.76 5.44
C VAL J 35 9.00 17.98 5.92
N VAL J 36 8.67 16.93 5.19
CA VAL J 36 7.58 16.03 5.53
C VAL J 36 8.16 14.63 5.70
N PRO J 37 8.44 14.21 6.93
CA PRO J 37 8.99 12.87 7.16
C PRO J 37 7.95 11.79 6.92
N PRO J 38 8.27 10.76 6.15
CA PRO J 38 7.27 9.71 5.90
C PRO J 38 7.00 8.84 7.12
N ASN J 39 8.04 8.45 7.85
CA ASN J 39 7.88 7.62 9.04
C ASN J 39 8.64 8.25 10.20
N VAL J 40 8.50 7.65 11.38
CA VAL J 40 9.06 8.23 12.59
C VAL J 40 10.56 7.99 12.69
N ARG J 41 11.03 6.83 12.20
CA ARG J 41 12.46 6.55 12.24
C ARG J 41 13.25 7.58 11.42
N ASP J 42 12.77 7.85 10.21
CA ASP J 42 13.39 8.88 9.38
C ASP J 42 13.31 10.25 10.06
N LEU J 43 12.20 10.52 10.77
CA LEU J 43 12.07 11.77 11.49
C LEU J 43 13.16 11.90 12.54
N LEU J 44 13.38 10.84 13.32
CA LEU J 44 14.41 10.87 14.36
C LEU J 44 15.79 11.00 13.75
N ASP J 45 16.03 10.33 12.62
CA ASP J 45 17.32 10.48 11.95
C ASP J 45 17.53 11.92 11.47
N ILE J 46 16.48 12.54 10.94
CA ILE J 46 16.58 13.93 10.50
C ILE J 46 16.84 14.84 11.69
N LEU J 47 16.17 14.59 12.81
CA LEU J 47 16.42 15.38 14.01
C LEU J 47 17.85 15.21 14.48
N ARG J 48 18.40 14.00 14.35
CA ARG J 48 19.78 13.79 14.76
C ARG J 48 20.77 14.50 13.84
N GLU J 49 20.56 14.42 12.54
CA GLU J 49 21.47 15.10 11.62
C GLU J 49 21.34 16.62 11.71
N ARG J 50 20.17 17.12 12.13
CA ARG J 50 20.00 18.55 12.32
C ARG J 50 20.48 19.01 13.70
N GLY J 51 21.06 18.11 14.49
CA GLY J 51 21.58 18.45 15.80
C GLY J 51 20.54 18.57 16.89
N LYS J 52 19.26 18.51 16.55
CA LYS J 52 18.17 18.69 17.51
C LYS J 52 17.62 17.36 18.03
N LEU J 53 18.50 16.43 18.37
CA LEU J 53 18.10 15.15 18.96
C LEU J 53 19.24 14.67 19.88
N SER J 54 19.38 15.33 21.02
CA SER J 54 20.27 14.84 22.06
C SER J 54 19.53 13.77 22.87
N VAL J 55 20.15 13.29 23.94
CA VAL J 55 19.46 12.37 24.83
C VAL J 55 18.29 13.06 25.52
N GLY J 56 18.45 14.34 25.87
CA GLY J 56 17.36 15.08 26.48
C GLY J 56 16.21 15.30 25.53
N ASP J 57 16.50 15.51 24.24
CA ASP J 57 15.43 15.70 23.26
C ASP J 57 14.63 14.42 23.07
N LEU J 58 15.30 13.28 22.95
CA LEU J 58 14.57 12.01 22.86
C LEU J 58 13.80 11.74 24.13
N ALA J 59 14.34 12.13 25.28
CA ALA J 59 13.61 12.00 26.55
C ALA J 59 12.33 12.82 26.51
N GLU J 60 12.44 14.07 26.04
CA GLU J 60 11.26 14.93 25.93
C GLU J 60 10.24 14.34 24.96
N LEU J 61 10.70 13.79 23.84
CA LEU J 61 9.77 13.21 22.87
C LEU J 61 9.05 12.01 23.46
N LEU J 62 9.77 11.14 24.17
CA LEU J 62 9.10 10.01 24.81
C LEU J 62 8.16 10.47 25.92
N TYR J 63 8.50 11.57 26.59
CA TYR J 63 7.65 12.10 27.66
C TYR J 63 6.36 12.69 27.11
N ARG J 64 6.43 13.33 25.94
CA ARG J 64 5.24 13.97 25.38
C ARG J 64 4.23 12.94 24.89
N VAL J 65 4.70 11.74 24.48
CA VAL J 65 3.80 10.70 24.03
C VAL J 65 3.41 9.82 25.21
N ARG J 66 3.81 10.24 26.42
CA ARG J 66 3.43 9.58 27.67
C ARG J 66 3.87 8.12 27.68
N ARG J 67 5.08 7.88 27.21
CA ARG J 67 5.65 6.54 27.12
C ARG J 67 6.82 6.43 28.10
N PHE J 68 6.48 6.40 29.38
CA PHE J 68 7.49 6.39 30.44
C PHE J 68 8.22 5.05 30.54
N ASP J 69 7.57 3.96 30.13
CA ASP J 69 8.25 2.66 30.16
C ASP J 69 9.49 2.66 29.30
N LEU J 70 9.46 3.36 28.15
CA LEU J 70 10.66 3.50 27.33
C LEU J 70 11.66 4.44 27.98
N LEU J 71 11.18 5.47 28.70
CA LEU J 71 12.09 6.34 29.43
C LEU J 71 12.89 5.55 30.47
N LYS J 72 12.27 4.55 31.08
CA LYS J 72 12.97 3.75 32.09
C LYS J 72 13.76 2.60 31.50
N ARG J 73 13.29 2.00 30.41
CA ARG J 73 13.97 0.84 29.83
C ARG J 73 15.09 1.24 28.88
N ILE J 74 14.87 2.24 28.03
CA ILE J 74 15.83 2.57 26.98
C ILE J 74 16.82 3.63 27.45
N LEU J 75 16.33 4.74 27.99
CA LEU J 75 17.21 5.82 28.44
C LEU J 75 17.55 5.73 29.93
N LYS J 76 16.89 4.83 30.67
CA LYS J 76 17.14 4.67 32.11
C LYS J 76 16.95 6.00 32.84
N MET J 77 15.81 6.63 32.59
CA MET J 77 15.46 7.92 33.15
C MET J 77 14.10 7.80 33.82
N ASP J 78 13.82 8.75 34.72
CA ASP J 78 12.53 8.79 35.40
C ASP J 78 11.77 10.05 34.99
N ARG J 79 10.50 10.09 35.39
CA ARG J 79 9.61 11.18 35.01
C ARG J 79 10.17 12.53 35.49
N LYS J 80 10.59 12.59 36.75
CA LYS J 80 11.04 13.85 37.33
C LYS J 80 12.34 14.33 36.68
N ALA J 81 13.19 13.42 36.20
CA ALA J 81 14.40 13.83 35.50
C ALA J 81 14.04 14.58 34.21
N VAL J 82 13.12 14.03 33.43
CA VAL J 82 12.72 14.69 32.19
C VAL J 82 12.02 15.99 32.48
N GLU J 83 11.23 16.03 33.57
CA GLU J 83 10.55 17.27 33.93
C GLU J 83 11.55 18.35 34.34
N THR J 84 12.59 17.99 35.10
CA THR J 84 13.61 18.97 35.45
C THR J 84 14.39 19.43 34.24
N HIS J 85 14.69 18.50 33.32
CA HIS J 85 15.37 18.88 32.08
C HIS J 85 14.54 19.88 31.29
N LEU J 86 13.22 19.67 31.22
CA LEU J 86 12.35 20.62 30.55
C LEU J 86 12.25 21.93 31.33
N LEU J 87 12.39 21.88 32.66
CA LEU J 87 12.36 23.10 33.46
C LEU J 87 13.57 23.97 33.19
N ARG J 88 14.76 23.37 33.03
CA ARG J 88 15.97 24.18 32.87
C ARG J 88 16.34 24.43 31.41
N ASN J 89 16.19 23.45 30.54
CA ASN J 89 16.62 23.61 29.15
C ASN J 89 15.44 23.97 28.26
N PRO J 90 15.71 24.55 27.09
CA PRO J 90 14.61 24.88 26.17
C PRO J 90 13.89 23.65 25.64
N HIS J 91 12.62 23.83 25.32
CA HIS J 91 11.74 22.75 24.90
C HIS J 91 11.85 22.51 23.40
N LEU J 92 11.86 21.23 23.02
CA LEU J 92 11.82 20.89 21.59
C LEU J 92 10.43 21.09 21.01
N VAL J 93 9.40 20.67 21.73
CA VAL J 93 8.01 20.78 21.29
C VAL J 93 7.35 21.92 22.07
N SER J 94 6.75 22.86 21.35
CA SER J 94 6.09 23.99 21.98
C SER J 94 4.83 23.55 22.70
N ASP J 95 4.37 24.39 23.64
CA ASP J 95 3.16 24.09 24.39
C ASP J 95 1.92 24.04 23.50
N TYR J 96 1.95 24.70 22.34
CA TYR J 96 0.82 24.67 21.42
C TYR J 96 0.58 23.25 20.90
N ARG J 97 1.64 22.57 20.46
CA ARG J 97 1.51 21.20 20.00
C ARG J 97 1.06 20.27 21.12
N VAL J 98 1.58 20.49 22.33
CA VAL J 98 1.17 19.68 23.47
C VAL J 98 -0.32 19.88 23.74
N LEU J 99 -0.77 21.12 23.65
CA LEU J 99 -2.19 21.43 23.85
C LEU J 99 -3.05 20.73 22.81
N MET J 100 -2.64 20.77 21.54
CA MET J 100 -3.39 20.11 20.49
C MET J 100 -3.46 18.60 20.73
N ALA J 101 -2.34 17.99 21.10
CA ALA J 101 -2.34 16.56 21.37
C ALA J 101 -3.22 16.24 22.57
N GLU J 102 -3.20 17.11 23.58
CA GLU J 102 -4.03 16.93 24.77
C GLU J 102 -5.51 16.99 24.43
N ILE J 103 -5.90 17.95 23.59
CA ILE J 103 -7.29 18.03 23.15
C ILE J 103 -7.66 16.80 22.35
N GLY J 104 -6.76 16.33 21.49
CA GLY J 104 -7.04 15.14 20.71
C GLY J 104 -7.21 13.90 21.56
N GLU J 105 -6.50 13.83 22.69
CA GLU J 105 -6.60 12.68 23.58
C GLU J 105 -8.00 12.52 24.16
N ASP J 106 -8.76 13.61 24.28
CA ASP J 106 -10.06 13.59 24.95
C ASP J 106 -11.22 13.73 23.96
N LEU J 107 -11.05 13.25 22.73
CA LEU J 107 -12.10 13.31 21.74
C LEU J 107 -12.26 11.93 21.11
N ASP J 108 -13.49 11.40 21.15
CA ASP J 108 -13.80 10.14 20.49
C ASP J 108 -14.15 10.39 19.02
N LYS J 109 -14.65 9.36 18.35
CA LYS J 109 -14.96 9.48 16.92
C LYS J 109 -16.13 10.42 16.68
N SER J 110 -17.15 10.37 17.56
CA SER J 110 -18.31 11.23 17.37
C SER J 110 -17.94 12.70 17.51
N ASP J 111 -17.11 13.04 18.50
CA ASP J 111 -16.67 14.42 18.68
C ASP J 111 -15.87 14.89 17.47
N VAL J 112 -15.01 14.03 16.93
CA VAL J 112 -14.22 14.39 15.76
C VAL J 112 -15.13 14.62 14.56
N SER J 113 -16.14 13.77 14.38
CA SER J 113 -17.06 13.94 13.27
C SER J 113 -17.84 15.24 13.38
N SER J 114 -18.29 15.57 14.59
CA SER J 114 -19.04 16.82 14.77
C SER J 114 -18.13 18.04 14.56
N LEU J 115 -16.89 17.97 15.03
CA LEU J 115 -15.93 19.04 14.77
C LEU J 115 -15.69 19.21 13.27
N ILE J 116 -15.56 18.09 12.55
CA ILE J 116 -15.35 18.16 11.11
C ILE J 116 -16.56 18.81 10.43
N PHE J 117 -17.76 18.47 10.91
CA PHE J 117 -18.98 19.03 10.32
C PHE J 117 -18.99 20.55 10.51
N LEU J 118 -18.67 21.01 11.71
CA LEU J 118 -18.68 22.45 11.95
C LEU J 118 -17.58 23.15 11.17
N MET J 119 -16.40 22.53 11.05
CA MET J 119 -15.27 23.13 10.38
C MET J 119 -15.38 23.13 8.85
N LYS J 120 -16.23 22.27 8.28
CA LYS J 120 -16.32 22.18 6.82
C LYS J 120 -16.76 23.50 6.19
N ASP J 121 -17.66 24.25 6.84
CA ASP J 121 -17.99 25.58 6.35
C ASP J 121 -16.80 26.52 6.38
N TYR J 122 -15.88 26.31 7.31
CA TYR J 122 -14.74 27.20 7.52
C TYR J 122 -13.53 26.79 6.69
N MET J 123 -13.58 25.62 6.05
CA MET J 123 -12.42 25.12 5.32
C MET J 123 -12.75 24.80 3.86
N GLY J 124 -13.95 24.28 3.63
CA GLY J 124 -14.31 23.76 2.33
C GLY J 124 -14.64 22.28 2.44
N ARG J 125 -15.53 21.80 1.57
CA ARG J 125 -15.97 20.41 1.65
C ARG J 125 -14.81 19.44 1.48
N GLY J 126 -13.79 19.81 0.71
CA GLY J 126 -12.62 18.98 0.56
C GLY J 126 -11.59 19.18 1.64
N SER J 129 -12.53 12.16 2.03
CA SER J 129 -11.99 11.67 3.29
C SER J 129 -13.04 11.66 4.40
N LYS J 130 -12.88 12.55 5.37
CA LYS J 130 -13.79 12.76 6.49
C LYS J 130 -13.83 11.58 7.46
N GLU J 131 -12.79 10.75 7.48
CA GLU J 131 -12.62 9.69 8.46
C GLU J 131 -11.26 9.82 9.14
N LYS J 132 -10.87 11.05 9.44
CA LYS J 132 -9.54 11.38 9.93
C LYS J 132 -9.55 11.54 11.44
N SER J 133 -8.34 11.68 12.00
CA SER J 133 -8.18 11.94 13.42
C SER J 133 -8.17 13.44 13.68
N PHE J 134 -8.17 13.80 14.96
CA PHE J 134 -8.16 15.21 15.33
C PHE J 134 -6.86 15.89 14.90
N LEU J 135 -5.74 15.19 15.01
CA LEU J 135 -4.46 15.79 14.62
C LEU J 135 -4.39 16.01 13.12
N ASP J 136 -4.99 15.12 12.32
CA ASP J 136 -5.07 15.36 10.89
C ASP J 136 -5.86 16.63 10.59
N LEU J 137 -6.96 16.84 11.33
CA LEU J 137 -7.75 18.06 11.14
C LEU J 137 -6.93 19.28 11.52
N VAL J 138 -6.18 19.21 12.62
CA VAL J 138 -5.37 20.35 13.03
C VAL J 138 -4.29 20.64 12.00
N VAL J 139 -3.75 19.60 11.37
CA VAL J 139 -2.74 19.79 10.33
C VAL J 139 -3.37 20.48 9.12
N GLU J 140 -4.53 19.98 8.68
CA GLU J 140 -5.20 20.60 7.53
C GLU J 140 -5.61 22.03 7.83
N LEU J 141 -5.91 22.34 9.09
CA LEU J 141 -6.23 23.72 9.46
C LEU J 141 -4.98 24.60 9.44
N GLU J 142 -3.86 24.08 9.94
CA GLU J 142 -2.60 24.81 9.85
C GLU J 142 -2.26 25.13 8.41
N LYS J 143 -2.47 24.16 7.50
CA LYS J 143 -2.25 24.43 6.09
C LYS J 143 -3.18 25.50 5.57
N LEU J 144 -4.36 25.65 6.17
CA LEU J 144 -5.33 26.65 5.74
C LEU J 144 -5.25 27.94 6.55
N ASN J 145 -4.26 28.06 7.44
CA ASN J 145 -4.05 29.28 8.23
C ASN J 145 -5.26 29.60 9.11
N LEU J 146 -5.91 28.55 9.62
CA LEU J 146 -7.10 28.70 10.44
C LEU J 146 -6.85 28.51 11.93
N VAL J 147 -5.72 27.91 12.32
CA VAL J 147 -5.37 27.75 13.73
C VAL J 147 -3.89 28.04 13.88
N ALA J 148 -3.53 28.66 15.00
CA ALA J 148 -2.15 29.05 15.28
C ALA J 148 -2.02 29.30 16.78
N PRO J 149 -0.79 29.36 17.30
CA PRO J 149 -0.63 29.71 18.72
C PRO J 149 -1.27 31.04 19.10
N ASP J 150 -1.34 31.99 18.17
CA ASP J 150 -2.00 33.27 18.40
C ASP J 150 -3.36 33.34 17.71
N GLN J 151 -3.89 32.20 17.25
CA GLN J 151 -5.14 32.14 16.51
C GLN J 151 -5.87 30.86 16.92
N LEU J 152 -6.48 30.90 18.11
CA LEU J 152 -7.20 29.77 18.68
C LEU J 152 -8.69 30.04 18.82
N ASP J 153 -9.16 31.16 18.28
CA ASP J 153 -10.54 31.57 18.52
C ASP J 153 -11.54 30.63 17.86
N LEU J 154 -11.26 30.21 16.63
CA LEU J 154 -12.19 29.34 15.91
C LEU J 154 -12.29 27.97 16.56
N LEU J 155 -11.14 27.36 16.87
CA LEU J 155 -11.16 26.06 17.55
C LEU J 155 -11.84 26.16 18.91
N GLU J 156 -11.60 27.25 19.63
CA GLU J 156 -12.26 27.46 20.92
C GLU J 156 -13.77 27.52 20.75
N LYS J 157 -14.25 28.29 19.77
CA LYS J 157 -15.69 28.40 19.56
C LYS J 157 -16.30 27.06 19.17
N CYS J 158 -15.61 26.30 18.31
CA CYS J 158 -16.15 25.03 17.86
C CYS J 158 -16.17 24.00 18.99
N LEU J 159 -15.14 23.99 19.84
CA LEU J 159 -15.14 23.11 21.00
C LEU J 159 -16.22 23.51 21.99
N LYS J 160 -16.47 24.82 22.13
CA LYS J 160 -17.56 25.26 23.00
C LYS J 160 -18.91 24.80 22.48
N ASN J 161 -19.13 24.88 21.17
CA ASN J 161 -20.43 24.54 20.60
C ASN J 161 -20.74 23.04 20.65
N ILE J 162 -19.74 22.19 20.84
CA ILE J 162 -19.96 20.75 20.97
C ILE J 162 -19.98 20.31 22.45
N HIS J 163 -20.12 21.26 23.38
CA HIS J 163 -20.28 20.97 24.80
C HIS J 163 -19.06 20.27 25.40
N ARG J 164 -17.88 20.53 24.85
CA ARG J 164 -16.62 20.10 25.45
C ARG J 164 -15.95 21.32 26.08
N ILE J 165 -16.61 21.82 27.13
CA ILE J 165 -16.19 23.07 27.76
C ILE J 165 -14.85 22.90 28.47
N ASP J 166 -14.52 21.69 28.90
CA ASP J 166 -13.22 21.43 29.49
C ASP J 166 -12.09 21.72 28.52
N LEU J 167 -12.29 21.41 27.24
CA LEU J 167 -11.26 21.68 26.25
C LEU J 167 -11.14 23.17 25.97
N LYS J 168 -12.26 23.89 25.99
CA LYS J 168 -12.21 25.35 25.93
C LYS J 168 -11.41 25.91 27.10
N THR J 169 -11.57 25.32 28.29
CA THR J 169 -10.80 25.77 29.44
C THR J 169 -9.31 25.45 29.27
N LYS J 170 -9.00 24.30 28.65
CA LYS J 170 -7.62 23.98 28.32
C LYS J 170 -7.01 25.06 27.43
N ILE J 171 -7.72 25.44 26.37
CA ILE J 171 -7.24 26.48 25.48
C ILE J 171 -7.09 27.80 26.22
N GLN J 172 -8.02 28.10 27.13
CA GLN J 172 -7.95 29.35 27.89
C GLN J 172 -6.74 29.36 28.81
N LYS J 173 -6.42 28.23 29.46
CA LYS J 173 -5.23 28.19 30.29
C LYS J 173 -3.97 28.34 29.45
N TYR J 174 -3.93 27.72 28.26
CA TYR J 174 -2.80 27.94 27.37
C TYR J 174 -2.65 29.43 27.05
N LYS J 175 -3.75 30.08 26.69
CA LYS J 175 -3.69 31.51 26.38
C LYS J 175 -3.25 32.33 27.58
N GLN J 176 -3.60 31.88 28.78
CA GLN J 176 -3.17 32.54 30.01
C GLN J 176 -1.73 32.22 30.36
N SER J 177 -1.12 31.25 29.69
CA SER J 177 0.29 30.95 29.89
C SER J 177 1.19 31.82 29.02
N VAL J 178 0.77 32.09 27.79
CA VAL J 178 1.55 32.94 26.88
C VAL J 178 1.53 34.38 27.36
N MET K 4 50.52 -19.99 -59.42
CA MET K 4 51.44 -18.92 -59.08
C MET K 4 51.57 -17.91 -60.20
N SER K 5 51.42 -16.64 -59.85
CA SER K 5 51.59 -15.53 -60.79
C SER K 5 51.53 -14.23 -59.99
N ALA K 6 52.04 -13.16 -60.61
CA ALA K 6 52.04 -11.87 -59.95
C ALA K 6 50.61 -11.34 -59.78
N GLU K 7 49.71 -11.74 -60.69
CA GLU K 7 48.30 -11.41 -60.53
C GLU K 7 47.75 -11.98 -59.23
N VAL K 8 48.16 -13.20 -58.88
CA VAL K 8 47.79 -13.78 -57.59
C VAL K 8 48.31 -12.92 -56.45
N ILE K 9 49.55 -12.43 -56.56
CA ILE K 9 50.11 -11.59 -55.51
C ILE K 9 49.29 -10.33 -55.33
N HIS K 10 48.94 -9.67 -56.43
CA HIS K 10 48.18 -8.43 -56.31
C HIS K 10 46.76 -8.70 -55.83
N GLN K 11 46.15 -9.82 -56.25
CA GLN K 11 44.85 -10.20 -55.71
C GLN K 11 44.91 -10.39 -54.20
N VAL K 12 45.91 -11.12 -53.72
CA VAL K 12 46.02 -11.36 -52.28
C VAL K 12 46.23 -10.05 -51.54
N GLU K 13 47.14 -9.20 -52.02
CA GLU K 13 47.42 -7.95 -51.33
C GLU K 13 46.19 -7.06 -51.28
N GLU K 14 45.43 -7.00 -52.39
CA GLU K 14 44.24 -6.16 -52.44
C GLU K 14 43.08 -6.76 -51.65
N ALA K 15 43.09 -8.08 -51.43
CA ALA K 15 42.03 -8.73 -50.68
C ALA K 15 42.23 -8.60 -49.18
N LEU K 16 43.47 -8.49 -48.72
CA LEU K 16 43.74 -8.40 -47.29
C LEU K 16 43.37 -7.01 -46.75
N ASP K 17 43.07 -6.97 -45.46
CA ASP K 17 42.84 -5.72 -44.75
C ASP K 17 44.09 -5.35 -43.95
N THR K 18 44.02 -4.23 -43.23
CA THR K 18 45.20 -3.68 -42.57
C THR K 18 45.75 -4.65 -41.53
N ASP K 19 44.87 -5.20 -40.70
CA ASP K 19 45.32 -6.14 -39.66
C ASP K 19 46.00 -7.36 -40.26
N GLU K 20 45.42 -7.92 -41.32
CA GLU K 20 46.01 -9.10 -41.95
C GLU K 20 47.35 -8.77 -42.59
N LYS K 21 47.48 -7.56 -43.17
CA LYS K 21 48.75 -7.15 -43.75
C LYS K 21 49.82 -7.01 -42.68
N GLU K 22 49.49 -6.36 -41.56
CA GLU K 22 50.44 -6.24 -40.47
C GLU K 22 50.85 -7.61 -39.93
N MET K 23 49.88 -8.52 -39.80
CA MET K 23 50.19 -9.85 -39.30
C MET K 23 51.09 -10.61 -40.27
N LEU K 24 50.83 -10.48 -41.58
CA LEU K 24 51.68 -11.14 -42.57
C LEU K 24 53.10 -10.59 -42.52
N LEU K 25 53.23 -9.26 -42.42
CA LEU K 25 54.55 -8.65 -42.31
C LEU K 25 55.28 -9.16 -41.07
N PHE K 26 54.59 -9.21 -39.93
CA PHE K 26 55.22 -9.71 -38.71
C PHE K 26 55.66 -11.16 -38.85
N LEU K 27 54.81 -12.01 -39.45
CA LEU K 27 55.17 -13.40 -39.61
C LEU K 27 56.39 -13.57 -40.51
N CYS K 28 56.48 -12.75 -41.56
CA CYS K 28 57.62 -12.82 -42.48
C CYS K 28 58.82 -12.00 -42.02
N ARG K 29 58.75 -11.37 -40.84
CA ARG K 29 59.89 -10.63 -40.32
C ARG K 29 61.15 -11.49 -40.22
N ASP K 30 61.01 -12.81 -40.10
CA ASP K 30 62.20 -13.65 -39.96
C ASP K 30 62.80 -14.06 -41.29
N VAL K 31 61.97 -14.38 -42.28
CA VAL K 31 62.50 -14.72 -43.60
C VAL K 31 63.04 -13.47 -44.27
N ALA K 32 62.53 -12.31 -43.90
CA ALA K 32 62.99 -11.03 -44.43
C ALA K 32 64.13 -10.47 -43.56
N ILE K 33 65.16 -11.30 -43.39
CA ILE K 33 66.37 -10.87 -42.69
C ILE K 33 67.48 -10.44 -43.65
N ASP K 34 67.35 -10.75 -44.94
CA ASP K 34 68.27 -10.20 -45.94
C ASP K 34 67.79 -8.83 -46.40
N VAL K 35 66.48 -8.69 -46.64
CA VAL K 35 65.86 -7.43 -47.00
C VAL K 35 64.68 -7.20 -46.06
N VAL K 36 64.44 -5.93 -45.72
CA VAL K 36 63.32 -5.58 -44.86
C VAL K 36 62.26 -4.86 -45.71
N PRO K 37 61.19 -5.54 -46.10
CA PRO K 37 60.19 -4.92 -46.97
C PRO K 37 59.30 -3.96 -46.19
N PRO K 38 59.09 -2.75 -46.71
CA PRO K 38 58.22 -1.80 -46.00
C PRO K 38 56.76 -2.19 -46.04
N ASN K 39 56.27 -2.73 -47.16
CA ASN K 39 54.87 -3.08 -47.33
C ASN K 39 54.74 -4.53 -47.77
N VAL K 40 53.50 -5.00 -47.87
CA VAL K 40 53.22 -6.41 -48.11
C VAL K 40 53.47 -6.80 -49.56
N ARG K 41 53.13 -5.91 -50.50
CA ARG K 41 53.37 -6.20 -51.92
C ARG K 41 54.85 -6.46 -52.18
N ASP K 42 55.71 -5.58 -51.67
CA ASP K 42 57.16 -5.77 -51.85
C ASP K 42 57.63 -7.04 -51.17
N LEU K 43 57.07 -7.36 -50.01
CA LEU K 43 57.45 -8.59 -49.31
C LEU K 43 57.12 -9.82 -50.15
N LEU K 44 55.91 -9.87 -50.70
CA LEU K 44 55.52 -11.02 -51.52
C LEU K 44 56.35 -11.08 -52.80
N ASP K 45 56.65 -9.93 -53.40
CA ASP K 45 57.48 -9.93 -54.61
C ASP K 45 58.89 -10.44 -54.30
N ILE K 46 59.45 -10.03 -53.17
CA ILE K 46 60.77 -10.51 -52.78
C ILE K 46 60.74 -12.01 -52.51
N LEU K 47 59.70 -12.48 -51.81
CA LEU K 47 59.59 -13.92 -51.54
C LEU K 47 59.44 -14.70 -52.84
N ARG K 48 58.74 -14.13 -53.82
CA ARG K 48 58.60 -14.80 -55.11
C ARG K 48 59.94 -14.84 -55.85
N GLU K 49 60.70 -13.74 -55.80
CA GLU K 49 61.99 -13.71 -56.49
C GLU K 49 62.99 -14.67 -55.86
N ARG K 50 62.94 -14.84 -54.54
CA ARG K 50 63.85 -15.73 -53.84
C ARG K 50 63.38 -17.17 -53.80
N GLY K 51 62.32 -17.50 -54.55
CA GLY K 51 61.81 -18.86 -54.61
C GLY K 51 61.12 -19.36 -53.36
N LYS K 52 61.14 -18.60 -52.27
CA LYS K 52 60.50 -19.01 -51.02
C LYS K 52 59.04 -18.59 -50.96
N LEU K 53 58.35 -18.60 -52.11
CA LEU K 53 56.92 -18.32 -52.20
C LEU K 53 56.31 -19.24 -53.25
N SER K 54 56.20 -20.52 -52.91
CA SER K 54 55.49 -21.48 -53.74
C SER K 54 53.99 -21.37 -53.47
N VAL K 55 53.21 -22.26 -54.07
CA VAL K 55 51.78 -22.32 -53.76
C VAL K 55 51.58 -22.76 -52.31
N GLY K 56 52.41 -23.69 -51.82
CA GLY K 56 52.29 -24.13 -50.44
C GLY K 56 52.70 -23.06 -49.45
N ASP K 57 53.70 -22.25 -49.79
CA ASP K 57 54.13 -21.18 -48.88
C ASP K 57 53.06 -20.10 -48.74
N LEU K 58 52.49 -19.66 -49.86
CA LEU K 58 51.39 -18.71 -49.79
C LEU K 58 50.18 -19.32 -49.12
N ALA K 59 49.96 -20.62 -49.29
CA ALA K 59 48.89 -21.32 -48.59
C ALA K 59 49.12 -21.25 -47.08
N GLU K 60 50.35 -21.50 -46.63
CA GLU K 60 50.67 -21.39 -45.21
C GLU K 60 50.46 -19.98 -44.70
N LEU K 61 50.87 -18.97 -45.48
CA LEU K 61 50.69 -17.59 -45.06
C LEU K 61 49.21 -17.23 -44.91
N LEU K 62 48.39 -17.67 -45.86
CA LEU K 62 46.95 -17.45 -45.75
C LEU K 62 46.35 -18.25 -44.60
N TYR K 63 46.92 -19.41 -44.30
CA TYR K 63 46.42 -20.25 -43.22
C TYR K 63 46.71 -19.63 -41.86
N ARG K 64 47.87 -18.98 -41.72
CA ARG K 64 48.21 -18.39 -40.42
C ARG K 64 47.34 -17.17 -40.12
N VAL K 65 46.89 -16.46 -41.16
CA VAL K 65 46.00 -15.32 -40.96
C VAL K 65 44.54 -15.72 -41.02
N ARG K 66 44.24 -17.01 -41.20
CA ARG K 66 42.90 -17.57 -41.11
C ARG K 66 41.95 -16.94 -42.13
N ARG K 67 42.41 -16.84 -43.37
CA ARG K 67 41.59 -16.39 -44.48
C ARG K 67 41.32 -17.57 -45.41
N PHE K 68 40.46 -18.48 -44.94
CA PHE K 68 40.17 -19.69 -45.70
C PHE K 68 39.38 -19.38 -46.95
N ASP K 69 38.63 -18.27 -46.96
CA ASP K 69 37.94 -17.85 -48.16
C ASP K 69 38.92 -17.59 -49.29
N LEU K 70 40.08 -17.00 -48.98
CA LEU K 70 41.10 -16.79 -50.00
C LEU K 70 41.81 -18.10 -50.36
N LEU K 71 41.96 -19.01 -49.39
CA LEU K 71 42.51 -20.33 -49.69
C LEU K 71 41.64 -21.08 -50.69
N LYS K 72 40.33 -20.95 -50.56
CA LYS K 72 39.40 -21.68 -51.42
C LYS K 72 39.11 -20.96 -52.73
N ARG K 73 39.15 -19.63 -52.73
CA ARG K 73 38.80 -18.84 -53.91
C ARG K 73 40.01 -18.53 -54.79
N ILE K 74 41.12 -18.13 -54.19
CA ILE K 74 42.28 -17.70 -54.98
C ILE K 74 43.21 -18.88 -55.26
N LEU K 75 43.59 -19.62 -54.23
CA LEU K 75 44.48 -20.76 -54.39
C LEU K 75 43.73 -22.08 -54.53
N LYS K 76 42.42 -22.09 -54.30
CA LYS K 76 41.58 -23.27 -54.48
C LYS K 76 42.10 -24.45 -53.64
N MET K 77 42.10 -24.24 -52.32
CA MET K 77 42.72 -25.15 -51.39
C MET K 77 41.77 -25.43 -50.23
N ASP K 78 41.99 -26.55 -49.55
CA ASP K 78 41.17 -26.94 -48.41
C ASP K 78 42.01 -26.91 -47.14
N ARG K 79 41.31 -26.94 -45.99
CA ARG K 79 41.99 -26.98 -44.70
C ARG K 79 42.86 -28.22 -44.59
N LYS K 80 42.33 -29.37 -44.99
CA LYS K 80 43.11 -30.61 -44.94
C LYS K 80 44.37 -30.50 -45.79
N ALA K 81 44.26 -29.88 -46.96
CA ALA K 81 45.39 -29.81 -47.88
C ALA K 81 46.53 -28.96 -47.29
N VAL K 82 46.19 -27.77 -46.79
CA VAL K 82 47.23 -26.90 -46.23
C VAL K 82 47.80 -27.49 -44.95
N GLU K 83 46.96 -28.15 -44.13
CA GLU K 83 47.46 -28.77 -42.91
C GLU K 83 48.40 -29.92 -43.23
N THR K 84 48.07 -30.73 -44.24
CA THR K 84 48.98 -31.82 -44.63
C THR K 84 50.27 -31.27 -45.24
N HIS K 85 50.18 -30.19 -46.02
CA HIS K 85 51.38 -29.57 -46.55
C HIS K 85 52.29 -29.08 -45.43
N LEU K 86 51.71 -28.49 -44.39
CA LEU K 86 52.52 -28.06 -43.25
C LEU K 86 53.05 -29.25 -42.46
N LEU K 87 52.30 -30.35 -42.44
CA LEU K 87 52.79 -31.56 -41.77
C LEU K 87 53.96 -32.19 -42.50
N ARG K 88 53.99 -32.09 -43.83
CA ARG K 88 55.01 -32.76 -44.64
C ARG K 88 56.19 -31.88 -45.01
N ASN K 89 55.96 -30.62 -45.30
CA ASN K 89 57.01 -29.74 -45.79
C ASN K 89 57.51 -28.81 -44.69
N PRO K 90 58.72 -28.27 -44.83
CA PRO K 90 59.21 -27.31 -43.83
C PRO K 90 58.37 -26.05 -43.83
N HIS K 91 58.31 -25.41 -42.68
CA HIS K 91 57.48 -24.23 -42.49
C HIS K 91 58.22 -22.96 -42.88
N LEU K 92 57.51 -22.06 -43.56
CA LEU K 92 58.09 -20.76 -43.89
C LEU K 92 58.16 -19.86 -42.66
N VAL K 93 57.13 -19.86 -41.83
CA VAL K 93 57.07 -19.04 -40.63
C VAL K 93 57.33 -19.93 -39.42
N SER K 94 58.29 -19.52 -38.58
CA SER K 94 58.66 -20.32 -37.43
C SER K 94 57.54 -20.36 -36.40
N ASP K 95 57.59 -21.39 -35.54
CA ASP K 95 56.57 -21.55 -34.50
C ASP K 95 56.59 -20.41 -33.50
N TYR K 96 57.70 -19.70 -33.34
CA TYR K 96 57.73 -18.54 -32.45
C TYR K 96 56.80 -17.45 -32.96
N ARG K 97 56.89 -17.12 -34.25
CA ARG K 97 56.01 -16.11 -34.82
C ARG K 97 54.56 -16.55 -34.75
N VAL K 98 54.30 -17.83 -34.99
CA VAL K 98 52.94 -18.36 -34.90
C VAL K 98 52.41 -18.24 -33.48
N LEU K 99 53.24 -18.57 -32.48
CA LEU K 99 52.82 -18.45 -31.10
C LEU K 99 52.52 -17.00 -30.72
N MET K 100 53.38 -16.08 -31.15
CA MET K 100 53.13 -14.66 -30.87
C MET K 100 51.82 -14.21 -31.51
N ALA K 101 51.55 -14.65 -32.73
CA ALA K 101 50.30 -14.30 -33.39
C ALA K 101 49.11 -14.90 -32.65
N GLU K 102 49.22 -16.15 -32.20
CA GLU K 102 48.14 -16.79 -31.46
C GLU K 102 47.82 -16.03 -30.18
N ILE K 103 48.87 -15.65 -29.44
CA ILE K 103 48.67 -14.89 -28.20
C ILE K 103 48.05 -13.53 -28.51
N GLY K 104 48.49 -12.89 -29.59
CA GLY K 104 47.91 -11.60 -29.96
C GLY K 104 46.45 -11.70 -30.36
N GLU K 105 46.04 -12.83 -30.94
CA GLU K 105 44.66 -12.98 -31.38
C GLU K 105 43.68 -13.08 -30.21
N ASP K 106 44.16 -13.34 -29.00
CA ASP K 106 43.30 -13.58 -27.85
C ASP K 106 43.47 -12.52 -26.77
N LEU K 107 43.82 -11.29 -27.17
CA LEU K 107 43.99 -10.18 -26.23
C LEU K 107 43.23 -8.97 -26.77
N ASP K 108 42.39 -8.38 -25.92
CA ASP K 108 41.70 -7.15 -26.28
C ASP K 108 42.59 -5.94 -25.98
N LYS K 109 42.05 -4.75 -26.25
CA LYS K 109 42.83 -3.52 -26.09
C LYS K 109 43.31 -3.34 -24.65
N SER K 110 42.46 -3.69 -23.68
CA SER K 110 42.83 -3.50 -22.28
C SER K 110 43.98 -4.41 -21.89
N ASP K 111 43.95 -5.66 -22.34
CA ASP K 111 45.05 -6.58 -22.04
C ASP K 111 46.35 -6.08 -22.63
N VAL K 112 46.31 -5.58 -23.87
CA VAL K 112 47.52 -5.07 -24.52
C VAL K 112 48.04 -3.84 -23.79
N SER K 113 47.14 -2.94 -23.38
CA SER K 113 47.56 -1.75 -22.65
C SER K 113 48.19 -2.12 -21.31
N SER K 114 47.62 -3.10 -20.62
CA SER K 114 48.18 -3.54 -19.34
C SER K 114 49.55 -4.19 -19.54
N LEU K 115 49.69 -4.99 -20.60
CA LEU K 115 50.98 -5.57 -20.92
C LEU K 115 52.02 -4.49 -21.20
N ILE K 116 51.62 -3.45 -21.93
CA ILE K 116 52.54 -2.35 -22.21
C ILE K 116 52.94 -1.66 -20.91
N PHE K 117 51.98 -1.50 -19.99
CA PHE K 117 52.30 -0.89 -18.70
C PHE K 117 53.33 -1.70 -17.92
N LEU K 118 53.10 -3.02 -17.84
CA LEU K 118 53.98 -3.85 -17.04
C LEU K 118 55.38 -3.89 -17.63
N MET K 119 55.48 -3.96 -18.97
CA MET K 119 56.77 -3.98 -19.65
C MET K 119 57.43 -2.61 -19.75
N LYS K 120 56.68 -1.52 -19.48
CA LYS K 120 57.20 -0.17 -19.65
C LYS K 120 58.44 0.10 -18.80
N ASP K 121 58.54 -0.52 -17.62
CA ASP K 121 59.75 -0.39 -16.81
C ASP K 121 61.01 -0.88 -17.53
N TYR K 122 60.86 -1.85 -18.43
CA TYR K 122 62.00 -2.51 -19.08
C TYR K 122 62.43 -1.81 -20.36
N MET K 123 61.73 -0.78 -20.80
CA MET K 123 61.99 -0.12 -22.07
C MET K 123 62.23 1.37 -21.85
N GLY K 124 62.42 2.09 -22.95
CA GLY K 124 62.70 3.50 -22.89
C GLY K 124 61.47 4.37 -22.65
N GLU K 131 47.60 2.54 -28.55
CA GLU K 131 48.30 3.12 -29.68
C GLU K 131 49.04 2.06 -30.49
N LYS K 132 49.54 1.04 -29.81
CA LYS K 132 50.28 -0.05 -30.42
C LYS K 132 49.52 -1.36 -30.24
N SER K 133 49.76 -2.29 -31.16
CA SER K 133 49.18 -3.61 -31.07
C SER K 133 50.11 -4.55 -30.31
N PHE K 134 49.63 -5.77 -30.06
CA PHE K 134 50.47 -6.75 -29.37
C PHE K 134 51.68 -7.11 -30.20
N LEU K 135 51.51 -7.23 -31.53
CA LEU K 135 52.64 -7.54 -32.39
C LEU K 135 53.62 -6.38 -32.45
N ASP K 136 53.13 -5.14 -32.41
CA ASP K 136 54.03 -4.00 -32.30
C ASP K 136 54.83 -4.07 -31.00
N LEU K 137 54.17 -4.48 -29.92
CA LEU K 137 54.86 -4.61 -28.64
C LEU K 137 55.94 -5.67 -28.69
N VAL K 138 55.63 -6.85 -29.28
CA VAL K 138 56.63 -7.90 -29.36
C VAL K 138 57.77 -7.49 -30.28
N VAL K 139 57.48 -6.72 -31.33
CA VAL K 139 58.55 -6.23 -32.20
C VAL K 139 59.47 -5.28 -31.43
N GLU K 140 58.89 -4.32 -30.69
CA GLU K 140 59.72 -3.41 -29.91
C GLU K 140 60.50 -4.15 -28.82
N LEU K 141 59.95 -5.25 -28.30
CA LEU K 141 60.69 -6.03 -27.32
C LEU K 141 61.83 -6.79 -27.97
N GLU K 142 61.59 -7.38 -29.15
CA GLU K 142 62.67 -8.03 -29.90
C GLU K 142 63.79 -7.06 -30.20
N LYS K 143 63.46 -5.84 -30.59
CA LYS K 143 64.48 -4.83 -30.88
C LYS K 143 65.30 -4.49 -29.64
N LEU K 144 64.71 -4.65 -28.46
CA LEU K 144 65.38 -4.37 -27.20
C LEU K 144 65.92 -5.64 -26.54
N ASN K 145 65.87 -6.77 -27.24
CA ASN K 145 66.38 -8.05 -26.74
C ASN K 145 65.62 -8.48 -25.48
N LEU K 146 64.31 -8.19 -25.45
CA LEU K 146 63.48 -8.51 -24.31
C LEU K 146 62.58 -9.72 -24.53
N VAL K 147 62.37 -10.12 -25.79
CA VAL K 147 61.62 -11.33 -26.11
C VAL K 147 62.34 -12.02 -27.25
N ALA K 148 62.35 -13.34 -27.23
CA ALA K 148 63.01 -14.15 -28.25
C ALA K 148 62.44 -15.56 -28.14
N PRO K 149 62.68 -16.40 -29.16
CA PRO K 149 62.24 -17.80 -29.03
C PRO K 149 62.79 -18.49 -27.79
N ASP K 150 63.97 -18.09 -27.31
CA ASP K 150 64.57 -18.65 -26.11
C ASP K 150 64.49 -17.71 -24.90
N GLN K 151 63.68 -16.65 -24.97
CA GLN K 151 63.57 -15.65 -23.89
C GLN K 151 62.12 -15.17 -23.80
N LEU K 152 61.28 -15.99 -23.17
CA LEU K 152 59.87 -15.70 -23.01
C LEU K 152 59.47 -15.46 -21.56
N ASP K 153 60.45 -15.34 -20.66
CA ASP K 153 60.14 -15.27 -19.23
C ASP K 153 59.41 -13.97 -18.87
N LEU K 154 59.80 -12.84 -19.47
CA LEU K 154 59.14 -11.58 -19.15
C LEU K 154 57.69 -11.58 -19.64
N LEU K 155 57.48 -12.00 -20.89
CA LEU K 155 56.12 -12.12 -21.41
C LEU K 155 55.33 -13.13 -20.60
N GLU K 156 55.98 -14.20 -20.15
CA GLU K 156 55.32 -15.21 -19.33
C GLU K 156 54.83 -14.61 -18.02
N LYS K 157 55.70 -13.85 -17.34
CA LYS K 157 55.30 -13.23 -16.08
C LYS K 157 54.19 -12.21 -16.29
N CYS K 158 54.28 -11.42 -17.36
CA CYS K 158 53.26 -10.40 -17.60
C CYS K 158 51.91 -11.03 -17.96
N LEU K 159 51.92 -12.13 -18.72
CA LEU K 159 50.68 -12.85 -18.98
C LEU K 159 50.12 -13.45 -17.70
N LYS K 160 50.99 -13.86 -16.77
CA LYS K 160 50.53 -14.28 -15.46
C LYS K 160 49.84 -13.13 -14.74
N ASN K 161 50.43 -11.94 -14.78
CA ASN K 161 49.91 -10.80 -14.03
C ASN K 161 48.60 -10.27 -14.59
N ILE K 162 48.27 -10.58 -15.85
CA ILE K 162 46.98 -10.20 -16.43
C ILE K 162 46.00 -11.37 -16.41
N HIS K 163 46.28 -12.40 -15.59
CA HIS K 163 45.37 -13.52 -15.37
C HIS K 163 45.13 -14.34 -16.62
N ARG K 164 46.12 -14.36 -17.52
CA ARG K 164 46.06 -15.18 -18.72
C ARG K 164 47.01 -16.37 -18.58
N ILE K 165 46.69 -17.26 -17.64
CA ILE K 165 47.56 -18.39 -17.35
C ILE K 165 47.54 -19.39 -18.51
N ASP K 166 46.45 -19.42 -19.29
CA ASP K 166 46.39 -20.30 -20.45
C ASP K 166 47.45 -19.92 -21.49
N LEU K 167 47.71 -18.63 -21.67
CA LEU K 167 48.74 -18.21 -22.60
C LEU K 167 50.13 -18.51 -22.06
N LYS K 168 50.30 -18.40 -20.74
CA LYS K 168 51.54 -18.87 -20.11
C LYS K 168 51.76 -20.35 -20.36
N THR K 169 50.68 -21.14 -20.31
CA THR K 169 50.79 -22.57 -20.58
C THR K 169 51.14 -22.84 -22.03
N LYS K 170 50.57 -22.06 -22.95
CA LYS K 170 50.99 -22.16 -24.35
C LYS K 170 52.48 -21.89 -24.51
N ILE K 171 52.98 -20.83 -23.87
CA ILE K 171 54.40 -20.51 -23.94
C ILE K 171 55.24 -21.64 -23.35
N GLN K 172 54.79 -22.22 -22.24
CA GLN K 172 55.54 -23.29 -21.60
C GLN K 172 55.58 -24.54 -22.47
N LYS K 173 54.47 -24.89 -23.12
CA LYS K 173 54.49 -26.04 -24.02
C LYS K 173 55.37 -25.77 -25.23
N TYR K 174 55.34 -24.53 -25.74
CA TYR K 174 56.25 -24.16 -26.82
C TYR K 174 57.70 -24.38 -26.42
N LYS K 175 58.09 -23.90 -25.24
CA LYS K 175 59.45 -24.11 -24.77
C LYS K 175 59.74 -25.59 -24.55
N GLN K 176 58.74 -26.38 -24.17
CA GLN K 176 58.93 -27.82 -24.00
C GLN K 176 58.99 -28.56 -25.32
N SER K 177 58.65 -27.90 -26.43
CA SER K 177 58.81 -28.50 -27.75
C SER K 177 60.19 -28.28 -28.32
N VAL K 178 61.13 -27.77 -27.53
CA VAL K 178 62.49 -27.50 -27.97
C VAL K 178 63.49 -28.16 -27.03
N MET L 4 23.81 39.70 -37.85
CA MET L 4 24.43 38.42 -38.13
C MET L 4 25.96 38.49 -38.05
N SER L 5 26.55 37.50 -37.40
CA SER L 5 28.00 37.38 -37.25
C SER L 5 28.30 35.98 -36.71
N ALA L 6 29.57 35.58 -36.87
CA ALA L 6 29.96 34.24 -36.43
C ALA L 6 29.88 34.10 -34.92
N GLU L 7 30.02 35.20 -34.18
CA GLU L 7 29.88 35.14 -32.73
C GLU L 7 28.48 34.69 -32.33
N VAL L 8 27.47 35.15 -33.07
CA VAL L 8 26.09 34.75 -32.77
C VAL L 8 25.91 33.25 -32.97
N ILE L 9 26.45 32.73 -34.08
CA ILE L 9 26.33 31.29 -34.35
C ILE L 9 27.06 30.48 -33.29
N HIS L 10 28.25 30.95 -32.87
CA HIS L 10 29.01 30.22 -31.87
C HIS L 10 28.30 30.20 -30.52
N GLN L 11 27.74 31.35 -30.12
CA GLN L 11 26.99 31.42 -28.88
C GLN L 11 25.78 30.50 -28.91
N VAL L 12 25.03 30.53 -30.02
CA VAL L 12 23.87 29.65 -30.14
C VAL L 12 24.30 28.19 -30.07
N GLU L 13 25.40 27.84 -30.77
CA GLU L 13 25.88 26.47 -30.78
C GLU L 13 26.24 25.99 -29.39
N GLU L 14 26.93 26.83 -28.61
CA GLU L 14 27.32 26.42 -27.26
C GLU L 14 26.18 26.47 -26.25
N ALA L 15 25.15 27.26 -26.52
CA ALA L 15 24.06 27.41 -25.56
C ALA L 15 23.06 26.26 -25.60
N LEU L 16 22.87 25.62 -26.76
CA LEU L 16 21.87 24.57 -26.85
C LEU L 16 22.35 23.28 -26.18
N ASP L 17 21.38 22.48 -25.73
CA ASP L 17 21.63 21.16 -25.18
C ASP L 17 21.26 20.10 -26.21
N THR L 18 21.42 18.83 -25.81
CA THR L 18 21.30 17.71 -26.74
C THR L 18 19.91 17.63 -27.34
N ASP L 19 18.87 17.70 -26.49
CA ASP L 19 17.50 17.61 -27.00
C ASP L 19 17.19 18.74 -27.96
N GLU L 20 17.59 19.96 -27.60
CA GLU L 20 17.35 21.11 -28.48
C GLU L 20 18.11 20.99 -29.78
N LYS L 21 19.33 20.45 -29.74
CA LYS L 21 20.10 20.26 -30.96
C LYS L 21 19.42 19.25 -31.88
N GLU L 22 19.01 18.11 -31.33
CA GLU L 22 18.31 17.11 -32.14
C GLU L 22 17.02 17.67 -32.71
N MET L 23 16.26 18.42 -31.92
CA MET L 23 15.01 19.00 -32.42
C MET L 23 15.29 20.01 -33.52
N LEU L 24 16.33 20.83 -33.37
CA LEU L 24 16.68 21.80 -34.40
C LEU L 24 17.06 21.11 -35.70
N LEU L 25 17.88 20.05 -35.61
CA LEU L 25 18.23 19.28 -36.80
C LEU L 25 17.00 18.70 -37.46
N PHE L 26 16.09 18.12 -36.67
CA PHE L 26 14.87 17.56 -37.25
C PHE L 26 14.03 18.63 -37.94
N LEU L 27 13.89 19.80 -37.30
CA LEU L 27 13.09 20.86 -37.91
C LEU L 27 13.71 21.34 -39.22
N CYS L 28 15.04 21.41 -39.27
CA CYS L 28 15.72 21.85 -40.48
C CYS L 28 15.96 20.71 -41.48
N ARG L 29 15.48 19.50 -41.19
CA ARG L 29 15.61 18.39 -42.15
C ARG L 29 15.02 18.70 -43.52
N ASP L 30 14.07 19.63 -43.62
CA ASP L 30 13.47 19.92 -44.92
C ASP L 30 14.30 20.94 -45.71
N VAL L 31 14.87 21.93 -45.03
CA VAL L 31 15.69 22.92 -45.73
C VAL L 31 17.00 22.29 -46.19
N ALA L 32 17.63 21.50 -45.33
CA ALA L 32 18.85 20.77 -45.66
C ALA L 32 18.45 19.37 -46.11
N ILE L 33 18.17 19.22 -47.39
CA ILE L 33 17.78 17.93 -47.95
C ILE L 33 18.90 17.26 -48.71
N ASP L 34 19.82 18.03 -49.31
CA ASP L 34 20.98 17.44 -49.97
C ASP L 34 22.09 17.09 -49.00
N VAL L 35 22.12 17.74 -47.83
CA VAL L 35 23.16 17.56 -46.84
C VAL L 35 22.55 17.01 -45.56
N VAL L 36 23.27 16.13 -44.88
CA VAL L 36 22.86 15.61 -43.58
C VAL L 36 23.88 16.08 -42.54
N PRO L 37 23.64 17.22 -41.89
CA PRO L 37 24.64 17.78 -40.97
C PRO L 37 24.77 16.93 -39.72
N PRO L 38 25.99 16.56 -39.33
CA PRO L 38 26.15 15.76 -38.11
C PRO L 38 25.88 16.54 -36.83
N ASN L 39 26.31 17.79 -36.76
CA ASN L 39 26.15 18.62 -35.57
C ASN L 39 25.49 19.94 -35.95
N VAL L 40 25.21 20.76 -34.93
CA VAL L 40 24.41 21.95 -35.13
C VAL L 40 25.20 23.10 -35.78
N ARG L 41 26.50 23.20 -35.50
CA ARG L 41 27.29 24.28 -36.10
C ARG L 41 27.34 24.12 -37.61
N ASP L 42 27.47 22.89 -38.10
CA ASP L 42 27.45 22.66 -39.54
C ASP L 42 26.12 23.07 -40.14
N LEU L 43 25.02 22.79 -39.44
CA LEU L 43 23.70 23.18 -39.93
C LEU L 43 23.58 24.69 -40.02
N LEU L 44 24.01 25.40 -38.97
CA LEU L 44 23.90 26.86 -38.98
C LEU L 44 24.80 27.48 -40.04
N ASP L 45 26.01 26.94 -40.21
CA ASP L 45 26.92 27.45 -41.24
C ASP L 45 26.34 27.22 -42.62
N ILE L 46 25.74 26.06 -42.86
CA ILE L 46 25.12 25.78 -44.15
C ILE L 46 23.95 26.71 -44.40
N LEU L 47 23.12 26.94 -43.37
CA LEU L 47 21.98 27.84 -43.53
C LEU L 47 22.42 29.26 -43.85
N ARG L 48 23.49 29.73 -43.21
CA ARG L 48 23.97 31.07 -43.54
C ARG L 48 24.57 31.10 -44.94
N GLU L 49 25.26 30.02 -45.33
CA GLU L 49 25.86 29.95 -46.66
C GLU L 49 24.79 30.00 -47.75
N ARG L 50 23.66 29.32 -47.52
CA ARG L 50 22.54 29.36 -48.46
C ARG L 50 21.75 30.65 -48.39
N GLY L 51 22.13 31.59 -47.53
CA GLY L 51 21.41 32.83 -47.36
C GLY L 51 20.16 32.75 -46.51
N LYS L 52 19.72 31.56 -46.14
CA LYS L 52 18.49 31.38 -45.35
C LYS L 52 18.76 31.34 -43.86
N LEU L 53 19.66 32.21 -43.35
CA LEU L 53 19.90 32.37 -41.93
C LEU L 53 20.17 33.85 -41.65
N SER L 54 19.12 34.66 -41.73
CA SER L 54 19.18 36.04 -41.31
C SER L 54 18.99 36.11 -39.79
N VAL L 55 18.89 37.32 -39.25
CA VAL L 55 18.58 37.47 -37.84
C VAL L 55 17.17 36.94 -37.54
N GLY L 56 16.23 37.17 -38.46
CA GLY L 56 14.89 36.64 -38.27
C GLY L 56 14.82 35.13 -38.35
N ASP L 57 15.62 34.53 -39.21
CA ASP L 57 15.62 33.07 -39.31
C ASP L 57 16.17 32.42 -38.05
N LEU L 58 17.29 32.93 -37.54
CA LEU L 58 17.82 32.42 -36.28
C LEU L 58 16.85 32.70 -35.13
N ALA L 59 16.14 33.83 -35.17
CA ALA L 59 15.12 34.09 -34.17
C ALA L 59 14.03 33.03 -34.22
N GLU L 60 13.57 32.68 -35.43
CA GLU L 60 12.59 31.62 -35.59
C GLU L 60 13.12 30.29 -35.06
N LEU L 61 14.38 29.98 -35.36
CA LEU L 61 14.96 28.72 -34.90
C LEU L 61 15.01 28.67 -33.38
N LEU L 62 15.41 29.77 -32.74
CA LEU L 62 15.42 29.82 -31.28
C LEU L 62 14.01 29.77 -30.71
N TYR L 63 13.02 30.31 -31.42
CA TYR L 63 11.65 30.27 -30.95
C TYR L 63 11.09 28.85 -31.00
N ARG L 64 11.46 28.09 -32.03
CA ARG L 64 10.95 26.73 -32.16
C ARG L 64 11.51 25.79 -31.11
N VAL L 65 12.72 26.07 -30.61
CA VAL L 65 13.34 25.23 -29.59
C VAL L 65 12.98 25.78 -28.21
N ARG L 66 12.10 26.78 -28.17
CA ARG L 66 11.57 27.33 -26.92
C ARG L 66 12.69 27.87 -26.02
N ARG L 67 13.68 28.50 -26.64
CA ARG L 67 14.81 29.10 -25.93
C ARG L 67 14.69 30.62 -25.98
N PHE L 68 13.74 31.14 -25.21
CA PHE L 68 13.47 32.57 -25.22
C PHE L 68 14.59 33.37 -24.56
N ASP L 69 15.33 32.75 -23.63
CA ASP L 69 16.47 33.42 -23.02
C ASP L 69 17.52 33.79 -24.07
N LEU L 70 17.72 32.93 -25.06
CA LEU L 70 18.65 33.26 -26.13
C LEU L 70 18.08 34.34 -27.05
N LEU L 71 16.76 34.35 -27.25
CA LEU L 71 16.14 35.44 -27.99
C LEU L 71 16.34 36.77 -27.30
N LYS L 72 16.34 36.78 -25.97
CA LYS L 72 16.48 38.03 -25.22
C LYS L 72 17.94 38.46 -25.10
N ARG L 73 18.85 37.50 -24.94
CA ARG L 73 20.25 37.83 -24.69
C ARG L 73 21.07 38.00 -25.96
N ILE L 74 20.90 37.10 -26.93
CA ILE L 74 21.78 37.08 -28.10
C ILE L 74 21.22 37.93 -29.23
N LEU L 75 19.97 37.70 -29.62
CA LEU L 75 19.36 38.44 -30.71
C LEU L 75 18.56 39.65 -30.24
N LYS L 76 18.37 39.81 -28.93
CA LYS L 76 17.65 40.95 -28.36
C LYS L 76 16.24 41.08 -28.94
N MET L 77 15.51 39.97 -28.89
CA MET L 77 14.17 39.89 -29.43
C MET L 77 13.20 39.43 -28.33
N ASP L 78 11.92 39.69 -28.55
CA ASP L 78 10.85 39.29 -27.65
C ASP L 78 9.96 38.27 -28.33
N ARG L 79 8.99 37.74 -27.57
CA ARG L 79 8.01 36.85 -28.17
C ARG L 79 7.18 37.58 -29.22
N LYS L 80 6.76 38.81 -28.92
CA LYS L 80 5.94 39.57 -29.86
C LYS L 80 6.69 39.84 -31.16
N ALA L 81 7.98 40.19 -31.06
CA ALA L 81 8.76 40.50 -32.26
C ALA L 81 8.91 39.27 -33.16
N VAL L 82 9.26 38.13 -32.57
CA VAL L 82 9.44 36.92 -33.36
C VAL L 82 8.11 36.44 -33.92
N GLU L 83 7.03 36.57 -33.16
CA GLU L 83 5.71 36.18 -33.65
C GLU L 83 5.25 37.06 -34.81
N THR L 84 5.50 38.37 -34.72
CA THR L 84 5.15 39.25 -35.84
C THR L 84 6.01 38.96 -37.06
N HIS L 85 7.29 38.67 -36.85
CA HIS L 85 8.15 38.27 -37.97
C HIS L 85 7.63 37.01 -38.65
N LEU L 86 7.18 36.03 -37.86
CA LEU L 86 6.62 34.81 -38.43
C LEU L 86 5.29 35.07 -39.11
N LEU L 87 4.52 36.04 -38.60
CA LEU L 87 3.26 36.39 -39.26
C LEU L 87 3.49 37.06 -40.60
N ARG L 88 4.56 37.86 -40.71
CA ARG L 88 4.79 38.65 -41.92
C ARG L 88 5.59 37.87 -42.97
N ASN L 89 6.70 37.26 -42.56
CA ASN L 89 7.63 36.64 -43.51
C ASN L 89 7.38 35.14 -43.59
N PRO L 90 7.83 34.51 -44.68
CA PRO L 90 7.69 33.05 -44.79
C PRO L 90 8.53 32.35 -43.73
N HIS L 91 8.08 31.15 -43.36
CA HIS L 91 8.71 30.39 -42.29
C HIS L 91 9.86 29.56 -42.83
N LEU L 92 10.95 29.51 -42.06
CA LEU L 92 12.07 28.63 -42.42
C LEU L 92 11.70 27.18 -42.18
N VAL L 93 11.02 26.90 -41.07
CA VAL L 93 10.58 25.55 -40.74
C VAL L 93 9.08 25.46 -41.01
N SER L 94 8.69 24.47 -41.80
CA SER L 94 7.29 24.33 -42.17
C SER L 94 6.46 23.91 -40.96
N ASP L 95 5.15 24.17 -41.05
CA ASP L 95 4.23 23.80 -39.97
C ASP L 95 4.17 22.30 -39.76
N TYR L 96 4.52 21.49 -40.78
CA TYR L 96 4.55 20.05 -40.61
C TYR L 96 5.59 19.63 -39.59
N ARG L 97 6.81 20.14 -39.71
CA ARG L 97 7.86 19.81 -38.75
C ARG L 97 7.52 20.33 -37.35
N VAL L 98 6.95 21.54 -37.27
CA VAL L 98 6.56 22.09 -35.98
C VAL L 98 5.49 21.21 -35.34
N LEU L 99 4.52 20.75 -36.14
CA LEU L 99 3.49 19.87 -35.63
C LEU L 99 4.08 18.56 -35.12
N MET L 100 5.03 17.99 -35.86
CA MET L 100 5.65 16.75 -35.42
C MET L 100 6.38 16.95 -34.11
N ALA L 101 7.08 18.09 -33.96
CA ALA L 101 7.74 18.39 -32.70
C ALA L 101 6.74 18.58 -31.57
N GLU L 102 5.60 19.19 -31.87
CA GLU L 102 4.54 19.33 -30.85
C GLU L 102 4.07 17.97 -30.37
N ILE L 103 3.76 17.07 -31.31
CA ILE L 103 3.32 15.73 -30.94
C ILE L 103 4.42 15.04 -30.11
N GLY L 104 5.68 15.23 -30.48
CA GLY L 104 6.76 14.65 -29.70
C GLY L 104 6.84 15.21 -28.30
N GLU L 105 6.46 16.48 -28.13
CA GLU L 105 6.45 17.09 -26.80
C GLU L 105 5.35 16.52 -25.92
N ASP L 106 4.32 15.91 -26.49
CA ASP L 106 3.15 15.46 -25.75
C ASP L 106 3.08 13.95 -25.64
N LEU L 107 4.24 13.28 -25.63
CA LEU L 107 4.29 11.82 -25.53
C LEU L 107 5.30 11.44 -24.45
N ASP L 108 4.85 10.64 -23.48
CA ASP L 108 5.75 10.08 -22.48
C ASP L 108 6.39 8.81 -23.01
N LYS L 109 7.16 8.13 -22.14
CA LYS L 109 7.92 6.96 -22.58
C LYS L 109 7.01 5.82 -22.98
N SER L 110 5.91 5.61 -22.25
CA SER L 110 5.02 4.51 -22.54
C SER L 110 4.29 4.71 -23.88
N ASP L 111 3.83 5.93 -24.13
CA ASP L 111 3.18 6.22 -25.41
C ASP L 111 4.14 6.03 -26.58
N VAL L 112 5.40 6.47 -26.41
CA VAL L 112 6.38 6.30 -27.47
C VAL L 112 6.67 4.83 -27.73
N SER L 113 6.79 4.04 -26.66
CA SER L 113 7.02 2.60 -26.82
C SER L 113 5.86 1.92 -27.54
N SER L 114 4.63 2.31 -27.18
CA SER L 114 3.47 1.73 -27.84
C SER L 114 3.41 2.13 -29.31
N LEU L 115 3.76 3.38 -29.62
CA LEU L 115 3.83 3.78 -31.02
C LEU L 115 4.83 2.93 -31.78
N ILE L 116 5.99 2.67 -31.18
CA ILE L 116 7.03 1.88 -31.85
C ILE L 116 6.52 0.47 -32.12
N PHE L 117 5.75 -0.11 -31.21
CA PHE L 117 5.32 -1.50 -31.40
C PHE L 117 4.45 -1.64 -32.66
N LEU L 118 3.44 -0.80 -32.79
CA LEU L 118 2.55 -0.92 -33.93
C LEU L 118 3.24 -0.45 -35.20
N MET L 119 4.07 0.59 -35.08
CA MET L 119 4.72 1.06 -36.28
C MET L 119 5.71 0.02 -36.74
N LYS L 120 6.15 -0.84 -35.83
CA LYS L 120 6.88 -2.05 -36.15
C LYS L 120 6.00 -3.04 -36.88
N ASP L 121 4.73 -3.16 -36.47
CA ASP L 121 3.85 -4.07 -37.17
C ASP L 121 3.84 -3.68 -38.64
N TYR L 122 4.04 -2.39 -38.91
CA TYR L 122 4.11 -1.88 -40.30
C TYR L 122 5.51 -1.64 -40.85
N MET L 123 6.57 -1.62 -40.03
CA MET L 123 7.91 -1.27 -40.51
C MET L 123 9.03 -2.18 -40.02
N GLY L 124 8.81 -3.03 -39.02
CA GLY L 124 9.87 -3.85 -38.48
C GLY L 124 10.65 -3.15 -37.39
N ARG L 125 11.86 -3.66 -37.14
CA ARG L 125 12.72 -3.12 -36.10
C ARG L 125 13.15 -1.69 -36.43
N GLY L 126 13.62 -1.47 -37.66
CA GLY L 126 14.25 -0.22 -38.00
C GLY L 126 15.58 -0.08 -37.30
N LYS L 127 15.74 0.97 -36.49
CA LYS L 127 16.92 1.06 -35.65
C LYS L 127 16.88 -0.01 -34.57
N ILE L 128 18.05 -0.32 -34.03
CA ILE L 128 18.17 -1.40 -33.05
C ILE L 128 17.83 -0.93 -31.63
N SER L 129 18.11 0.33 -31.32
CA SER L 129 17.89 0.82 -29.96
C SER L 129 16.40 0.93 -29.65
N LYS L 130 16.02 0.43 -28.47
CA LYS L 130 14.67 0.62 -27.95
C LYS L 130 14.53 1.90 -27.16
N GLU L 131 15.43 2.86 -27.38
CA GLU L 131 15.48 4.12 -26.66
C GLU L 131 15.38 5.30 -27.61
N LYS L 132 14.50 5.18 -28.60
CA LYS L 132 14.34 6.19 -29.63
C LYS L 132 13.34 7.26 -29.21
N SER L 133 13.53 8.46 -29.73
CA SER L 133 12.57 9.53 -29.53
C SER L 133 11.49 9.45 -30.61
N PHE L 134 10.46 10.29 -30.45
CA PHE L 134 9.39 10.32 -31.44
C PHE L 134 9.90 10.84 -32.77
N LEU L 135 10.79 11.84 -32.75
CA LEU L 135 11.32 12.38 -33.97
C LEU L 135 12.18 11.36 -34.70
N ASP L 136 12.89 10.52 -33.97
CA ASP L 136 13.63 9.42 -34.61
C ASP L 136 12.68 8.48 -35.33
N LEU L 137 11.52 8.18 -34.72
CA LEU L 137 10.55 7.31 -35.37
C LEU L 137 9.99 7.95 -36.64
N VAL L 138 9.64 9.24 -36.57
CA VAL L 138 9.10 9.88 -37.76
C VAL L 138 10.16 10.00 -38.87
N VAL L 139 11.43 10.18 -38.49
CA VAL L 139 12.50 10.19 -39.49
C VAL L 139 12.62 8.81 -40.14
N GLU L 140 12.59 7.75 -39.33
CA GLU L 140 12.66 6.40 -39.87
C GLU L 140 11.48 6.12 -40.78
N LEU L 141 10.32 6.74 -40.50
CA LEU L 141 9.16 6.58 -41.37
C LEU L 141 9.32 7.35 -42.67
N GLU L 142 9.83 8.59 -42.59
CA GLU L 142 10.11 9.37 -43.78
C GLU L 142 11.07 8.64 -44.71
N LYS L 143 12.10 7.99 -44.13
CA LYS L 143 13.01 7.21 -44.93
C LYS L 143 12.29 6.05 -45.63
N LEU L 144 11.20 5.56 -45.03
CA LEU L 144 10.39 4.51 -45.63
C LEU L 144 9.19 5.05 -46.39
N ASN L 145 9.10 6.38 -46.53
CA ASN L 145 8.02 7.02 -47.29
C ASN L 145 6.64 6.69 -46.71
N LEU L 146 6.57 6.61 -45.38
CA LEU L 146 5.33 6.27 -44.68
C LEU L 146 4.65 7.48 -44.02
N VAL L 147 5.35 8.61 -43.89
CA VAL L 147 4.73 9.81 -43.32
C VAL L 147 5.16 11.01 -44.17
N ALA L 148 4.23 11.95 -44.35
CA ALA L 148 4.44 13.13 -45.16
C ALA L 148 3.37 14.15 -44.79
N PRO L 149 3.54 15.42 -45.17
CA PRO L 149 2.47 16.40 -44.93
C PRO L 149 1.13 16.01 -45.53
N ASP L 150 1.14 15.25 -46.63
CA ASP L 150 -0.09 14.75 -47.26
C ASP L 150 -0.31 13.27 -46.98
N GLN L 151 0.39 12.70 -45.99
CA GLN L 151 0.31 11.26 -45.68
C GLN L 151 0.39 11.11 -44.16
N LEU L 152 -0.70 11.41 -43.48
CA LEU L 152 -0.75 11.36 -42.02
C LEU L 152 -1.73 10.33 -41.48
N ASP L 153 -2.30 9.48 -42.34
CA ASP L 153 -3.34 8.55 -41.89
C ASP L 153 -2.79 7.48 -40.96
N LEU L 154 -1.60 6.97 -41.26
CA LEU L 154 -1.01 5.91 -40.43
C LEU L 154 -0.68 6.43 -39.04
N LEU L 155 -0.04 7.59 -38.97
CA LEU L 155 0.26 8.20 -37.69
C LEU L 155 -1.02 8.52 -36.92
N GLU L 156 -2.07 8.96 -37.63
CA GLU L 156 -3.34 9.23 -36.97
C GLU L 156 -3.91 7.97 -36.35
N LYS L 157 -3.93 6.87 -37.11
CA LYS L 157 -4.49 5.63 -36.58
C LYS L 157 -3.67 5.12 -35.40
N CYS L 158 -2.35 5.24 -35.49
CA CYS L 158 -1.51 4.76 -34.38
C CYS L 158 -1.68 5.62 -33.14
N LEU L 159 -1.81 6.94 -33.31
CA LEU L 159 -2.11 7.80 -32.17
C LEU L 159 -3.48 7.49 -31.59
N LYS L 160 -4.44 7.13 -32.44
CA LYS L 160 -5.75 6.69 -31.96
C LYS L 160 -5.63 5.42 -31.14
N ASN L 161 -4.82 4.47 -31.59
CA ASN L 161 -4.72 3.18 -30.91
C ASN L 161 -3.98 3.29 -29.58
N ILE L 162 -3.20 4.36 -29.37
CA ILE L 162 -2.60 4.62 -28.07
C ILE L 162 -3.42 5.63 -27.27
N HIS L 163 -4.64 5.92 -27.73
CA HIS L 163 -5.60 6.74 -27.00
C HIS L 163 -5.12 8.17 -26.78
N ARG L 164 -4.32 8.68 -27.72
CA ARG L 164 -3.95 10.09 -27.73
C ARG L 164 -4.73 10.82 -28.82
N ILE L 165 -6.05 10.86 -28.61
CA ILE L 165 -6.96 11.40 -29.62
C ILE L 165 -6.78 12.91 -29.77
N ASP L 166 -6.29 13.58 -28.71
CA ASP L 166 -5.99 15.01 -28.82
C ASP L 166 -4.92 15.26 -29.88
N LEU L 167 -3.93 14.37 -29.98
CA LEU L 167 -2.90 14.55 -30.99
C LEU L 167 -3.43 14.23 -32.39
N LYS L 168 -4.33 13.27 -32.51
CA LYS L 168 -5.04 13.06 -33.77
C LYS L 168 -5.80 14.31 -34.18
N THR L 169 -6.41 15.00 -33.21
CA THR L 169 -7.10 16.25 -33.49
C THR L 169 -6.11 17.34 -33.89
N LYS L 170 -4.92 17.34 -33.29
CA LYS L 170 -3.86 18.24 -33.76
C LYS L 170 -3.53 18.01 -35.22
N ILE L 171 -3.40 16.74 -35.61
CA ILE L 171 -3.11 16.39 -37.00
C ILE L 171 -4.24 16.87 -37.92
N GLN L 172 -5.49 16.65 -37.50
CA GLN L 172 -6.62 17.09 -38.31
C GLN L 172 -6.69 18.62 -38.40
N LYS L 173 -6.33 19.31 -37.33
CA LYS L 173 -6.27 20.77 -37.35
C LYS L 173 -5.20 21.26 -38.32
N TYR L 174 -4.05 20.59 -38.35
CA TYR L 174 -3.04 20.90 -39.35
C TYR L 174 -3.58 20.69 -40.75
N LYS L 175 -4.21 19.55 -40.99
CA LYS L 175 -4.75 19.27 -42.32
C LYS L 175 -5.82 20.28 -42.73
N GLN L 176 -6.55 20.82 -41.77
CA GLN L 176 -7.54 21.83 -42.09
C GLN L 176 -6.93 23.19 -42.38
N SER L 177 -5.63 23.37 -42.12
CA SER L 177 -4.92 24.60 -42.46
C SER L 177 -4.35 24.57 -43.88
N VAL L 178 -4.95 23.78 -44.77
CA VAL L 178 -4.47 23.69 -46.15
C VAL L 178 -5.60 24.03 -47.12
N MET M 4 24.04 7.32 -65.74
CA MET M 4 24.47 7.69 -64.39
C MET M 4 25.45 8.84 -64.42
N SER M 5 25.45 9.65 -63.36
CA SER M 5 26.30 10.82 -63.27
C SER M 5 26.88 10.92 -61.86
N ALA M 6 27.96 11.68 -61.75
CA ALA M 6 28.65 11.84 -60.47
C ALA M 6 27.81 12.61 -59.46
N GLU M 7 26.87 13.44 -59.93
CA GLU M 7 26.02 14.19 -59.01
C GLU M 7 25.07 13.25 -58.26
N VAL M 8 24.52 12.26 -58.96
CA VAL M 8 23.71 11.24 -58.30
C VAL M 8 24.54 10.50 -57.26
N ILE M 9 25.77 10.16 -57.61
CA ILE M 9 26.64 9.44 -56.69
C ILE M 9 26.91 10.27 -55.44
N HIS M 10 27.15 11.57 -55.62
CA HIS M 10 27.43 12.43 -54.47
C HIS M 10 26.20 12.61 -53.58
N GLN M 11 25.03 12.82 -54.21
CA GLN M 11 23.80 12.91 -53.43
C GLN M 11 23.56 11.65 -52.63
N VAL M 12 23.73 10.48 -53.25
CA VAL M 12 23.53 9.22 -52.55
C VAL M 12 24.52 9.09 -51.40
N GLU M 13 25.79 9.43 -51.66
CA GLU M 13 26.80 9.29 -50.62
C GLU M 13 26.50 10.19 -49.41
N GLU M 14 26.07 11.43 -49.65
CA GLU M 14 25.78 12.31 -48.53
C GLU M 14 24.45 11.99 -47.86
N ALA M 15 23.52 11.34 -48.56
CA ALA M 15 22.21 11.06 -47.97
C ALA M 15 22.22 9.87 -47.02
N LEU M 16 23.10 8.90 -47.24
CA LEU M 16 23.13 7.71 -46.40
C LEU M 16 23.78 8.00 -45.05
N ASP M 17 23.39 7.20 -44.05
CA ASP M 17 24.03 7.23 -42.74
C ASP M 17 24.96 6.03 -42.61
N THR M 18 25.61 5.91 -41.45
CA THR M 18 26.66 4.91 -41.28
C THR M 18 26.11 3.49 -41.41
N ASP M 19 24.97 3.22 -40.76
CA ASP M 19 24.38 1.88 -40.83
C ASP M 19 24.02 1.51 -42.26
N GLU M 20 23.40 2.43 -42.99
CA GLU M 20 23.02 2.16 -44.36
C GLU M 20 24.25 1.98 -45.25
N LYS M 21 25.32 2.73 -44.99
CA LYS M 21 26.55 2.55 -45.75
C LYS M 21 27.14 1.17 -45.52
N GLU M 22 27.20 0.75 -44.25
CA GLU M 22 27.70 -0.59 -43.95
C GLU M 22 26.85 -1.66 -44.62
N MET M 23 25.52 -1.47 -44.61
CA MET M 23 24.64 -2.44 -45.25
C MET M 23 24.86 -2.50 -46.75
N LEU M 24 25.06 -1.33 -47.38
CA LEU M 24 25.33 -1.29 -48.81
C LEU M 24 26.63 -2.02 -49.15
N LEU M 25 27.68 -1.76 -48.37
CA LEU M 25 28.95 -2.45 -48.57
C LEU M 25 28.79 -3.96 -48.43
N PHE M 26 28.08 -4.39 -47.39
CA PHE M 26 27.88 -5.83 -47.20
C PHE M 26 27.12 -6.45 -48.36
N LEU M 27 26.08 -5.77 -48.84
CA LEU M 27 25.30 -6.29 -49.96
C LEU M 27 26.16 -6.38 -51.22
N CYS M 28 27.02 -5.39 -51.45
CA CYS M 28 27.87 -5.40 -52.64
C CYS M 28 29.16 -6.20 -52.45
N ARG M 29 29.37 -6.84 -51.30
CA ARG M 29 30.54 -7.69 -51.12
C ARG M 29 30.66 -8.79 -52.19
N ASP M 30 29.57 -9.18 -52.83
CA ASP M 30 29.67 -10.24 -53.84
C ASP M 30 30.10 -9.67 -55.19
N VAL M 31 29.54 -8.53 -55.57
CA VAL M 31 29.95 -7.89 -56.82
C VAL M 31 31.33 -7.27 -56.66
N ALA M 32 31.51 -6.49 -55.60
CA ALA M 32 32.80 -5.83 -55.31
C ALA M 32 33.71 -6.83 -54.60
N ILE M 33 34.24 -7.75 -55.37
CA ILE M 33 35.18 -8.74 -54.86
C ILE M 33 36.56 -8.62 -55.49
N ASP M 34 36.69 -8.03 -56.68
CA ASP M 34 38.00 -7.79 -57.25
C ASP M 34 38.82 -6.86 -56.36
N VAL M 35 38.23 -5.72 -55.97
CA VAL M 35 38.79 -4.82 -54.98
C VAL M 35 37.75 -4.67 -53.88
N VAL M 36 38.17 -4.90 -52.63
CA VAL M 36 37.28 -4.76 -51.49
C VAL M 36 37.20 -3.29 -51.11
N PRO M 37 36.09 -2.61 -51.36
CA PRO M 37 36.05 -1.16 -51.17
C PRO M 37 35.99 -0.80 -49.70
N PRO M 38 36.86 0.11 -49.25
CA PRO M 38 36.82 0.51 -47.83
C PRO M 38 35.61 1.34 -47.48
N ASN M 39 35.22 2.28 -48.34
CA ASN M 39 34.10 3.18 -48.08
C ASN M 39 33.11 3.11 -49.24
N VAL M 40 32.00 3.84 -49.09
CA VAL M 40 30.89 3.75 -50.03
C VAL M 40 31.20 4.48 -51.34
N ARG M 41 31.93 5.60 -51.27
CA ARG M 41 32.28 6.31 -52.50
C ARG M 41 33.14 5.44 -53.40
N ASP M 42 34.11 4.73 -52.82
CA ASP M 42 34.94 3.81 -53.60
C ASP M 42 34.10 2.69 -54.20
N LEU M 43 33.13 2.19 -53.45
CA LEU M 43 32.26 1.14 -53.97
C LEU M 43 31.47 1.64 -55.17
N LEU M 44 30.91 2.85 -55.08
CA LEU M 44 30.14 3.39 -56.19
C LEU M 44 31.02 3.66 -57.40
N ASP M 45 32.26 4.13 -57.17
CA ASP M 45 33.17 4.34 -58.29
C ASP M 45 33.52 3.03 -58.98
N ILE M 46 33.75 1.97 -58.19
CA ILE M 46 34.07 0.67 -58.77
C ILE M 46 32.88 0.13 -59.54
N LEU M 47 31.67 0.27 -58.99
CA LEU M 47 30.47 -0.20 -59.69
C LEU M 47 30.23 0.57 -60.98
N ARG M 48 30.52 1.88 -60.97
CA ARG M 48 30.33 2.67 -62.19
C ARG M 48 31.35 2.33 -63.26
N GLU M 49 32.62 2.11 -62.87
CA GLU M 49 33.63 1.77 -63.87
C GLU M 49 33.35 0.42 -64.53
N ARG M 50 32.84 -0.55 -63.77
CA ARG M 50 32.58 -1.88 -64.29
C ARG M 50 31.23 -2.00 -64.98
N GLY M 51 30.51 -0.90 -65.15
CA GLY M 51 29.20 -0.94 -65.79
C GLY M 51 28.13 -1.64 -64.99
N LYS M 52 28.39 -1.97 -63.72
CA LYS M 52 27.43 -2.63 -62.86
C LYS M 52 26.57 -1.64 -62.07
N LEU M 53 26.49 -0.39 -62.53
CA LEU M 53 25.74 0.66 -61.84
C LEU M 53 24.90 1.41 -62.86
N SER M 54 23.84 0.77 -63.34
CA SER M 54 22.86 1.47 -64.14
C SER M 54 21.86 2.17 -63.22
N VAL M 55 20.83 2.77 -63.80
CA VAL M 55 19.77 3.34 -62.99
C VAL M 55 19.00 2.23 -62.27
N GLY M 56 18.80 1.08 -62.93
CA GLY M 56 18.13 -0.04 -62.30
C GLY M 56 18.95 -0.67 -61.19
N ASP M 57 20.28 -0.70 -61.35
CA ASP M 57 21.14 -1.27 -60.32
C ASP M 57 21.12 -0.40 -59.06
N LEU M 58 21.23 0.92 -59.23
CA LEU M 58 21.11 1.82 -58.09
C LEU M 58 19.72 1.76 -57.48
N ALA M 59 18.69 1.56 -58.31
CA ALA M 59 17.34 1.40 -57.77
C ALA M 59 17.25 0.18 -56.88
N GLU M 60 17.81 -0.96 -57.33
CA GLU M 60 17.84 -2.15 -56.49
C GLU M 60 18.62 -1.92 -55.21
N LEU M 61 19.76 -1.23 -55.30
CA LEU M 61 20.56 -0.99 -54.11
C LEU M 61 19.82 -0.12 -53.09
N LEU M 62 19.16 0.94 -53.56
CA LEU M 62 18.37 1.77 -52.66
C LEU M 62 17.16 1.01 -52.10
N TYR M 63 16.59 0.10 -52.88
CA TYR M 63 15.47 -0.69 -52.40
C TYR M 63 15.89 -1.66 -51.31
N ARG M 64 17.08 -2.26 -51.45
CA ARG M 64 17.54 -3.21 -50.44
C ARG M 64 17.93 -2.55 -49.13
N VAL M 65 18.36 -1.29 -49.17
CA VAL M 65 18.75 -0.60 -47.95
C VAL M 65 17.56 0.12 -47.33
N ARG M 66 16.37 -0.10 -47.90
CA ARG M 66 15.12 0.43 -47.35
C ARG M 66 15.11 1.96 -47.28
N ARG M 67 15.81 2.61 -48.21
CA ARG M 67 15.78 4.07 -48.32
C ARG M 67 14.89 4.48 -49.50
N PHE M 68 13.58 4.32 -49.28
CA PHE M 68 12.61 4.61 -50.33
C PHE M 68 12.49 6.11 -50.59
N ASP M 69 12.79 6.94 -49.59
CA ASP M 69 12.78 8.38 -49.81
C ASP M 69 13.80 8.79 -50.87
N LEU M 70 14.97 8.15 -50.86
CA LEU M 70 15.96 8.42 -51.90
C LEU M 70 15.56 7.78 -53.23
N LEU M 71 14.90 6.63 -53.17
CA LEU M 71 14.40 5.98 -54.38
C LEU M 71 13.39 6.86 -55.09
N LYS M 72 12.60 7.65 -54.35
CA LYS M 72 11.59 8.50 -54.95
C LYS M 72 12.11 9.90 -55.27
N ARG M 73 12.99 10.44 -54.44
CA ARG M 73 13.48 11.81 -54.66
C ARG M 73 14.52 11.87 -55.76
N ILE M 74 15.46 10.92 -55.78
CA ILE M 74 16.58 10.97 -56.71
C ILE M 74 16.28 10.21 -57.99
N LEU M 75 15.83 8.96 -57.87
CA LEU M 75 15.56 8.13 -59.03
C LEU M 75 14.10 8.18 -59.50
N LYS M 76 13.23 8.86 -58.74
CA LYS M 76 11.84 9.09 -59.14
C LYS M 76 11.11 7.78 -59.41
N MET M 77 11.18 6.87 -58.44
CA MET M 77 10.58 5.55 -58.54
C MET M 77 9.88 5.24 -57.23
N ASP M 78 8.96 4.29 -57.26
CA ASP M 78 8.27 3.84 -56.06
C ASP M 78 8.66 2.40 -55.75
N ARG M 79 8.09 1.87 -54.67
CA ARG M 79 8.43 0.51 -54.25
C ARG M 79 8.03 -0.51 -55.31
N LYS M 80 6.81 -0.41 -55.82
CA LYS M 80 6.29 -1.48 -56.68
C LYS M 80 6.99 -1.50 -58.04
N ALA M 81 7.34 -0.33 -58.58
CA ALA M 81 8.06 -0.29 -59.85
C ALA M 81 9.40 -0.99 -59.73
N VAL M 82 10.14 -0.70 -58.65
CA VAL M 82 11.44 -1.33 -58.46
C VAL M 82 11.27 -2.81 -58.18
N GLU M 83 10.18 -3.19 -57.47
CA GLU M 83 9.94 -4.61 -57.20
C GLU M 83 9.68 -5.38 -58.48
N THR M 84 8.91 -4.80 -59.41
CA THR M 84 8.67 -5.45 -60.68
C THR M 84 9.94 -5.48 -61.54
N HIS M 85 10.73 -4.40 -61.50
CA HIS M 85 12.01 -4.40 -62.20
C HIS M 85 12.91 -5.52 -61.68
N LEU M 86 12.91 -5.73 -60.36
CA LEU M 86 13.66 -6.82 -59.76
C LEU M 86 13.09 -8.18 -60.16
N LEU M 87 11.78 -8.25 -60.39
CA LEU M 87 11.18 -9.48 -60.90
C LEU M 87 11.62 -9.76 -62.34
N ARG M 88 11.88 -8.72 -63.13
CA ARG M 88 12.17 -8.90 -64.55
C ARG M 88 13.67 -9.07 -64.82
N ASN M 89 14.48 -8.12 -64.37
CA ASN M 89 15.90 -8.09 -64.71
C ASN M 89 16.72 -8.88 -63.71
N PRO M 90 17.94 -9.28 -64.08
CA PRO M 90 18.79 -10.02 -63.13
C PRO M 90 19.16 -9.15 -61.94
N HIS M 91 19.41 -9.80 -60.81
CA HIS M 91 19.65 -9.11 -59.56
C HIS M 91 21.13 -8.77 -59.41
N LEU M 92 21.39 -7.55 -58.92
CA LEU M 92 22.76 -7.17 -58.59
C LEU M 92 23.21 -7.83 -57.30
N VAL M 93 22.34 -7.87 -56.30
CA VAL M 93 22.62 -8.45 -55.00
C VAL M 93 21.93 -9.81 -54.90
N SER M 94 22.71 -10.84 -54.55
CA SER M 94 22.17 -12.19 -54.46
C SER M 94 21.21 -12.33 -53.28
N ASP M 95 20.34 -13.34 -53.36
CA ASP M 95 19.37 -13.59 -52.31
C ASP M 95 20.04 -13.97 -50.98
N TYR M 96 21.26 -14.48 -51.02
CA TYR M 96 21.99 -14.76 -49.78
C TYR M 96 22.25 -13.48 -49.01
N ARG M 97 22.74 -12.45 -49.71
CA ARG M 97 22.99 -11.16 -49.06
C ARG M 97 21.71 -10.56 -48.53
N VAL M 98 20.61 -10.69 -49.29
CA VAL M 98 19.32 -10.16 -48.84
C VAL M 98 18.87 -10.89 -47.58
N LEU M 99 19.05 -12.22 -47.53
CA LEU M 99 18.67 -12.97 -46.34
C LEU M 99 19.48 -12.54 -45.13
N MET M 100 20.79 -12.39 -45.31
CA MET M 100 21.64 -11.95 -44.20
C MET M 100 21.26 -10.56 -43.72
N ALA M 101 21.01 -9.64 -44.64
CA ALA M 101 20.62 -8.28 -44.26
C ALA M 101 19.27 -8.25 -43.54
N GLU M 102 18.30 -9.02 -44.04
CA GLU M 102 16.99 -9.03 -43.40
C GLU M 102 17.05 -9.65 -42.01
N ILE M 103 17.89 -10.68 -41.83
CA ILE M 103 18.07 -11.24 -40.50
C ILE M 103 18.75 -10.23 -39.58
N GLY M 104 19.75 -9.51 -40.10
CA GLY M 104 20.44 -8.53 -39.29
C GLY M 104 19.56 -7.39 -38.82
N GLU M 105 18.74 -6.85 -39.72
CA GLU M 105 17.90 -5.71 -39.36
C GLU M 105 16.77 -6.07 -38.41
N ASP M 106 16.54 -7.36 -38.16
CA ASP M 106 15.46 -7.83 -37.30
C ASP M 106 15.99 -8.40 -35.98
N LEU M 107 17.11 -7.86 -35.49
CA LEU M 107 17.73 -8.33 -34.27
C LEU M 107 18.01 -7.15 -33.35
N ASP M 108 17.60 -7.27 -32.08
CA ASP M 108 17.93 -6.24 -31.10
C ASP M 108 19.34 -6.49 -30.56
N LYS M 109 19.75 -5.63 -29.63
CA LYS M 109 21.14 -5.66 -29.14
C LYS M 109 21.46 -6.98 -28.47
N SER M 110 20.55 -7.49 -27.65
CA SER M 110 20.82 -8.72 -26.90
C SER M 110 20.97 -9.92 -27.83
N ASP M 111 20.13 -10.01 -28.86
CA ASP M 111 20.25 -11.11 -29.82
C ASP M 111 21.58 -11.06 -30.54
N VAL M 112 22.03 -9.85 -30.93
CA VAL M 112 23.29 -9.71 -31.62
C VAL M 112 24.45 -10.12 -30.71
N SER M 113 24.41 -9.70 -29.45
CA SER M 113 25.47 -10.07 -28.52
C SER M 113 25.52 -11.58 -28.29
N SER M 114 24.36 -12.22 -28.15
CA SER M 114 24.35 -13.65 -27.93
C SER M 114 24.87 -14.41 -29.15
N LEU M 115 24.48 -13.97 -30.35
CA LEU M 115 24.98 -14.60 -31.57
C LEU M 115 26.50 -14.44 -31.68
N ILE M 116 27.02 -13.26 -31.34
CA ILE M 116 28.46 -13.04 -31.39
C ILE M 116 29.17 -13.96 -30.40
N PHE M 117 28.55 -14.14 -29.23
CA PHE M 117 29.12 -15.00 -28.20
C PHE M 117 29.23 -16.44 -28.68
N LEU M 118 28.14 -16.96 -29.22
CA LEU M 118 28.13 -18.35 -29.65
C LEU M 118 29.05 -18.57 -30.86
N MET M 119 29.04 -17.62 -31.80
CA MET M 119 29.88 -17.80 -32.97
C MET M 119 31.35 -17.60 -32.61
N LYS M 120 31.65 -16.87 -31.53
CA LYS M 120 33.03 -16.77 -31.09
C LYS M 120 33.50 -18.08 -30.48
N ASP M 121 32.61 -18.77 -29.74
CA ASP M 121 33.00 -20.12 -29.28
C ASP M 121 33.31 -21.00 -30.49
N TYR M 122 32.71 -20.72 -31.63
CA TYR M 122 33.06 -21.45 -32.85
C TYR M 122 34.16 -20.77 -33.69
N MET M 123 34.58 -19.54 -33.37
CA MET M 123 35.56 -18.88 -34.23
C MET M 123 36.73 -18.27 -33.47
N GLY M 124 36.54 -17.83 -32.23
CA GLY M 124 37.58 -17.17 -31.45
C GLY M 124 37.25 -15.72 -31.18
N ARG M 125 38.23 -15.01 -30.62
CA ARG M 125 38.09 -13.59 -30.27
C ARG M 125 38.53 -12.77 -31.47
N GLY M 126 37.57 -12.37 -32.31
CA GLY M 126 37.86 -11.61 -33.51
C GLY M 126 37.66 -10.12 -33.27
N LYS M 127 38.62 -9.33 -33.76
CA LYS M 127 38.58 -7.86 -33.70
C LYS M 127 38.14 -7.32 -32.33
N GLU M 131 32.21 -3.40 -30.54
CA GLU M 131 31.15 -2.57 -31.12
C GLU M 131 30.73 -3.10 -32.48
N LYS M 132 30.46 -4.40 -32.55
CA LYS M 132 30.15 -5.06 -33.80
C LYS M 132 28.65 -5.09 -34.07
N SER M 133 28.31 -5.06 -35.35
CA SER M 133 26.96 -5.32 -35.82
C SER M 133 26.86 -6.76 -36.32
N PHE M 134 25.64 -7.17 -36.66
CA PHE M 134 25.44 -8.53 -37.16
C PHE M 134 26.17 -8.72 -38.48
N LEU M 135 26.18 -7.70 -39.34
CA LEU M 135 26.89 -7.80 -40.61
C LEU M 135 28.39 -7.91 -40.41
N ASP M 136 28.94 -7.27 -39.38
CA ASP M 136 30.35 -7.48 -39.05
C ASP M 136 30.60 -8.95 -38.72
N LEU M 137 29.67 -9.57 -37.99
CA LEU M 137 29.78 -10.99 -37.67
C LEU M 137 29.73 -11.83 -38.94
N VAL M 138 28.81 -11.51 -39.86
CA VAL M 138 28.71 -12.30 -41.09
C VAL M 138 29.97 -12.15 -41.94
N VAL M 139 30.55 -10.95 -41.95
CA VAL M 139 31.79 -10.74 -42.70
C VAL M 139 32.93 -11.54 -42.08
N GLU M 140 33.08 -11.47 -40.76
CA GLU M 140 34.14 -12.22 -40.09
C GLU M 140 33.95 -13.72 -40.24
N LEU M 141 32.70 -14.19 -40.33
CA LEU M 141 32.45 -15.61 -40.56
C LEU M 141 32.78 -16.02 -41.99
N GLU M 142 32.37 -15.20 -42.96
CA GLU M 142 32.73 -15.46 -44.36
C GLU M 142 34.23 -15.52 -44.55
N LYS M 143 34.97 -14.63 -43.90
CA LYS M 143 36.43 -14.67 -44.01
C LYS M 143 37.01 -15.97 -43.46
N LEU M 144 36.34 -16.60 -42.51
CA LEU M 144 36.79 -17.87 -41.94
C LEU M 144 36.08 -19.07 -42.56
N ASN M 145 35.29 -18.86 -43.61
CA ASN M 145 34.62 -19.95 -44.34
C ASN M 145 33.66 -20.73 -43.43
N LEU M 146 32.97 -20.01 -42.53
CA LEU M 146 32.05 -20.65 -41.60
C LEU M 146 30.57 -20.48 -41.97
N VAL M 147 30.24 -19.55 -42.86
CA VAL M 147 28.88 -19.37 -43.34
C VAL M 147 28.92 -19.12 -44.83
N ALA M 148 27.95 -19.65 -45.56
CA ALA M 148 27.90 -19.53 -47.00
C ALA M 148 26.48 -19.84 -47.46
N PRO M 149 26.13 -19.50 -48.70
CA PRO M 149 24.80 -19.87 -49.20
C PRO M 149 24.51 -21.36 -49.12
N ASP M 150 25.54 -22.20 -49.19
CA ASP M 150 25.38 -23.64 -49.06
C ASP M 150 25.84 -24.15 -47.70
N GLN M 151 26.06 -23.25 -46.73
CA GLN M 151 26.55 -23.60 -45.41
C GLN M 151 25.88 -22.66 -44.39
N LEU M 152 24.61 -22.94 -44.12
CA LEU M 152 23.81 -22.15 -43.19
C LEU M 152 23.39 -22.94 -41.96
N ASP M 153 23.91 -24.15 -41.78
CA ASP M 153 23.46 -25.00 -40.67
C ASP M 153 23.90 -24.44 -39.33
N LEU M 154 25.12 -23.92 -39.25
CA LEU M 154 25.62 -23.37 -37.99
C LEU M 154 24.84 -22.12 -37.59
N LEU M 155 24.62 -21.21 -38.54
CA LEU M 155 23.81 -20.03 -38.26
C LEU M 155 22.39 -20.42 -37.88
N GLU M 156 21.85 -21.46 -38.52
CA GLU M 156 20.52 -21.94 -38.16
C GLU M 156 20.48 -22.42 -36.71
N LYS M 157 21.48 -23.21 -36.31
CA LYS M 157 21.51 -23.70 -34.94
C LYS M 157 21.67 -22.56 -33.94
N CYS M 158 22.50 -21.57 -34.28
CA CYS M 158 22.71 -20.45 -33.36
C CYS M 158 21.45 -19.58 -33.24
N LEU M 159 20.73 -19.38 -34.35
CA LEU M 159 19.45 -18.69 -34.26
C LEU M 159 18.44 -19.50 -33.46
N LYS M 160 18.51 -20.83 -33.55
CA LYS M 160 17.67 -21.68 -32.72
C LYS M 160 18.00 -21.50 -31.24
N ASN M 161 19.29 -21.42 -30.91
CA ASN M 161 19.70 -21.34 -29.51
C ASN M 161 19.33 -20.01 -28.86
N ILE M 162 19.08 -18.98 -29.66
CA ILE M 162 18.56 -17.71 -29.14
C ILE M 162 17.05 -17.60 -29.33
N HIS M 163 16.38 -18.70 -29.67
CA HIS M 163 14.92 -18.76 -29.72
C HIS M 163 14.33 -17.82 -30.77
N ARG M 164 15.05 -17.62 -31.87
CA ARG M 164 14.53 -16.87 -33.02
C ARG M 164 14.13 -17.86 -34.11
N ILE M 165 13.09 -18.64 -33.80
CA ILE M 165 12.67 -19.72 -34.68
C ILE M 165 12.13 -19.17 -35.98
N ASP M 166 11.59 -17.95 -35.96
CA ASP M 166 11.14 -17.31 -37.20
C ASP M 166 12.30 -17.08 -38.16
N LEU M 167 13.48 -16.72 -37.63
CA LEU M 167 14.63 -16.50 -38.50
C LEU M 167 15.19 -17.81 -39.03
N LYS M 168 15.16 -18.88 -38.22
CA LYS M 168 15.49 -20.20 -38.73
C LYS M 168 14.55 -20.61 -39.86
N THR M 169 13.27 -20.28 -39.71
CA THR M 169 12.31 -20.59 -40.77
C THR M 169 12.58 -19.77 -42.02
N LYS M 170 12.98 -18.50 -41.85
CA LYS M 170 13.38 -17.69 -42.99
C LYS M 170 14.58 -18.30 -43.73
N ILE M 171 15.58 -18.75 -42.97
CA ILE M 171 16.74 -19.39 -43.60
C ILE M 171 16.32 -20.66 -44.34
N GLN M 172 15.41 -21.44 -43.74
CA GLN M 172 14.93 -22.65 -44.41
C GLN M 172 14.14 -22.31 -45.66
N LYS M 173 13.39 -21.22 -45.65
CA LYS M 173 12.67 -20.78 -46.84
C LYS M 173 13.63 -20.38 -47.93
N TYR M 174 14.73 -19.71 -47.57
CA TYR M 174 15.74 -19.35 -48.57
C TYR M 174 16.39 -20.59 -49.17
N LYS M 175 16.84 -21.51 -48.32
CA LYS M 175 17.51 -22.71 -48.83
C LYS M 175 16.56 -23.61 -49.62
N GLN M 176 15.26 -23.59 -49.31
CA GLN M 176 14.32 -24.42 -50.03
C GLN M 176 14.01 -23.89 -51.43
N SER M 177 14.55 -22.73 -51.81
CA SER M 177 14.39 -22.24 -53.17
C SER M 177 15.39 -22.87 -54.13
N VAL M 178 16.09 -23.91 -53.70
CA VAL M 178 16.99 -24.68 -54.56
C VAL M 178 16.29 -25.98 -54.96
#